data_1X3D
#
_entry.id   1X3D
#
_entity_poly.entity_id   1
_entity_poly.type   'polypeptide(L)'
_entity_poly.pdbx_seq_one_letter_code
;GSSGSSGAEIFTTLSCEPDIPNPPRIANRTKNSLTLQWKAPSDNGSKIQNFVLEWDEGKGNGEFCQCYMGSQKQFKITKL
SPAMGCKFRLSARNDYGTSGFSEEVLYYTSGCSGPSSG
;
_entity_poly.pdbx_strand_id   A
#
# COMPACT_ATOMS: atom_id res chain seq x y z
N GLY A 1 13.14 20.61 -1.76
CA GLY A 1 14.31 19.77 -2.01
C GLY A 1 15.39 19.98 -0.97
N SER A 2 16.28 19.00 -0.84
CA SER A 2 17.37 19.07 0.12
C SER A 2 18.46 18.05 -0.20
N SER A 3 19.71 18.48 -0.09
CA SER A 3 20.85 17.62 -0.39
C SER A 3 20.67 16.25 0.26
N GLY A 4 20.83 15.20 -0.54
CA GLY A 4 20.67 13.84 -0.02
C GLY A 4 21.39 12.82 -0.87
N SER A 5 22.48 12.27 -0.34
CA SER A 5 23.26 11.27 -1.05
C SER A 5 23.77 10.19 -0.10
N SER A 6 23.71 8.94 -0.56
CA SER A 6 24.15 7.81 0.25
C SER A 6 25.29 7.07 -0.43
N GLY A 7 25.96 6.20 0.32
CA GLY A 7 27.07 5.45 -0.23
C GLY A 7 27.89 4.76 0.85
N ALA A 8 27.46 3.56 1.24
CA ALA A 8 28.16 2.81 2.27
C ALA A 8 29.04 1.74 1.65
N GLU A 9 30.24 1.56 2.20
CA GLU A 9 31.18 0.57 1.70
C GLU A 9 30.54 -0.81 1.63
N ILE A 10 30.81 -1.54 0.55
CA ILE A 10 30.25 -2.87 0.37
C ILE A 10 30.14 -3.61 1.70
N PHE A 11 29.12 -4.46 1.81
CA PHE A 11 28.90 -5.23 3.04
C PHE A 11 28.17 -6.53 2.73
N THR A 12 28.27 -7.48 3.65
CA THR A 12 27.62 -8.77 3.49
C THR A 12 26.12 -8.61 3.27
N THR A 13 25.53 -9.54 2.50
CA THR A 13 24.11 -9.50 2.21
C THR A 13 23.28 -9.49 3.50
N LEU A 14 21.99 -9.22 3.36
CA LEU A 14 21.09 -9.19 4.52
C LEU A 14 19.84 -10.01 4.25
N SER A 15 19.57 -10.96 5.14
CA SER A 15 18.40 -11.83 5.00
C SER A 15 17.31 -11.42 5.98
N CYS A 16 16.44 -10.51 5.54
CA CYS A 16 15.34 -10.03 6.36
C CYS A 16 14.22 -9.45 5.50
N GLU A 17 13.11 -9.12 6.14
CA GLU A 17 11.96 -8.55 5.44
C GLU A 17 12.41 -7.48 4.44
N PRO A 18 11.70 -7.38 3.31
CA PRO A 18 12.00 -6.40 2.27
C PRO A 18 11.69 -4.98 2.70
N ASP A 19 12.08 -4.01 1.87
CA ASP A 19 11.85 -2.60 2.17
C ASP A 19 10.41 -2.21 1.86
N ILE A 20 9.87 -1.29 2.64
CA ILE A 20 8.50 -0.82 2.44
C ILE A 20 8.33 -0.20 1.06
N PRO A 21 7.46 -0.80 0.24
CA PRO A 21 7.18 -0.31 -1.13
C PRO A 21 6.42 1.01 -1.11
N ASN A 22 6.56 1.77 -2.21
CA ASN A 22 5.89 3.05 -2.34
C ASN A 22 4.37 2.88 -2.32
N PRO A 23 3.66 3.94 -1.92
CA PRO A 23 2.19 3.93 -1.86
C PRO A 23 1.56 3.91 -3.24
N PRO A 24 0.39 3.24 -3.35
CA PRO A 24 -0.34 3.14 -4.61
C PRO A 24 -0.96 4.47 -5.04
N ARG A 25 -0.94 4.72 -6.35
CA ARG A 25 -1.50 5.96 -6.88
C ARG A 25 -2.83 5.71 -7.57
N ILE A 26 -3.53 6.79 -7.92
CA ILE A 26 -4.83 6.68 -8.58
C ILE A 26 -4.69 6.88 -10.08
N ALA A 27 -5.20 5.93 -10.86
CA ALA A 27 -5.15 6.01 -12.31
C ALA A 27 -6.53 6.18 -12.91
N ASN A 28 -7.56 5.89 -12.11
CA ASN A 28 -8.94 6.02 -12.56
C ASN A 28 -9.92 5.74 -11.42
N ARG A 29 -10.65 6.77 -11.02
CA ARG A 29 -11.62 6.64 -9.94
C ARG A 29 -13.00 7.12 -10.38
N THR A 30 -14.03 6.38 -10.00
CA THR A 30 -15.39 6.73 -10.35
C THR A 30 -16.27 6.89 -9.11
N LYS A 31 -17.56 7.14 -9.32
CA LYS A 31 -18.50 7.32 -8.21
C LYS A 31 -18.76 6.00 -7.51
N ASN A 32 -18.56 4.90 -8.23
CA ASN A 32 -18.78 3.57 -7.67
C ASN A 32 -17.63 2.64 -8.02
N SER A 33 -16.42 3.20 -8.09
CA SER A 33 -15.24 2.41 -8.43
C SER A 33 -13.97 3.19 -8.11
N LEU A 34 -12.86 2.47 -7.92
CA LEU A 34 -11.58 3.09 -7.61
C LEU A 34 -10.43 2.24 -8.12
N THR A 35 -9.67 2.78 -9.07
CA THR A 35 -8.53 2.08 -9.63
C THR A 35 -7.21 2.55 -9.01
N LEU A 36 -6.42 1.59 -8.54
CA LEU A 36 -5.13 1.91 -7.93
C LEU A 36 -4.00 1.11 -8.57
N GLN A 37 -2.86 1.77 -8.78
CA GLN A 37 -1.71 1.12 -9.38
C GLN A 37 -0.44 1.37 -8.56
N TRP A 38 0.32 0.31 -8.33
CA TRP A 38 1.54 0.41 -7.55
C TRP A 38 2.66 -0.39 -8.21
N LYS A 39 3.90 -0.07 -7.84
CA LYS A 39 5.06 -0.75 -8.39
C LYS A 39 5.64 -1.75 -7.39
N ALA A 40 6.65 -2.49 -7.82
CA ALA A 40 7.29 -3.49 -6.96
C ALA A 40 8.56 -2.94 -6.33
N PRO A 41 8.74 -3.19 -5.03
CA PRO A 41 9.92 -2.74 -4.28
C PRO A 41 11.19 -3.45 -4.70
N SER A 42 12.24 -3.32 -3.89
CA SER A 42 13.52 -3.95 -4.19
C SER A 42 13.61 -5.32 -3.53
N ASP A 43 13.59 -6.37 -4.35
CA ASP A 43 13.68 -7.73 -3.86
C ASP A 43 15.06 -8.03 -3.32
N ASN A 44 15.20 -8.02 -2.00
CA ASN A 44 16.47 -8.29 -1.35
C ASN A 44 16.38 -9.48 -0.40
N GLY A 45 17.01 -10.58 -0.76
CA GLY A 45 16.98 -11.76 0.08
C GLY A 45 16.23 -12.91 -0.58
N SER A 46 14.97 -12.66 -0.93
CA SER A 46 14.14 -13.68 -1.56
C SER A 46 13.01 -13.04 -2.36
N LYS A 47 12.71 -13.62 -3.52
CA LYS A 47 11.65 -13.11 -4.38
C LYS A 47 10.35 -12.95 -3.61
N ILE A 48 9.76 -11.76 -3.69
CA ILE A 48 8.50 -11.47 -3.01
C ILE A 48 7.40 -12.41 -3.47
N GLN A 49 6.78 -13.10 -2.52
CA GLN A 49 5.70 -14.03 -2.83
C GLN A 49 4.55 -13.32 -3.53
N ASN A 50 3.92 -12.39 -2.82
CA ASN A 50 2.80 -11.63 -3.37
C ASN A 50 2.60 -10.31 -2.61
N PHE A 51 1.67 -9.50 -3.09
CA PHE A 51 1.38 -8.22 -2.46
C PHE A 51 0.14 -8.32 -1.58
N VAL A 52 0.12 -7.52 -0.51
CA VAL A 52 -1.01 -7.52 0.41
C VAL A 52 -1.60 -6.11 0.55
N LEU A 53 -2.72 -5.89 -0.12
CA LEU A 53 -3.39 -4.59 -0.08
C LEU A 53 -4.46 -4.57 1.01
N GLU A 54 -4.62 -3.42 1.67
CA GLU A 54 -5.62 -3.27 2.73
C GLU A 54 -6.29 -1.89 2.65
N TRP A 55 -7.52 -1.82 3.14
CA TRP A 55 -8.26 -0.57 3.14
C TRP A 55 -9.34 -0.57 4.22
N ASP A 56 -9.78 0.62 4.61
CA ASP A 56 -10.81 0.76 5.63
C ASP A 56 -12.20 0.72 5.01
N GLU A 57 -12.36 -0.08 3.97
CA GLU A 57 -13.64 -0.20 3.29
C GLU A 57 -14.34 1.16 3.19
N GLY A 58 -13.55 2.22 3.12
CA GLY A 58 -14.10 3.55 3.03
C GLY A 58 -15.21 3.80 4.04
N LYS A 59 -14.95 3.42 5.29
CA LYS A 59 -15.93 3.60 6.36
C LYS A 59 -15.62 4.84 7.19
N GLY A 60 -14.35 4.98 7.57
CA GLY A 60 -13.94 6.13 8.37
C GLY A 60 -13.89 5.81 9.84
N ASN A 61 -13.37 4.63 10.19
CA ASN A 61 -13.27 4.21 11.57
C ASN A 61 -11.81 3.98 11.97
N GLY A 62 -11.06 3.35 11.08
CA GLY A 62 -9.66 3.07 11.36
C GLY A 62 -9.35 1.60 11.43
N GLU A 63 -10.12 0.79 10.69
CA GLU A 63 -9.92 -0.65 10.68
C GLU A 63 -9.60 -1.14 9.28
N PHE A 64 -8.33 -1.50 9.06
CA PHE A 64 -7.88 -1.98 7.76
C PHE A 64 -8.10 -3.49 7.65
N CYS A 65 -8.59 -3.93 6.49
CA CYS A 65 -8.83 -5.34 6.25
C CYS A 65 -8.34 -5.75 4.88
N GLN A 66 -7.86 -6.99 4.78
CA GLN A 66 -7.34 -7.51 3.51
C GLN A 66 -8.37 -7.34 2.39
N CYS A 67 -7.99 -6.57 1.38
CA CYS A 67 -8.89 -6.32 0.25
C CYS A 67 -8.48 -7.16 -0.95
N TYR A 68 -7.19 -7.15 -1.28
CA TYR A 68 -6.67 -7.91 -2.41
C TYR A 68 -5.27 -8.45 -2.11
N MET A 69 -5.06 -9.72 -2.42
CA MET A 69 -3.77 -10.35 -2.19
C MET A 69 -3.37 -11.23 -3.37
N GLY A 70 -2.34 -10.82 -4.10
CA GLY A 70 -1.89 -11.59 -5.24
C GLY A 70 -0.62 -11.02 -5.86
N SER A 71 -0.30 -11.47 -7.06
CA SER A 71 0.89 -11.00 -7.77
C SER A 71 0.63 -9.65 -8.43
N GLN A 72 -0.44 -9.58 -9.22
CA GLN A 72 -0.80 -8.35 -9.92
C GLN A 72 -0.53 -7.13 -9.04
N LYS A 73 -0.30 -5.99 -9.66
CA LYS A 73 -0.04 -4.75 -8.95
C LYS A 73 -1.12 -3.71 -9.23
N GLN A 74 -2.29 -4.18 -9.65
CA GLN A 74 -3.40 -3.29 -9.97
C GLN A 74 -4.73 -3.94 -9.64
N PHE A 75 -5.58 -3.22 -8.91
CA PHE A 75 -6.89 -3.74 -8.53
C PHE A 75 -7.93 -2.62 -8.52
N LYS A 76 -9.04 -2.86 -9.19
CA LYS A 76 -10.12 -1.88 -9.27
C LYS A 76 -11.27 -2.25 -8.33
N ILE A 77 -11.43 -1.49 -7.27
CA ILE A 77 -12.49 -1.75 -6.29
C ILE A 77 -13.81 -1.15 -6.76
N THR A 78 -14.73 -2.00 -7.19
CA THR A 78 -16.04 -1.56 -7.65
C THR A 78 -17.08 -1.60 -6.54
N LYS A 79 -18.31 -1.28 -6.87
CA LYS A 79 -19.40 -1.28 -5.89
C LYS A 79 -19.12 -0.29 -4.77
N LEU A 80 -18.76 0.93 -5.15
CA LEU A 80 -18.47 1.98 -4.17
C LEU A 80 -19.46 3.14 -4.31
N SER A 81 -19.26 4.18 -3.51
CA SER A 81 -20.13 5.35 -3.54
C SER A 81 -19.32 6.63 -3.70
N PRO A 82 -19.94 7.65 -4.32
CA PRO A 82 -19.29 8.95 -4.55
C PRO A 82 -19.09 9.73 -3.25
N ALA A 83 -18.00 10.50 -3.19
CA ALA A 83 -17.69 11.30 -2.01
C ALA A 83 -17.46 10.41 -0.79
N MET A 84 -16.80 9.28 -1.01
CA MET A 84 -16.51 8.34 0.08
C MET A 84 -15.00 8.21 0.29
N GLY A 85 -14.50 8.90 1.31
CA GLY A 85 -13.08 8.84 1.60
C GLY A 85 -12.64 7.47 2.08
N CYS A 86 -11.73 6.85 1.33
CA CYS A 86 -11.22 5.52 1.67
C CYS A 86 -9.71 5.50 1.64
N LYS A 87 -9.10 4.91 2.67
CA LYS A 87 -7.65 4.82 2.76
C LYS A 87 -7.16 3.45 2.29
N PHE A 88 -5.87 3.37 1.98
CA PHE A 88 -5.28 2.11 1.52
C PHE A 88 -3.82 2.01 1.95
N ARG A 89 -3.24 0.83 1.76
CA ARG A 89 -1.84 0.61 2.13
C ARG A 89 -1.27 -0.59 1.38
N LEU A 90 -0.04 -0.45 0.89
CA LEU A 90 0.62 -1.52 0.15
C LEU A 90 1.80 -2.08 0.94
N SER A 91 2.00 -3.39 0.84
CA SER A 91 3.09 -4.04 1.56
C SER A 91 3.50 -5.33 0.84
N ALA A 92 4.81 -5.58 0.81
CA ALA A 92 5.33 -6.78 0.16
C ALA A 92 5.75 -7.83 1.19
N ARG A 93 5.44 -9.08 0.91
CA ARG A 93 5.77 -10.17 1.80
C ARG A 93 6.51 -11.29 1.05
N ASN A 94 7.65 -11.72 1.60
CA ASN A 94 8.44 -12.77 0.99
C ASN A 94 8.60 -13.96 1.95
N ASP A 95 9.34 -14.97 1.51
CA ASP A 95 9.59 -16.15 2.32
C ASP A 95 9.70 -15.78 3.81
N TYR A 96 10.41 -14.70 4.09
CA TYR A 96 10.58 -14.23 5.46
C TYR A 96 9.25 -13.81 6.07
N GLY A 97 8.73 -12.68 5.59
CA GLY A 97 7.46 -12.18 6.09
C GLY A 97 7.06 -10.86 5.46
N THR A 98 5.91 -10.34 5.87
CA THR A 98 5.42 -9.07 5.32
C THR A 98 6.22 -7.89 5.85
N SER A 99 6.76 -7.09 4.94
CA SER A 99 7.56 -5.93 5.32
C SER A 99 6.66 -4.75 5.66
N GLY A 100 7.21 -3.81 6.42
CA GLY A 100 6.44 -2.63 6.82
C GLY A 100 5.46 -2.20 5.75
N PHE A 101 4.33 -1.65 6.18
CA PHE A 101 3.29 -1.19 5.25
C PHE A 101 3.57 0.24 4.81
N SER A 102 3.41 0.49 3.51
CA SER A 102 3.64 1.83 2.96
C SER A 102 2.89 2.89 3.76
N GLU A 103 3.09 4.14 3.38
CA GLU A 103 2.43 5.26 4.07
C GLU A 103 0.94 5.30 3.74
N GLU A 104 0.11 5.26 4.78
CA GLU A 104 -1.34 5.29 4.59
C GLU A 104 -1.74 6.41 3.64
N VAL A 105 -2.46 6.05 2.58
CA VAL A 105 -2.90 7.01 1.59
C VAL A 105 -4.42 7.19 1.64
N LEU A 106 -4.86 8.45 1.61
CA LEU A 106 -6.29 8.75 1.65
C LEU A 106 -6.78 9.24 0.30
N TYR A 107 -7.82 8.60 -0.23
CA TYR A 107 -8.37 8.97 -1.51
C TYR A 107 -9.88 9.19 -1.41
N TYR A 108 -10.44 9.92 -2.36
CA TYR A 108 -11.86 10.21 -2.38
C TYR A 108 -12.45 9.99 -3.77
N THR A 109 -13.33 8.99 -3.88
CA THR A 109 -13.97 8.68 -5.15
C THR A 109 -14.41 9.94 -5.88
N SER A 110 -14.52 9.86 -7.20
CA SER A 110 -14.92 11.00 -8.01
C SER A 110 -16.15 11.68 -7.42
N GLY A 111 -16.40 12.91 -7.85
CA GLY A 111 -17.55 13.65 -7.35
C GLY A 111 -17.47 15.13 -7.69
N CYS A 112 -18.06 15.95 -6.84
CA CYS A 112 -18.07 17.40 -7.06
C CYS A 112 -16.72 17.87 -7.58
N SER A 113 -16.73 18.96 -8.35
CA SER A 113 -15.50 19.51 -8.92
C SER A 113 -15.72 20.95 -9.36
N GLY A 114 -14.66 21.76 -9.23
CA GLY A 114 -14.75 23.16 -9.62
C GLY A 114 -13.66 23.56 -10.59
N PRO A 115 -13.60 24.85 -10.92
CA PRO A 115 -12.60 25.39 -11.85
C PRO A 115 -11.19 25.39 -11.25
N SER A 116 -10.20 25.60 -12.10
CA SER A 116 -8.81 25.61 -11.66
C SER A 116 -8.37 27.03 -11.29
N SER A 117 -7.62 27.14 -10.19
CA SER A 117 -7.14 28.43 -9.73
C SER A 117 -6.47 29.21 -10.87
N GLY A 118 -7.02 30.37 -11.19
CA GLY A 118 -6.47 31.19 -12.25
C GLY A 118 -7.03 32.60 -12.25
N GLY A 1 21.00 16.57 24.75
CA GLY A 1 21.28 16.43 23.34
C GLY A 1 21.27 14.97 22.89
N SER A 2 20.26 14.61 22.12
CA SER A 2 20.13 13.24 21.62
C SER A 2 20.94 13.05 20.35
N SER A 3 21.00 11.80 19.89
CA SER A 3 21.75 11.48 18.67
C SER A 3 21.50 10.03 18.26
N GLY A 4 21.31 9.81 16.96
CA GLY A 4 21.08 8.47 16.46
C GLY A 4 22.19 7.51 16.82
N SER A 5 22.93 7.06 15.81
CA SER A 5 24.04 6.12 16.04
C SER A 5 25.04 6.19 14.89
N SER A 6 26.31 6.34 15.25
CA SER A 6 27.37 6.42 14.24
C SER A 6 27.28 5.27 13.25
N GLY A 7 27.02 5.61 12.00
CA GLY A 7 26.90 4.60 10.96
C GLY A 7 28.25 4.21 10.37
N ALA A 8 28.30 3.05 9.73
CA ALA A 8 29.53 2.56 9.12
C ALA A 8 29.28 1.33 8.27
N GLU A 9 30.24 0.99 7.42
CA GLU A 9 30.12 -0.18 6.56
C GLU A 9 29.82 -1.43 7.36
N ILE A 10 28.81 -2.18 6.94
CA ILE A 10 28.42 -3.40 7.62
C ILE A 10 29.43 -4.52 7.37
N PHE A 11 29.61 -5.37 8.37
CA PHE A 11 30.54 -6.49 8.26
C PHE A 11 29.85 -7.73 7.75
N THR A 12 28.72 -8.08 8.36
CA THR A 12 27.95 -9.25 7.97
C THR A 12 26.70 -8.87 7.21
N THR A 13 26.35 -9.67 6.20
CA THR A 13 25.17 -9.40 5.39
C THR A 13 23.91 -9.32 6.26
N LEU A 14 22.78 -9.01 5.64
CA LEU A 14 21.52 -8.90 6.34
C LEU A 14 20.39 -9.54 5.54
N SER A 15 19.60 -10.38 6.21
CA SER A 15 18.49 -11.06 5.57
C SER A 15 17.23 -10.98 6.42
N CYS A 16 16.24 -10.22 5.95
CA CYS A 16 14.99 -10.05 6.67
C CYS A 16 13.92 -9.43 5.77
N GLU A 17 12.76 -9.15 6.35
CA GLU A 17 11.66 -8.56 5.60
C GLU A 17 12.16 -7.52 4.61
N PRO A 18 11.51 -7.43 3.46
CA PRO A 18 11.89 -6.47 2.41
C PRO A 18 11.56 -5.02 2.81
N ASP A 19 11.97 -4.08 1.97
CA ASP A 19 11.73 -2.67 2.23
C ASP A 19 10.27 -2.31 1.96
N ILE A 20 9.78 -1.29 2.65
CA ILE A 20 8.40 -0.84 2.48
C ILE A 20 8.18 -0.27 1.09
N PRO A 21 7.28 -0.91 0.32
CA PRO A 21 6.96 -0.48 -1.05
C PRO A 21 6.18 0.84 -1.07
N ASN A 22 6.54 1.71 -2.00
CA ASN A 22 5.87 3.01 -2.14
C ASN A 22 4.36 2.83 -2.22
N PRO A 23 3.62 3.87 -1.84
CA PRO A 23 2.15 3.86 -1.86
C PRO A 23 1.61 3.87 -3.29
N PRO A 24 0.46 3.20 -3.49
CA PRO A 24 -0.19 3.12 -4.81
C PRO A 24 -0.80 4.45 -5.24
N ARG A 25 -0.83 4.69 -6.54
CA ARG A 25 -1.38 5.93 -7.08
C ARG A 25 -2.75 5.69 -7.70
N ILE A 26 -3.46 6.78 -8.01
CA ILE A 26 -4.78 6.68 -8.60
C ILE A 26 -4.71 6.77 -10.12
N ALA A 27 -5.24 5.75 -10.79
CA ALA A 27 -5.23 5.72 -12.25
C ALA A 27 -6.65 5.91 -12.80
N ASN A 28 -7.64 5.75 -11.94
CA ASN A 28 -9.03 5.91 -12.34
C ASN A 28 -9.96 5.79 -11.14
N ARG A 29 -10.63 6.89 -10.80
CA ARG A 29 -11.55 6.91 -9.68
C ARG A 29 -12.97 7.23 -10.14
N THR A 30 -13.93 6.39 -9.74
CA THR A 30 -15.32 6.58 -10.11
C THR A 30 -16.20 6.70 -8.87
N LYS A 31 -17.50 6.95 -9.10
CA LYS A 31 -18.44 7.08 -8.00
C LYS A 31 -18.97 5.71 -7.57
N ASN A 32 -18.60 4.67 -8.32
CA ASN A 32 -19.04 3.32 -8.00
C ASN A 32 -17.87 2.34 -8.09
N SER A 33 -16.67 2.87 -8.34
CA SER A 33 -15.47 2.06 -8.46
C SER A 33 -14.21 2.91 -8.31
N LEU A 34 -13.07 2.24 -8.17
CA LEU A 34 -11.80 2.94 -8.02
C LEU A 34 -10.65 2.10 -8.56
N THR A 35 -9.56 2.75 -8.94
CA THR A 35 -8.40 2.06 -9.48
C THR A 35 -7.12 2.51 -8.79
N LEU A 36 -6.28 1.55 -8.42
CA LEU A 36 -5.02 1.85 -7.75
C LEU A 36 -3.87 1.04 -8.35
N GLN A 37 -2.80 1.72 -8.72
CA GLN A 37 -1.63 1.07 -9.30
C GLN A 37 -0.39 1.31 -8.45
N TRP A 38 0.54 0.35 -8.49
CA TRP A 38 1.77 0.47 -7.72
C TRP A 38 2.88 -0.36 -8.36
N LYS A 39 4.09 -0.25 -7.81
CA LYS A 39 5.23 -1.00 -8.32
C LYS A 39 5.77 -1.95 -7.27
N ALA A 40 6.71 -2.80 -7.68
CA ALA A 40 7.32 -3.76 -6.77
C ALA A 40 8.56 -3.19 -6.09
N PRO A 41 8.65 -3.37 -4.76
CA PRO A 41 9.77 -2.87 -3.97
C PRO A 41 11.06 -3.63 -4.25
N SER A 42 12.08 -3.39 -3.43
CA SER A 42 13.37 -4.05 -3.60
C SER A 42 13.37 -5.42 -2.94
N ASP A 43 13.71 -6.45 -3.71
CA ASP A 43 13.75 -7.82 -3.20
C ASP A 43 15.17 -8.21 -2.81
N ASN A 44 15.52 -7.97 -1.56
CA ASN A 44 16.85 -8.30 -1.06
C ASN A 44 16.94 -9.76 -0.64
N GLY A 45 16.14 -10.13 0.36
CA GLY A 45 16.13 -11.50 0.83
C GLY A 45 15.65 -12.49 -0.21
N SER A 46 14.44 -13.01 -0.03
CA SER A 46 13.86 -13.96 -0.97
C SER A 46 12.80 -13.30 -1.84
N LYS A 47 12.67 -13.78 -3.07
CA LYS A 47 11.68 -13.24 -4.00
C LYS A 47 10.31 -13.12 -3.35
N ILE A 48 9.76 -11.91 -3.33
CA ILE A 48 8.46 -11.67 -2.73
C ILE A 48 7.43 -12.67 -3.24
N GLN A 49 6.54 -13.11 -2.35
CA GLN A 49 5.51 -14.07 -2.71
C GLN A 49 4.36 -13.39 -3.44
N ASN A 50 3.71 -12.44 -2.77
CA ASN A 50 2.60 -11.71 -3.37
C ASN A 50 2.43 -10.35 -2.70
N PHE A 51 1.52 -9.53 -3.25
CA PHE A 51 1.27 -8.20 -2.71
C PHE A 51 -0.02 -8.18 -1.91
N VAL A 52 0.06 -7.66 -0.69
CA VAL A 52 -1.11 -7.58 0.19
C VAL A 52 -1.57 -6.13 0.36
N LEU A 53 -2.79 -5.84 -0.07
CA LEU A 53 -3.34 -4.50 0.05
C LEU A 53 -4.47 -4.46 1.06
N GLU A 54 -4.58 -3.34 1.78
CA GLU A 54 -5.61 -3.18 2.80
C GLU A 54 -6.28 -1.81 2.66
N TRP A 55 -7.54 -1.73 3.09
CA TRP A 55 -8.29 -0.49 3.03
C TRP A 55 -9.38 -0.45 4.10
N ASP A 56 -9.74 0.75 4.53
CA ASP A 56 -10.77 0.93 5.55
C ASP A 56 -12.16 0.91 4.93
N GLU A 57 -12.32 0.13 3.87
CA GLU A 57 -13.60 0.02 3.18
C GLU A 57 -14.32 1.37 3.17
N GLY A 58 -13.55 2.44 3.00
CA GLY A 58 -14.12 3.78 2.97
C GLY A 58 -15.26 3.94 3.97
N LYS A 59 -15.03 3.49 5.19
CA LYS A 59 -16.05 3.59 6.24
C LYS A 59 -15.77 4.78 7.16
N GLY A 60 -14.55 4.86 7.67
CA GLY A 60 -14.18 5.95 8.56
C GLY A 60 -14.23 5.56 10.01
N ASN A 61 -13.64 4.42 10.35
CA ASN A 61 -13.63 3.94 11.72
C ASN A 61 -12.19 3.65 12.18
N GLY A 62 -11.40 3.08 11.29
CA GLY A 62 -10.01 2.77 11.63
C GLY A 62 -9.75 1.28 11.65
N GLU A 63 -10.39 0.55 10.75
CA GLU A 63 -10.22 -0.89 10.67
C GLU A 63 -9.78 -1.32 9.27
N PHE A 64 -8.51 -1.69 9.13
CA PHE A 64 -7.97 -2.11 7.85
C PHE A 64 -8.06 -3.63 7.69
N CYS A 65 -8.62 -4.05 6.56
CA CYS A 65 -8.77 -5.48 6.28
C CYS A 65 -8.29 -5.82 4.87
N GLN A 66 -7.77 -7.02 4.69
CA GLN A 66 -7.29 -7.46 3.39
C GLN A 66 -8.29 -7.13 2.30
N CYS A 67 -7.83 -6.42 1.27
CA CYS A 67 -8.69 -6.03 0.16
C CYS A 67 -8.29 -6.78 -1.11
N TYR A 68 -7.00 -6.81 -1.40
CA TYR A 68 -6.49 -7.50 -2.59
C TYR A 68 -5.18 -8.21 -2.29
N MET A 69 -5.10 -9.48 -2.68
CA MET A 69 -3.90 -10.27 -2.46
C MET A 69 -3.56 -11.10 -3.69
N GLY A 70 -2.35 -10.90 -4.21
CA GLY A 70 -1.92 -11.63 -5.39
C GLY A 70 -0.68 -11.03 -6.02
N SER A 71 -0.18 -11.68 -7.07
CA SER A 71 1.01 -11.21 -7.77
C SER A 71 0.76 -9.85 -8.40
N GLN A 72 -0.31 -9.75 -9.17
CA GLN A 72 -0.66 -8.50 -9.83
C GLN A 72 -0.36 -7.30 -8.94
N LYS A 73 -0.18 -6.14 -9.55
CA LYS A 73 0.11 -4.91 -8.82
C LYS A 73 -0.96 -3.86 -9.06
N GLN A 74 -2.08 -4.28 -9.64
CA GLN A 74 -3.18 -3.37 -9.93
C GLN A 74 -4.52 -3.99 -9.55
N PHE A 75 -5.32 -3.25 -8.80
CA PHE A 75 -6.63 -3.74 -8.37
C PHE A 75 -7.67 -2.61 -8.42
N LYS A 76 -8.82 -2.91 -9.01
CA LYS A 76 -9.90 -1.93 -9.11
C LYS A 76 -11.08 -2.32 -8.24
N ILE A 77 -11.36 -1.52 -7.22
CA ILE A 77 -12.47 -1.77 -6.32
C ILE A 77 -13.78 -1.28 -6.90
N THR A 78 -14.80 -2.14 -6.88
CA THR A 78 -16.11 -1.78 -7.41
C THR A 78 -17.15 -1.69 -6.29
N LYS A 79 -18.37 -1.35 -6.66
CA LYS A 79 -19.45 -1.23 -5.69
C LYS A 79 -19.13 -0.18 -4.64
N LEU A 80 -18.68 0.99 -5.09
CA LEU A 80 -18.34 2.08 -4.19
C LEU A 80 -19.34 3.22 -4.30
N SER A 81 -19.07 4.31 -3.60
CA SER A 81 -19.95 5.47 -3.62
C SER A 81 -19.14 6.77 -3.67
N PRO A 82 -19.74 7.82 -4.25
CA PRO A 82 -19.10 9.12 -4.39
C PRO A 82 -18.94 9.83 -3.05
N ALA A 83 -17.93 10.68 -2.94
CA ALA A 83 -17.67 11.42 -1.71
C ALA A 83 -17.43 10.48 -0.54
N MET A 84 -16.73 9.38 -0.81
CA MET A 84 -16.43 8.40 0.23
C MET A 84 -14.92 8.24 0.41
N GLY A 85 -14.37 8.94 1.40
CA GLY A 85 -12.95 8.87 1.66
C GLY A 85 -12.51 7.48 2.10
N CYS A 86 -11.67 6.84 1.29
CA CYS A 86 -11.18 5.50 1.61
C CYS A 86 -9.65 5.48 1.62
N LYS A 87 -9.09 4.87 2.66
CA LYS A 87 -7.64 4.77 2.80
C LYS A 87 -7.14 3.43 2.27
N PHE A 88 -5.88 3.40 1.82
CA PHE A 88 -5.28 2.18 1.29
C PHE A 88 -3.82 2.08 1.70
N ARG A 89 -3.28 0.86 1.67
CA ARG A 89 -1.89 0.63 2.04
C ARG A 89 -1.34 -0.60 1.32
N LEU A 90 -0.08 -0.50 0.88
CA LEU A 90 0.56 -1.60 0.17
C LEU A 90 1.72 -2.17 1.00
N SER A 91 1.89 -3.48 0.92
CA SER A 91 2.96 -4.16 1.66
C SER A 91 3.42 -5.41 0.92
N ALA A 92 4.73 -5.62 0.89
CA ALA A 92 5.31 -6.78 0.23
C ALA A 92 5.73 -7.85 1.25
N ARG A 93 5.29 -9.08 1.02
CA ARG A 93 5.61 -10.18 1.91
C ARG A 93 6.35 -11.28 1.16
N ASN A 94 7.51 -11.67 1.68
CA ASN A 94 8.32 -12.72 1.06
C ASN A 94 8.44 -13.93 1.98
N ASP A 95 9.22 -14.92 1.55
CA ASP A 95 9.43 -16.13 2.33
C ASP A 95 9.63 -15.79 3.81
N TYR A 96 10.16 -14.61 4.08
CA TYR A 96 10.41 -14.17 5.44
C TYR A 96 9.11 -13.72 6.11
N GLY A 97 8.53 -12.64 5.59
CA GLY A 97 7.30 -12.12 6.15
C GLY A 97 6.86 -10.83 5.48
N THR A 98 5.75 -10.27 5.95
CA THR A 98 5.22 -9.04 5.38
C THR A 98 6.00 -7.83 5.88
N SER A 99 6.64 -7.12 4.95
CA SER A 99 7.42 -5.94 5.29
C SER A 99 6.51 -4.77 5.64
N GLY A 100 7.04 -3.83 6.43
CA GLY A 100 6.27 -2.67 6.82
C GLY A 100 5.32 -2.20 5.73
N PHE A 101 4.17 -1.69 6.14
CA PHE A 101 3.17 -1.21 5.19
C PHE A 101 3.47 0.22 4.77
N SER A 102 3.25 0.52 3.50
CA SER A 102 3.50 1.86 2.96
C SER A 102 2.75 2.91 3.78
N GLU A 103 2.95 4.18 3.43
CA GLU A 103 2.30 5.28 4.12
C GLU A 103 0.81 5.33 3.76
N GLU A 104 -0.04 5.32 4.79
CA GLU A 104 -1.48 5.37 4.59
C GLU A 104 -1.86 6.54 3.69
N VAL A 105 -2.60 6.25 2.62
CA VAL A 105 -3.03 7.28 1.69
C VAL A 105 -4.56 7.41 1.68
N LEU A 106 -5.04 8.64 1.82
CA LEU A 106 -6.47 8.90 1.83
C LEU A 106 -6.94 9.41 0.48
N TYR A 107 -7.84 8.68 -0.17
CA TYR A 107 -8.37 9.06 -1.47
C TYR A 107 -9.85 9.40 -1.37
N TYR A 108 -10.40 9.94 -2.45
CA TYR A 108 -11.81 10.31 -2.50
C TYR A 108 -12.36 10.17 -3.91
N THR A 109 -13.35 9.29 -4.09
CA THR A 109 -13.96 9.07 -5.38
C THR A 109 -14.34 10.39 -6.05
N SER A 110 -14.66 10.32 -7.33
CA SER A 110 -15.04 11.52 -8.08
C SER A 110 -15.82 12.50 -7.20
N GLY A 111 -16.76 11.96 -6.43
CA GLY A 111 -17.56 12.79 -5.56
C GLY A 111 -18.32 13.87 -6.32
N CYS A 112 -19.21 14.57 -5.62
CA CYS A 112 -20.01 15.62 -6.23
C CYS A 112 -19.19 16.91 -6.37
N SER A 113 -18.49 17.03 -7.49
CA SER A 113 -17.66 18.21 -7.74
C SER A 113 -18.49 19.34 -8.34
N GLY A 114 -18.58 20.45 -7.62
CA GLY A 114 -19.34 21.58 -8.10
C GLY A 114 -18.67 22.91 -7.78
N PRO A 115 -19.46 24.00 -7.82
CA PRO A 115 -18.95 25.35 -7.53
C PRO A 115 -18.59 25.54 -6.07
N SER A 116 -17.74 26.52 -5.80
CA SER A 116 -17.31 26.80 -4.43
C SER A 116 -17.02 28.29 -4.25
N SER A 117 -17.84 28.95 -3.42
CA SER A 117 -17.69 30.37 -3.17
C SER A 117 -16.91 30.61 -1.88
N GLY A 118 -16.01 31.60 -1.91
CA GLY A 118 -15.21 31.90 -0.74
C GLY A 118 -14.65 30.66 -0.08
N GLY A 1 32.63 15.51 17.00
CA GLY A 1 32.76 14.16 17.53
C GLY A 1 32.85 13.12 16.42
N SER A 2 33.76 12.17 16.59
CA SER A 2 33.95 11.12 15.61
C SER A 2 34.34 9.80 16.28
N SER A 3 33.86 8.69 15.72
CA SER A 3 34.15 7.37 16.27
C SER A 3 35.64 7.24 16.60
N GLY A 4 35.93 6.45 17.64
CA GLY A 4 37.32 6.25 18.05
C GLY A 4 38.00 5.15 17.25
N SER A 5 38.54 4.16 17.97
CA SER A 5 39.23 3.05 17.32
C SER A 5 38.82 1.72 17.96
N SER A 6 38.18 0.88 17.16
CA SER A 6 37.73 -0.42 17.63
C SER A 6 37.46 -1.37 16.46
N GLY A 7 37.21 -2.64 16.78
CA GLY A 7 36.94 -3.62 15.75
C GLY A 7 35.96 -4.68 16.20
N ALA A 8 34.71 -4.28 16.40
CA ALA A 8 33.67 -5.21 16.83
C ALA A 8 32.81 -5.67 15.65
N GLU A 9 33.30 -6.68 14.94
CA GLU A 9 32.58 -7.22 13.78
C GLU A 9 32.24 -8.70 13.98
N ILE A 10 31.04 -8.96 14.47
CA ILE A 10 30.60 -10.33 14.71
C ILE A 10 29.89 -10.89 13.49
N PHE A 11 30.33 -12.07 13.06
CA PHE A 11 29.73 -12.73 11.89
C PHE A 11 28.42 -13.41 12.27
N THR A 12 27.31 -12.83 11.84
CA THR A 12 25.99 -13.38 12.13
C THR A 12 25.03 -13.16 10.96
N THR A 13 24.38 -14.24 10.54
CA THR A 13 23.43 -14.18 9.43
C THR A 13 22.32 -13.19 9.71
N LEU A 14 21.72 -12.65 8.65
CA LEU A 14 20.64 -11.68 8.77
C LEU A 14 19.67 -11.79 7.60
N SER A 15 18.39 -11.91 7.90
CA SER A 15 17.36 -12.01 6.87
C SER A 15 15.97 -11.86 7.46
N CYS A 16 15.36 -10.69 7.22
CA CYS A 16 14.02 -10.42 7.73
C CYS A 16 13.14 -9.80 6.65
N GLU A 17 11.87 -9.59 6.98
CA GLU A 17 10.92 -9.01 6.03
C GLU A 17 11.62 -7.98 5.13
N PRO A 18 11.11 -7.83 3.91
CA PRO A 18 11.66 -6.88 2.93
C PRO A 18 11.39 -5.43 3.32
N ASP A 19 11.80 -4.51 2.46
CA ASP A 19 11.62 -3.08 2.71
C ASP A 19 10.19 -2.65 2.38
N ILE A 20 9.72 -1.61 3.04
CA ILE A 20 8.37 -1.10 2.82
C ILE A 20 8.24 -0.51 1.42
N PRO A 21 7.33 -1.09 0.63
CA PRO A 21 7.08 -0.64 -0.75
C PRO A 21 6.39 0.72 -0.80
N ASN A 22 6.50 1.39 -1.94
CA ASN A 22 5.88 2.70 -2.11
C ASN A 22 4.36 2.60 -2.15
N PRO A 23 3.68 3.68 -1.73
CA PRO A 23 2.21 3.72 -1.71
C PRO A 23 1.62 3.77 -3.11
N PRO A 24 0.46 3.10 -3.29
CA PRO A 24 -0.23 3.05 -4.58
C PRO A 24 -0.84 4.39 -4.96
N ARG A 25 -0.89 4.67 -6.26
CA ARG A 25 -1.44 5.92 -6.76
C ARG A 25 -2.80 5.69 -7.43
N ILE A 26 -3.45 6.77 -7.83
CA ILE A 26 -4.74 6.69 -8.49
C ILE A 26 -4.60 6.82 -10.00
N ALA A 27 -5.07 5.82 -10.73
CA ALA A 27 -5.01 5.83 -12.18
C ALA A 27 -6.40 5.98 -12.80
N ASN A 28 -7.43 5.80 -11.97
CA ASN A 28 -8.80 5.92 -12.44
C ASN A 28 -9.78 5.76 -11.29
N ARG A 29 -10.50 6.85 -10.98
CA ARG A 29 -11.47 6.84 -9.89
C ARG A 29 -12.86 7.21 -10.40
N THR A 30 -13.85 6.42 -9.99
CA THR A 30 -15.23 6.66 -10.41
C THR A 30 -16.15 6.84 -9.20
N LYS A 31 -17.44 7.00 -9.46
CA LYS A 31 -18.42 7.17 -8.40
C LYS A 31 -18.91 5.81 -7.88
N ASN A 32 -18.59 4.76 -8.62
CA ASN A 32 -18.99 3.41 -8.23
C ASN A 32 -17.84 2.43 -8.39
N SER A 33 -16.61 2.95 -8.35
CA SER A 33 -15.43 2.12 -8.49
C SER A 33 -14.16 2.95 -8.29
N LEU A 34 -13.03 2.26 -8.14
CA LEU A 34 -11.75 2.94 -7.94
C LEU A 34 -10.60 2.09 -8.47
N THR A 35 -9.63 2.75 -9.08
CA THR A 35 -8.47 2.05 -9.64
C THR A 35 -7.18 2.52 -8.97
N LEU A 36 -6.38 1.55 -8.51
CA LEU A 36 -5.12 1.85 -7.85
C LEU A 36 -3.97 1.07 -8.48
N GLN A 37 -2.83 1.75 -8.68
CA GLN A 37 -1.67 1.12 -9.27
C GLN A 37 -0.45 1.30 -8.39
N TRP A 38 0.48 0.35 -8.46
CA TRP A 38 1.70 0.40 -7.66
C TRP A 38 2.81 -0.40 -8.31
N LYS A 39 4.01 -0.29 -7.78
CA LYS A 39 5.17 -1.01 -8.30
C LYS A 39 5.76 -1.94 -7.26
N ALA A 40 6.76 -2.72 -7.65
CA ALA A 40 7.42 -3.64 -6.74
C ALA A 40 8.65 -3.01 -6.09
N PRO A 41 8.79 -3.23 -4.77
CA PRO A 41 9.91 -2.69 -4.00
C PRO A 41 11.23 -3.35 -4.35
N SER A 42 12.25 -3.10 -3.54
CA SER A 42 13.57 -3.67 -3.78
C SER A 42 13.76 -4.97 -2.99
N ASP A 43 13.83 -6.08 -3.71
CA ASP A 43 14.00 -7.39 -3.08
C ASP A 43 15.41 -7.53 -2.49
N ASN A 44 15.52 -7.34 -1.18
CA ASN A 44 16.80 -7.44 -0.50
C ASN A 44 16.98 -8.83 0.10
N GLY A 45 15.98 -9.28 0.86
CA GLY A 45 16.06 -10.60 1.47
C GLY A 45 15.73 -11.71 0.50
N SER A 46 14.43 -11.94 0.28
CA SER A 46 13.98 -12.98 -0.62
C SER A 46 12.94 -12.44 -1.60
N LYS A 47 12.55 -13.27 -2.56
CA LYS A 47 11.57 -12.89 -3.56
C LYS A 47 10.20 -12.67 -2.92
N ILE A 48 9.58 -11.54 -3.22
CA ILE A 48 8.26 -11.22 -2.67
C ILE A 48 7.18 -12.10 -3.28
N GLN A 49 6.61 -12.98 -2.46
CA GLN A 49 5.57 -13.89 -2.92
C GLN A 49 4.48 -13.12 -3.67
N ASN A 50 3.71 -12.32 -2.94
CA ASN A 50 2.64 -11.54 -3.53
C ASN A 50 2.47 -10.19 -2.82
N PHE A 51 1.51 -9.40 -3.27
CA PHE A 51 1.25 -8.10 -2.67
C PHE A 51 -0.02 -8.12 -1.83
N VAL A 52 0.07 -7.63 -0.60
CA VAL A 52 -1.06 -7.59 0.30
C VAL A 52 -1.59 -6.18 0.46
N LEU A 53 -2.76 -5.91 -0.12
CA LEU A 53 -3.38 -4.59 -0.03
C LEU A 53 -4.45 -4.57 1.04
N GLU A 54 -4.58 -3.42 1.71
CA GLU A 54 -5.58 -3.25 2.77
C GLU A 54 -6.22 -1.87 2.70
N TRP A 55 -7.46 -1.78 3.17
CA TRP A 55 -8.19 -0.52 3.17
C TRP A 55 -9.25 -0.50 4.26
N ASP A 56 -9.72 0.70 4.60
CA ASP A 56 -10.73 0.85 5.64
C ASP A 56 -12.13 0.81 5.03
N GLU A 57 -12.30 -0.03 4.01
CA GLU A 57 -13.59 -0.15 3.34
C GLU A 57 -14.32 1.19 3.30
N GLY A 58 -13.55 2.26 3.13
CA GLY A 58 -14.14 3.59 3.08
C GLY A 58 -15.21 3.80 4.14
N LYS A 59 -14.89 3.44 5.38
CA LYS A 59 -15.84 3.59 6.48
C LYS A 59 -15.53 4.85 7.28
N GLY A 60 -14.29 4.99 7.72
CA GLY A 60 -13.90 6.16 8.49
C GLY A 60 -13.80 5.86 9.98
N ASN A 61 -13.23 4.71 10.31
CA ASN A 61 -13.07 4.30 11.71
C ASN A 61 -11.60 4.10 12.05
N GLY A 62 -10.85 3.52 11.11
CA GLY A 62 -9.44 3.28 11.33
C GLY A 62 -9.10 1.80 11.39
N GLU A 63 -9.91 0.99 10.71
CA GLU A 63 -9.70 -0.45 10.68
C GLU A 63 -9.41 -0.94 9.27
N PHE A 64 -8.15 -1.31 9.03
CA PHE A 64 -7.74 -1.79 7.71
C PHE A 64 -7.93 -3.30 7.60
N CYS A 65 -8.47 -3.74 6.47
CA CYS A 65 -8.71 -5.16 6.24
C CYS A 65 -8.17 -5.58 4.88
N GLN A 66 -7.86 -6.86 4.74
CA GLN A 66 -7.33 -7.40 3.49
C GLN A 66 -8.30 -7.15 2.34
N CYS A 67 -7.91 -6.25 1.44
CA CYS A 67 -8.74 -5.92 0.29
C CYS A 67 -8.40 -6.79 -0.90
N TYR A 68 -7.13 -6.81 -1.28
CA TYR A 68 -6.67 -7.61 -2.41
C TYR A 68 -5.30 -8.22 -2.13
N MET A 69 -5.15 -9.48 -2.50
CA MET A 69 -3.88 -10.19 -2.29
C MET A 69 -3.52 -11.03 -3.51
N GLY A 70 -2.34 -10.77 -4.07
CA GLY A 70 -1.90 -11.51 -5.23
C GLY A 70 -0.68 -10.89 -5.90
N SER A 71 -0.15 -11.55 -6.91
CA SER A 71 1.02 -11.06 -7.63
C SER A 71 0.72 -9.74 -8.32
N GLN A 72 -0.39 -9.70 -9.06
CA GLN A 72 -0.79 -8.50 -9.78
C GLN A 72 -0.46 -7.25 -8.97
N LYS A 73 -0.23 -6.14 -9.68
CA LYS A 73 0.09 -4.88 -9.02
C LYS A 73 -0.99 -3.84 -9.28
N GLN A 74 -2.14 -4.30 -9.77
CA GLN A 74 -3.26 -3.41 -10.05
C GLN A 74 -4.58 -4.06 -9.65
N PHE A 75 -5.41 -3.31 -8.92
CA PHE A 75 -6.70 -3.81 -8.48
C PHE A 75 -7.74 -2.70 -8.48
N LYS A 76 -8.87 -2.95 -9.14
CA LYS A 76 -9.94 -1.97 -9.22
C LYS A 76 -11.12 -2.38 -8.33
N ILE A 77 -11.40 -1.58 -7.31
CA ILE A 77 -12.50 -1.86 -6.40
C ILE A 77 -13.82 -1.32 -6.94
N THR A 78 -14.84 -2.16 -6.92
CA THR A 78 -16.16 -1.77 -7.42
C THR A 78 -17.19 -1.78 -6.30
N LYS A 79 -18.43 -1.42 -6.63
CA LYS A 79 -19.50 -1.40 -5.65
C LYS A 79 -19.27 -0.31 -4.60
N LEU A 80 -18.69 0.80 -5.04
CA LEU A 80 -18.40 1.91 -4.13
C LEU A 80 -19.42 3.03 -4.32
N SER A 81 -19.22 4.13 -3.59
CA SER A 81 -20.12 5.28 -3.66
C SER A 81 -19.32 6.57 -3.73
N PRO A 82 -19.93 7.60 -4.35
CA PRO A 82 -19.30 8.92 -4.50
C PRO A 82 -19.20 9.66 -3.16
N ALA A 83 -18.15 10.47 -3.02
CA ALA A 83 -17.93 11.24 -1.81
C ALA A 83 -17.70 10.31 -0.61
N MET A 84 -16.83 9.32 -0.79
CA MET A 84 -16.52 8.37 0.27
C MET A 84 -15.02 8.25 0.47
N GLY A 85 -14.53 8.80 1.57
CA GLY A 85 -13.11 8.74 1.86
C GLY A 85 -12.65 7.35 2.26
N CYS A 86 -11.68 6.81 1.53
CA CYS A 86 -11.16 5.48 1.82
C CYS A 86 -9.64 5.48 1.81
N LYS A 87 -9.04 4.85 2.81
CA LYS A 87 -7.58 4.77 2.92
C LYS A 87 -7.07 3.43 2.39
N PHE A 88 -5.85 3.44 1.88
CA PHE A 88 -5.25 2.22 1.34
C PHE A 88 -3.77 2.14 1.72
N ARG A 89 -3.16 0.99 1.47
CA ARG A 89 -1.75 0.78 1.79
C ARG A 89 -1.23 -0.49 1.13
N LEU A 90 0.01 -0.43 0.66
CA LEU A 90 0.63 -1.58 0.00
C LEU A 90 1.74 -2.18 0.87
N SER A 91 1.93 -3.48 0.76
CA SER A 91 2.96 -4.17 1.53
C SER A 91 3.43 -5.44 0.82
N ALA A 92 4.73 -5.69 0.85
CA ALA A 92 5.30 -6.87 0.22
C ALA A 92 5.65 -7.93 1.25
N ARG A 93 5.28 -9.17 0.95
CA ARG A 93 5.55 -10.29 1.86
C ARG A 93 6.33 -11.39 1.14
N ASN A 94 7.38 -11.88 1.78
CA ASN A 94 8.21 -12.94 1.20
C ASN A 94 8.18 -14.19 2.08
N ASP A 95 8.93 -15.20 1.66
CA ASP A 95 8.99 -16.46 2.41
C ASP A 95 9.13 -16.19 3.91
N TYR A 96 9.70 -15.05 4.24
CA TYR A 96 9.89 -14.67 5.65
C TYR A 96 8.59 -14.16 6.26
N GLY A 97 8.16 -12.98 5.82
CA GLY A 97 6.94 -12.39 6.33
C GLY A 97 6.54 -11.13 5.59
N THR A 98 5.46 -10.51 6.04
CA THR A 98 4.98 -9.28 5.41
C THR A 98 5.69 -8.06 5.97
N SER A 99 6.34 -7.30 5.08
CA SER A 99 7.07 -6.10 5.49
C SER A 99 6.11 -4.94 5.74
N GLY A 100 6.48 -4.06 6.66
CA GLY A 100 5.65 -2.92 6.98
C GLY A 100 4.91 -2.40 5.77
N PHE A 101 3.68 -1.93 5.99
CA PHE A 101 2.85 -1.40 4.91
C PHE A 101 3.31 0.00 4.52
N SER A 102 2.83 0.48 3.38
CA SER A 102 3.19 1.81 2.89
C SER A 102 2.43 2.90 3.63
N GLU A 103 2.83 4.14 3.42
CA GLU A 103 2.17 5.27 4.07
C GLU A 103 0.68 5.28 3.79
N GLU A 104 -0.11 5.59 4.82
CA GLU A 104 -1.56 5.62 4.69
C GLU A 104 -1.98 6.68 3.67
N VAL A 105 -2.60 6.24 2.57
CA VAL A 105 -3.05 7.14 1.53
C VAL A 105 -4.57 7.29 1.55
N LEU A 106 -5.04 8.51 1.71
CA LEU A 106 -6.47 8.79 1.75
C LEU A 106 -6.97 9.27 0.39
N TYR A 107 -7.94 8.56 -0.17
CA TYR A 107 -8.51 8.92 -1.46
C TYR A 107 -10.02 9.12 -1.36
N TYR A 108 -10.55 9.94 -2.26
CA TYR A 108 -11.98 10.23 -2.28
C TYR A 108 -12.56 10.07 -3.68
N THR A 109 -13.53 9.19 -3.82
CA THR A 109 -14.17 8.94 -5.11
C THR A 109 -14.61 10.25 -5.76
N SER A 110 -14.91 10.20 -7.05
CA SER A 110 -15.34 11.37 -7.80
C SER A 110 -16.57 12.00 -7.15
N GLY A 111 -16.74 13.30 -7.33
CA GLY A 111 -17.88 13.99 -6.77
C GLY A 111 -17.79 15.50 -6.93
N CYS A 112 -17.40 16.19 -5.87
CA CYS A 112 -17.27 17.65 -5.90
C CYS A 112 -15.93 18.06 -6.49
N SER A 113 -15.67 17.62 -7.72
CA SER A 113 -14.43 17.95 -8.40
C SER A 113 -14.39 19.41 -8.81
N GLY A 114 -13.54 20.18 -8.15
CA GLY A 114 -13.43 21.60 -8.46
C GLY A 114 -13.71 22.48 -7.26
N PRO A 115 -13.22 23.72 -7.31
CA PRO A 115 -13.41 24.70 -6.22
C PRO A 115 -14.87 25.16 -6.12
N SER A 116 -15.17 25.93 -5.07
CA SER A 116 -16.51 26.43 -4.86
C SER A 116 -16.78 27.64 -5.76
N SER A 117 -17.72 27.46 -6.69
CA SER A 117 -18.08 28.53 -7.62
C SER A 117 -18.43 29.81 -6.86
N GLY A 118 -17.55 30.80 -6.95
CA GLY A 118 -17.79 32.06 -6.27
C GLY A 118 -16.69 32.41 -5.29
N GLY A 1 22.91 15.35 7.71
CA GLY A 1 23.91 14.79 8.59
C GLY A 1 24.46 13.46 8.09
N SER A 2 25.70 13.17 8.43
CA SER A 2 26.34 11.93 8.00
C SER A 2 27.65 11.70 8.74
N SER A 3 27.83 10.50 9.26
CA SER A 3 29.04 10.15 10.00
C SER A 3 29.35 8.66 9.89
N GLY A 4 30.63 8.32 10.01
CA GLY A 4 31.03 6.93 9.92
C GLY A 4 32.19 6.72 8.96
N SER A 5 33.40 6.71 9.51
CA SER A 5 34.61 6.54 8.71
C SER A 5 35.21 5.16 8.94
N SER A 6 35.43 4.42 7.85
CA SER A 6 36.00 3.08 7.93
C SER A 6 36.36 2.56 6.54
N GLY A 7 37.44 1.79 6.47
CA GLY A 7 37.88 1.24 5.20
C GLY A 7 37.84 -0.27 5.18
N ALA A 8 36.63 -0.84 5.20
CA ALA A 8 36.46 -2.28 5.19
C ALA A 8 35.09 -2.67 4.66
N GLU A 9 35.06 -3.31 3.49
CA GLU A 9 33.80 -3.73 2.88
C GLU A 9 33.17 -4.88 3.67
N ILE A 10 31.93 -4.68 4.11
CA ILE A 10 31.22 -5.69 4.87
C ILE A 10 30.40 -6.59 3.95
N PHE A 11 30.24 -7.85 4.36
CA PHE A 11 29.49 -8.82 3.57
C PHE A 11 28.42 -9.49 4.42
N THR A 12 27.43 -8.70 4.85
CA THR A 12 26.35 -9.22 5.67
C THR A 12 25.15 -9.64 4.81
N THR A 13 24.92 -10.95 4.76
CA THR A 13 23.81 -11.49 3.97
C THR A 13 22.52 -10.71 4.23
N LEU A 14 21.54 -10.89 3.35
CA LEU A 14 20.26 -10.21 3.48
C LEU A 14 19.12 -11.21 3.62
N SER A 15 18.95 -11.74 4.83
CA SER A 15 17.90 -12.72 5.09
C SER A 15 16.87 -12.16 6.07
N CYS A 16 16.28 -11.02 5.71
CA CYS A 16 15.28 -10.38 6.56
C CYS A 16 14.13 -9.85 5.72
N GLU A 17 13.00 -9.59 6.37
CA GLU A 17 11.82 -9.08 5.68
C GLU A 17 12.20 -8.01 4.67
N PRO A 18 11.36 -7.84 3.64
CA PRO A 18 11.58 -6.84 2.58
C PRO A 18 11.42 -5.42 3.08
N ASP A 19 11.50 -4.47 2.16
CA ASP A 19 11.36 -3.05 2.50
C ASP A 19 9.95 -2.55 2.19
N ILE A 20 9.54 -1.50 2.89
CA ILE A 20 8.21 -0.93 2.68
C ILE A 20 8.10 -0.30 1.30
N PRO A 21 7.25 -0.89 0.44
CA PRO A 21 7.03 -0.40 -0.93
C PRO A 21 6.28 0.92 -0.95
N ASN A 22 6.47 1.69 -2.02
CA ASN A 22 5.81 2.99 -2.16
C ASN A 22 4.29 2.81 -2.22
N PRO A 23 3.56 3.86 -1.80
CA PRO A 23 2.10 3.85 -1.80
C PRO A 23 1.52 3.88 -3.21
N PRO A 24 0.38 3.21 -3.38
CA PRO A 24 -0.32 3.14 -4.67
C PRO A 24 -0.93 4.47 -5.08
N ARG A 25 -0.96 4.74 -6.37
CA ARG A 25 -1.54 5.99 -6.88
C ARG A 25 -2.88 5.74 -7.55
N ILE A 26 -3.59 6.82 -7.88
CA ILE A 26 -4.89 6.72 -8.53
C ILE A 26 -4.75 6.90 -10.04
N ALA A 27 -5.26 5.94 -10.79
CA ALA A 27 -5.22 5.99 -12.26
C ALA A 27 -6.61 6.08 -12.85
N ASN A 28 -7.62 5.83 -12.02
CA ASN A 28 -9.01 5.88 -12.46
C ASN A 28 -9.96 5.66 -11.30
N ARG A 29 -10.75 6.69 -10.97
CA ARG A 29 -11.71 6.61 -9.88
C ARG A 29 -13.07 7.12 -10.30
N THR A 30 -14.10 6.33 -10.07
CA THR A 30 -15.47 6.70 -10.44
C THR A 30 -16.33 6.90 -9.19
N LYS A 31 -17.61 7.19 -9.41
CA LYS A 31 -18.54 7.41 -8.31
C LYS A 31 -18.83 6.11 -7.57
N ASN A 32 -18.65 4.99 -8.26
CA ASN A 32 -18.88 3.67 -7.67
C ASN A 32 -17.74 2.71 -8.00
N SER A 33 -16.52 3.24 -8.02
CA SER A 33 -15.35 2.44 -8.33
C SER A 33 -14.06 3.19 -8.00
N LEU A 34 -12.95 2.47 -7.96
CA LEU A 34 -11.66 3.07 -7.64
C LEU A 34 -10.52 2.22 -8.19
N THR A 35 -9.61 2.84 -8.94
CA THR A 35 -8.48 2.14 -9.51
C THR A 35 -7.17 2.59 -8.86
N LEU A 36 -6.37 1.62 -8.41
CA LEU A 36 -5.10 1.92 -7.77
C LEU A 36 -3.97 1.15 -8.43
N GLN A 37 -2.84 1.81 -8.63
CA GLN A 37 -1.68 1.19 -9.25
C GLN A 37 -0.45 1.29 -8.36
N TRP A 38 0.50 0.38 -8.55
CA TRP A 38 1.72 0.37 -7.76
C TRP A 38 2.77 -0.53 -8.38
N LYS A 39 3.97 -0.51 -7.83
CA LYS A 39 5.07 -1.33 -8.34
C LYS A 39 5.68 -2.17 -7.22
N ALA A 40 6.67 -2.98 -7.58
CA ALA A 40 7.34 -3.84 -6.60
C ALA A 40 8.56 -3.13 -6.01
N PRO A 41 8.73 -3.27 -4.68
CA PRO A 41 9.85 -2.66 -3.96
C PRO A 41 11.19 -3.31 -4.31
N SER A 42 12.20 -3.05 -3.48
CA SER A 42 13.53 -3.61 -3.70
C SER A 42 13.69 -4.92 -2.94
N ASP A 43 13.78 -6.02 -3.69
CA ASP A 43 13.95 -7.34 -3.09
C ASP A 43 15.32 -7.47 -2.43
N ASN A 44 15.35 -7.32 -1.11
CA ASN A 44 16.60 -7.41 -0.37
C ASN A 44 16.68 -8.74 0.40
N GLY A 45 17.10 -9.79 -0.30
CA GLY A 45 17.21 -11.10 0.33
C GLY A 45 16.55 -12.19 -0.49
N SER A 46 15.22 -12.22 -0.47
CA SER A 46 14.47 -13.23 -1.20
C SER A 46 13.43 -12.58 -2.11
N LYS A 47 12.71 -13.40 -2.86
CA LYS A 47 11.68 -12.90 -3.77
C LYS A 47 10.36 -12.67 -3.03
N ILE A 48 9.63 -11.64 -3.44
CA ILE A 48 8.35 -11.31 -2.81
C ILE A 48 7.25 -12.25 -3.30
N GLN A 49 6.71 -13.05 -2.38
CA GLN A 49 5.65 -13.99 -2.72
C GLN A 49 4.51 -13.28 -3.44
N ASN A 50 3.81 -12.42 -2.73
CA ASN A 50 2.69 -11.67 -3.30
C ASN A 50 2.48 -10.34 -2.58
N PHE A 51 1.60 -9.51 -3.12
CA PHE A 51 1.32 -8.21 -2.53
C PHE A 51 0.06 -8.28 -1.65
N VAL A 52 0.11 -7.61 -0.51
CA VAL A 52 -1.02 -7.59 0.41
C VAL A 52 -1.60 -6.19 0.54
N LEU A 53 -2.76 -5.98 -0.09
CA LEU A 53 -3.43 -4.70 -0.05
C LEU A 53 -4.49 -4.65 1.05
N GLU A 54 -4.66 -3.49 1.66
CA GLU A 54 -5.63 -3.31 2.73
C GLU A 54 -6.29 -1.94 2.66
N TRP A 55 -7.54 -1.87 3.09
CA TRP A 55 -8.29 -0.61 3.08
C TRP A 55 -9.32 -0.58 4.19
N ASP A 56 -9.84 0.61 4.49
CA ASP A 56 -10.84 0.78 5.53
C ASP A 56 -12.24 0.80 4.94
N GLU A 57 -12.45 -0.01 3.90
CA GLU A 57 -13.75 -0.08 3.24
C GLU A 57 -14.41 1.29 3.19
N GLY A 58 -13.60 2.34 3.16
CA GLY A 58 -14.12 3.69 3.12
C GLY A 58 -15.21 3.93 4.14
N LYS A 59 -14.94 3.51 5.38
CA LYS A 59 -15.90 3.68 6.47
C LYS A 59 -15.62 4.95 7.26
N GLY A 60 -14.38 5.07 7.73
CA GLY A 60 -13.99 6.24 8.51
C GLY A 60 -13.86 5.94 9.99
N ASN A 61 -13.23 4.83 10.31
CA ASN A 61 -13.04 4.43 11.70
C ASN A 61 -11.56 4.20 12.00
N GLY A 62 -10.87 3.54 11.08
CA GLY A 62 -9.45 3.27 11.27
C GLY A 62 -9.16 1.78 11.34
N GLU A 63 -9.93 0.98 10.63
CA GLU A 63 -9.76 -0.46 10.62
C GLU A 63 -9.43 -0.96 9.22
N PHE A 64 -8.20 -1.43 9.04
CA PHE A 64 -7.75 -1.94 7.74
C PHE A 64 -7.93 -3.45 7.67
N CYS A 65 -8.50 -3.92 6.56
CA CYS A 65 -8.72 -5.34 6.36
C CYS A 65 -8.22 -5.79 4.99
N GLN A 66 -7.87 -7.07 4.89
CA GLN A 66 -7.37 -7.62 3.63
C GLN A 66 -8.31 -7.29 2.48
N CYS A 67 -7.88 -6.39 1.61
CA CYS A 67 -8.68 -6.00 0.45
C CYS A 67 -8.39 -6.88 -0.75
N TYR A 68 -7.11 -7.00 -1.10
CA TYR A 68 -6.70 -7.82 -2.23
C TYR A 68 -5.29 -8.36 -2.03
N MET A 69 -5.11 -9.64 -2.31
CA MET A 69 -3.80 -10.28 -2.16
C MET A 69 -3.49 -11.16 -3.37
N GLY A 70 -2.47 -10.77 -4.12
CA GLY A 70 -2.08 -11.54 -5.29
C GLY A 70 -0.81 -11.00 -5.94
N SER A 71 -0.48 -11.54 -7.11
CA SER A 71 0.71 -11.12 -7.83
C SER A 71 0.46 -9.81 -8.58
N GLN A 72 -0.77 -9.64 -9.06
CA GLN A 72 -1.14 -8.44 -9.80
C GLN A 72 -0.71 -7.19 -9.05
N LYS A 73 -0.41 -6.13 -9.79
CA LYS A 73 0.02 -4.86 -9.19
C LYS A 73 -1.05 -3.79 -9.39
N GLN A 74 -2.17 -4.17 -9.98
CA GLN A 74 -3.27 -3.24 -10.23
C GLN A 74 -4.61 -3.87 -9.90
N PHE A 75 -5.40 -3.19 -9.08
CA PHE A 75 -6.72 -3.68 -8.68
C PHE A 75 -7.74 -2.56 -8.68
N LYS A 76 -8.87 -2.80 -9.34
CA LYS A 76 -9.93 -1.82 -9.42
C LYS A 76 -11.11 -2.20 -8.52
N ILE A 77 -11.30 -1.45 -7.44
CA ILE A 77 -12.38 -1.72 -6.51
C ILE A 77 -13.70 -1.13 -7.01
N THR A 78 -14.66 -2.01 -7.31
CA THR A 78 -15.97 -1.58 -7.80
C THR A 78 -17.01 -1.65 -6.70
N LYS A 79 -18.25 -1.30 -7.04
CA LYS A 79 -19.35 -1.33 -6.08
C LYS A 79 -19.09 -0.37 -4.92
N LEU A 80 -18.71 0.86 -5.25
CA LEU A 80 -18.43 1.87 -4.24
C LEU A 80 -19.42 3.02 -4.32
N SER A 81 -19.20 4.04 -3.51
CA SER A 81 -20.08 5.22 -3.49
C SER A 81 -19.28 6.51 -3.63
N PRO A 82 -19.91 7.54 -4.20
CA PRO A 82 -19.28 8.84 -4.39
C PRO A 82 -19.06 9.59 -3.08
N ALA A 83 -17.96 10.34 -3.01
CA ALA A 83 -17.64 11.09 -1.81
C ALA A 83 -17.41 10.17 -0.61
N MET A 84 -16.72 9.06 -0.86
CA MET A 84 -16.43 8.09 0.19
C MET A 84 -14.93 7.98 0.44
N GLY A 85 -14.42 8.77 1.38
CA GLY A 85 -13.00 8.74 1.68
C GLY A 85 -12.54 7.38 2.16
N CYS A 86 -11.66 6.76 1.38
CA CYS A 86 -11.12 5.45 1.73
C CYS A 86 -9.61 5.43 1.67
N LYS A 87 -8.99 4.85 2.69
CA LYS A 87 -7.53 4.77 2.76
C LYS A 87 -7.03 3.44 2.23
N PHE A 88 -5.79 3.41 1.75
CA PHE A 88 -5.20 2.19 1.21
C PHE A 88 -3.72 2.12 1.56
N ARG A 89 -3.20 0.89 1.68
CA ARG A 89 -1.81 0.68 2.01
C ARG A 89 -1.26 -0.55 1.29
N LEU A 90 -0.05 -0.44 0.76
CA LEU A 90 0.59 -1.54 0.05
C LEU A 90 1.78 -2.08 0.83
N SER A 91 1.96 -3.40 0.81
CA SER A 91 3.06 -4.03 1.52
C SER A 91 3.48 -5.33 0.83
N ALA A 92 4.76 -5.64 0.89
CA ALA A 92 5.29 -6.85 0.28
C ALA A 92 5.62 -7.90 1.33
N ARG A 93 5.41 -9.17 0.96
CA ARG A 93 5.68 -10.27 1.88
C ARG A 93 6.45 -11.38 1.18
N ASN A 94 7.55 -11.82 1.80
CA ASN A 94 8.37 -12.88 1.23
C ASN A 94 8.39 -14.11 2.14
N ASP A 95 9.16 -15.11 1.76
CA ASP A 95 9.27 -16.34 2.54
C ASP A 95 9.42 -16.03 4.02
N TYR A 96 10.11 -14.93 4.32
CA TYR A 96 10.34 -14.53 5.71
C TYR A 96 9.05 -14.02 6.34
N GLY A 97 8.60 -12.84 5.90
CA GLY A 97 7.39 -12.26 6.43
C GLY A 97 6.91 -11.07 5.62
N THR A 98 6.03 -10.27 6.21
CA THR A 98 5.49 -9.10 5.53
C THR A 98 6.17 -7.83 6.02
N SER A 99 6.62 -6.99 5.08
CA SER A 99 7.29 -5.74 5.41
C SER A 99 6.27 -4.68 5.81
N GLY A 100 6.74 -3.66 6.53
CA GLY A 100 5.87 -2.59 6.96
C GLY A 100 4.90 -2.15 5.87
N PHE A 101 3.84 -1.46 6.27
CA PHE A 101 2.84 -0.98 5.31
C PHE A 101 3.15 0.45 4.86
N SER A 102 3.01 0.69 3.56
CA SER A 102 3.28 2.00 2.98
C SER A 102 2.52 3.08 3.74
N GLU A 103 2.84 4.34 3.45
CA GLU A 103 2.19 5.47 4.10
C GLU A 103 0.71 5.52 3.74
N GLU A 104 -0.14 5.46 4.77
CA GLU A 104 -1.58 5.50 4.57
C GLU A 104 -1.97 6.62 3.60
N VAL A 105 -2.58 6.24 2.49
CA VAL A 105 -3.00 7.21 1.48
C VAL A 105 -4.52 7.37 1.48
N LEU A 106 -4.98 8.60 1.69
CA LEU A 106 -6.41 8.89 1.71
C LEU A 106 -6.90 9.30 0.33
N TYR A 107 -7.81 8.50 -0.23
CA TYR A 107 -8.36 8.78 -1.55
C TYR A 107 -9.89 8.92 -1.49
N TYR A 108 -10.42 9.86 -2.26
CA TYR A 108 -11.86 10.08 -2.29
C TYR A 108 -12.42 9.84 -3.69
N THR A 109 -13.40 8.93 -3.77
CA THR A 109 -14.01 8.60 -5.05
C THR A 109 -14.37 9.85 -5.83
N SER A 110 -14.49 9.71 -7.14
CA SER A 110 -14.83 10.84 -8.01
C SER A 110 -15.86 11.74 -7.35
N GLY A 111 -17.05 11.19 -7.12
CA GLY A 111 -18.12 11.96 -6.50
C GLY A 111 -18.30 13.32 -7.13
N CYS A 112 -18.05 14.38 -6.36
CA CYS A 112 -18.20 15.74 -6.85
C CYS A 112 -17.25 16.00 -8.02
N SER A 113 -17.81 16.37 -9.16
CA SER A 113 -17.02 16.63 -10.35
C SER A 113 -17.67 17.72 -11.21
N GLY A 114 -16.85 18.61 -11.75
CA GLY A 114 -17.37 19.69 -12.57
C GLY A 114 -16.50 20.93 -12.50
N PRO A 115 -17.08 22.07 -12.92
CA PRO A 115 -16.38 23.36 -12.91
C PRO A 115 -16.14 23.89 -11.49
N SER A 116 -15.51 25.06 -11.40
CA SER A 116 -15.22 25.67 -10.11
C SER A 116 -16.36 26.59 -9.67
N SER A 117 -16.30 27.03 -8.42
CA SER A 117 -17.32 27.92 -7.88
C SER A 117 -17.21 29.31 -8.49
N GLY A 118 -16.09 29.57 -9.16
CA GLY A 118 -15.88 30.86 -9.78
C GLY A 118 -15.94 32.00 -8.78
N GLY A 1 30.22 6.88 3.23
CA GLY A 1 30.70 5.55 3.52
C GLY A 1 32.18 5.39 3.22
N SER A 2 32.48 4.65 2.16
CA SER A 2 33.86 4.41 1.76
C SER A 2 34.73 4.08 2.97
N SER A 3 34.19 3.26 3.86
CA SER A 3 34.91 2.86 5.07
C SER A 3 35.48 1.46 4.92
N GLY A 4 34.66 0.54 4.42
CA GLY A 4 35.10 -0.83 4.24
C GLY A 4 34.34 -1.54 3.14
N SER A 5 34.16 -2.85 3.29
CA SER A 5 33.46 -3.64 2.29
C SER A 5 32.78 -4.86 2.94
N SER A 6 31.83 -5.44 2.22
CA SER A 6 31.10 -6.60 2.73
C SER A 6 30.69 -7.52 1.58
N GLY A 7 31.06 -8.79 1.70
CA GLY A 7 30.72 -9.76 0.67
C GLY A 7 29.23 -9.98 0.55
N ALA A 8 28.61 -9.36 -0.45
CA ALA A 8 27.18 -9.50 -0.68
C ALA A 8 26.86 -10.74 -1.50
N GLU A 9 26.61 -11.85 -0.82
CA GLU A 9 26.29 -13.11 -1.49
C GLU A 9 25.17 -13.84 -0.78
N ILE A 10 24.45 -14.68 -1.52
CA ILE A 10 23.34 -15.44 -0.95
C ILE A 10 23.77 -16.19 0.30
N PHE A 11 23.13 -15.87 1.42
CA PHE A 11 23.46 -16.51 2.68
C PHE A 11 22.35 -16.26 3.72
N THR A 12 22.08 -17.27 4.54
CA THR A 12 21.05 -17.16 5.56
C THR A 12 21.02 -15.75 6.16
N THR A 13 22.11 -15.36 6.78
CA THR A 13 22.22 -14.04 7.40
C THR A 13 21.65 -12.96 6.48
N LEU A 14 21.32 -11.81 7.06
CA LEU A 14 20.78 -10.70 6.29
C LEU A 14 19.53 -11.13 5.52
N SER A 15 18.65 -11.84 6.20
CA SER A 15 17.41 -12.32 5.58
C SER A 15 16.20 -11.92 6.42
N CYS A 16 15.55 -10.83 6.03
CA CYS A 16 14.38 -10.34 6.75
C CYS A 16 13.40 -9.68 5.79
N GLU A 17 12.20 -9.38 6.28
CA GLU A 17 11.17 -8.74 5.46
C GLU A 17 11.79 -7.73 4.49
N PRO A 18 11.17 -7.59 3.32
CA PRO A 18 11.64 -6.65 2.29
C PRO A 18 11.44 -5.20 2.68
N ASP A 19 11.77 -4.29 1.77
CA ASP A 19 11.61 -2.87 2.02
C ASP A 19 10.18 -2.42 1.78
N ILE A 20 9.79 -1.33 2.42
CA ILE A 20 8.44 -0.79 2.28
C ILE A 20 8.25 -0.14 0.91
N PRO A 21 7.40 -0.76 0.08
CA PRO A 21 7.11 -0.26 -1.26
C PRO A 21 6.30 1.03 -1.24
N ASN A 22 6.63 1.95 -2.14
CA ASN A 22 5.93 3.23 -2.21
C ASN A 22 4.42 3.02 -2.26
N PRO A 23 3.67 4.06 -1.85
CA PRO A 23 2.20 4.01 -1.83
C PRO A 23 1.60 3.99 -3.23
N PRO A 24 0.46 3.30 -3.38
CA PRO A 24 -0.24 3.18 -4.67
C PRO A 24 -0.86 4.50 -5.10
N ARG A 25 -0.89 4.74 -6.41
CA ARG A 25 -1.47 5.96 -6.96
C ARG A 25 -2.80 5.67 -7.65
N ILE A 26 -3.52 6.73 -7.99
CA ILE A 26 -4.81 6.60 -8.66
C ILE A 26 -4.67 6.75 -10.16
N ALA A 27 -5.16 5.75 -10.90
CA ALA A 27 -5.08 5.78 -12.35
C ALA A 27 -6.46 6.00 -12.96
N ASN A 28 -7.50 5.74 -12.18
CA ASN A 28 -8.88 5.92 -12.65
C ASN A 28 -9.87 5.67 -11.51
N ARG A 29 -10.58 6.72 -11.11
CA ARG A 29 -11.57 6.61 -10.04
C ARG A 29 -12.93 7.09 -10.50
N THR A 30 -13.97 6.33 -10.18
CA THR A 30 -15.33 6.68 -10.56
C THR A 30 -16.21 6.90 -9.34
N LYS A 31 -17.49 7.15 -9.58
CA LYS A 31 -18.44 7.38 -8.49
C LYS A 31 -18.76 6.07 -7.78
N ASN A 32 -18.54 4.95 -8.47
CA ASN A 32 -18.81 3.64 -7.89
C ASN A 32 -17.67 2.68 -8.17
N SER A 33 -16.44 3.19 -8.13
CA SER A 33 -15.26 2.38 -8.38
C SER A 33 -13.99 3.18 -8.11
N LEU A 34 -12.87 2.47 -7.95
CA LEU A 34 -11.59 3.11 -7.69
C LEU A 34 -10.43 2.23 -8.17
N THR A 35 -9.64 2.76 -9.09
CA THR A 35 -8.50 2.03 -9.63
C THR A 35 -7.20 2.53 -9.04
N LEU A 36 -6.41 1.61 -8.49
CA LEU A 36 -5.12 1.96 -7.88
C LEU A 36 -3.99 1.18 -8.54
N GLN A 37 -2.88 1.86 -8.79
CA GLN A 37 -1.72 1.24 -9.42
C GLN A 37 -0.46 1.47 -8.58
N TRP A 38 0.38 0.44 -8.49
CA TRP A 38 1.61 0.53 -7.72
C TRP A 38 2.73 -0.27 -8.39
N LYS A 39 3.93 -0.19 -7.81
CA LYS A 39 5.08 -0.92 -8.35
C LYS A 39 5.61 -1.92 -7.34
N ALA A 40 6.61 -2.70 -7.75
CA ALA A 40 7.21 -3.69 -6.87
C ALA A 40 8.50 -3.16 -6.25
N PRO A 41 8.64 -3.37 -4.93
CA PRO A 41 9.83 -2.92 -4.18
C PRO A 41 11.08 -3.72 -4.55
N SER A 42 12.22 -3.32 -3.98
CA SER A 42 13.47 -4.00 -4.25
C SER A 42 13.61 -5.25 -3.38
N ASP A 43 13.71 -6.41 -4.03
CA ASP A 43 13.85 -7.67 -3.33
C ASP A 43 15.25 -7.83 -2.75
N ASN A 44 15.47 -7.26 -1.57
CA ASN A 44 16.77 -7.33 -0.91
C ASN A 44 16.91 -8.64 -0.14
N GLY A 45 16.52 -9.75 -0.76
CA GLY A 45 16.62 -11.04 -0.11
C GLY A 45 15.85 -12.12 -0.85
N SER A 46 14.72 -12.52 -0.28
CA SER A 46 13.88 -13.56 -0.88
C SER A 46 12.80 -12.93 -1.76
N LYS A 47 12.52 -13.58 -2.89
CA LYS A 47 11.49 -13.09 -3.81
C LYS A 47 10.18 -12.81 -3.08
N ILE A 48 9.51 -11.74 -3.48
CA ILE A 48 8.24 -11.37 -2.87
C ILE A 48 7.12 -12.29 -3.32
N GLN A 49 6.58 -13.06 -2.38
CA GLN A 49 5.49 -13.99 -2.69
C GLN A 49 4.36 -13.28 -3.43
N ASN A 50 3.69 -12.36 -2.73
CA ASN A 50 2.59 -11.61 -3.32
C ASN A 50 2.37 -10.29 -2.57
N PHE A 51 1.56 -9.43 -3.16
CA PHE A 51 1.26 -8.13 -2.56
C PHE A 51 0.02 -8.21 -1.67
N VAL A 52 0.05 -7.48 -0.55
CA VAL A 52 -1.07 -7.48 0.37
C VAL A 52 -1.64 -6.07 0.54
N LEU A 53 -2.78 -5.83 -0.08
CA LEU A 53 -3.44 -4.52 -0.02
C LEU A 53 -4.53 -4.52 1.05
N GLU A 54 -4.68 -3.38 1.73
CA GLU A 54 -5.70 -3.25 2.77
C GLU A 54 -6.36 -1.88 2.70
N TRP A 55 -7.60 -1.81 3.19
CA TRP A 55 -8.35 -0.56 3.18
C TRP A 55 -9.43 -0.57 4.26
N ASP A 56 -9.99 0.59 4.55
CA ASP A 56 -11.03 0.72 5.56
C ASP A 56 -12.41 0.81 4.91
N GLU A 57 -12.57 0.12 3.78
CA GLU A 57 -13.84 0.13 3.06
C GLU A 57 -14.49 1.51 3.12
N GLY A 58 -13.66 2.55 3.13
CA GLY A 58 -14.18 3.91 3.19
C GLY A 58 -15.23 4.09 4.26
N LYS A 59 -14.92 3.61 5.46
CA LYS A 59 -15.84 3.72 6.59
C LYS A 59 -15.59 5.00 7.38
N GLY A 60 -14.35 5.18 7.83
CA GLY A 60 -14.00 6.36 8.60
C GLY A 60 -13.70 6.05 10.05
N ASN A 61 -13.21 4.83 10.30
CA ASN A 61 -12.88 4.41 11.66
C ASN A 61 -11.40 4.08 11.78
N GLY A 62 -10.85 3.46 10.74
CA GLY A 62 -9.44 3.11 10.75
C GLY A 62 -9.21 1.62 10.80
N GLU A 63 -10.22 0.86 10.37
CA GLU A 63 -10.13 -0.60 10.36
C GLU A 63 -9.62 -1.11 9.02
N PHE A 64 -8.35 -1.49 8.98
CA PHE A 64 -7.73 -2.00 7.76
C PHE A 64 -7.79 -3.53 7.72
N CYS A 65 -8.32 -4.05 6.62
CA CYS A 65 -8.44 -5.50 6.45
C CYS A 65 -7.99 -5.92 5.06
N GLN A 66 -7.66 -7.20 4.91
CA GLN A 66 -7.22 -7.73 3.63
C GLN A 66 -8.22 -7.42 2.53
N CYS A 67 -7.80 -6.60 1.56
CA CYS A 67 -8.66 -6.22 0.45
C CYS A 67 -8.32 -7.03 -0.80
N TYR A 68 -7.05 -7.05 -1.16
CA TYR A 68 -6.60 -7.78 -2.33
C TYR A 68 -5.22 -8.40 -2.10
N MET A 69 -5.08 -9.67 -2.46
CA MET A 69 -3.81 -10.38 -2.28
C MET A 69 -3.50 -11.22 -3.51
N GLY A 70 -2.48 -10.82 -4.26
CA GLY A 70 -2.09 -11.55 -5.44
C GLY A 70 -0.75 -11.08 -6.01
N SER A 71 -0.55 -11.33 -7.30
CA SER A 71 0.69 -10.93 -7.95
C SER A 71 0.53 -9.59 -8.67
N GLN A 72 -0.62 -9.41 -9.32
CA GLN A 72 -0.89 -8.18 -10.04
C GLN A 72 -0.63 -6.96 -9.16
N LYS A 73 -0.24 -5.86 -9.80
CA LYS A 73 0.06 -4.62 -9.07
C LYS A 73 -1.03 -3.58 -9.31
N GLN A 74 -2.22 -4.05 -9.66
CA GLN A 74 -3.35 -3.15 -9.91
C GLN A 74 -4.68 -3.83 -9.59
N PHE A 75 -5.52 -3.14 -8.83
CA PHE A 75 -6.82 -3.69 -8.45
C PHE A 75 -7.87 -2.58 -8.43
N LYS A 76 -8.93 -2.77 -9.20
CA LYS A 76 -10.02 -1.79 -9.27
C LYS A 76 -11.16 -2.19 -8.33
N ILE A 77 -11.34 -1.41 -7.27
CA ILE A 77 -12.39 -1.66 -6.30
C ILE A 77 -13.73 -1.08 -6.76
N THR A 78 -14.62 -1.95 -7.23
CA THR A 78 -15.92 -1.52 -7.71
C THR A 78 -16.96 -1.59 -6.59
N LYS A 79 -18.21 -1.31 -6.94
CA LYS A 79 -19.31 -1.34 -5.96
C LYS A 79 -19.06 -0.35 -4.83
N LEU A 80 -18.76 0.89 -5.20
CA LEU A 80 -18.49 1.94 -4.21
C LEU A 80 -19.46 3.11 -4.39
N SER A 81 -19.27 4.16 -3.60
CA SER A 81 -20.12 5.34 -3.68
C SER A 81 -19.28 6.61 -3.79
N PRO A 82 -19.86 7.65 -4.41
CA PRO A 82 -19.18 8.93 -4.59
C PRO A 82 -19.01 9.69 -3.27
N ALA A 83 -17.89 10.39 -3.14
CA ALA A 83 -17.61 11.16 -1.94
C ALA A 83 -17.39 10.24 -0.73
N MET A 84 -16.67 9.15 -0.96
CA MET A 84 -16.39 8.19 0.09
C MET A 84 -14.89 8.09 0.36
N GLY A 85 -14.42 8.79 1.39
CA GLY A 85 -13.02 8.77 1.73
C GLY A 85 -12.55 7.42 2.22
N CYS A 86 -11.73 6.74 1.42
CA CYS A 86 -11.21 5.44 1.77
C CYS A 86 -9.69 5.42 1.75
N LYS A 87 -9.08 4.81 2.77
CA LYS A 87 -7.63 4.72 2.86
C LYS A 87 -7.14 3.37 2.36
N PHE A 88 -5.88 3.33 1.93
CA PHE A 88 -5.28 2.11 1.43
C PHE A 88 -3.81 2.02 1.81
N ARG A 89 -3.26 0.81 1.77
CA ARG A 89 -1.85 0.59 2.11
C ARG A 89 -1.30 -0.63 1.37
N LEU A 90 -0.10 -0.46 0.80
CA LEU A 90 0.54 -1.54 0.06
C LEU A 90 1.75 -2.06 0.81
N SER A 91 1.96 -3.37 0.77
CA SER A 91 3.08 -4.00 1.44
C SER A 91 3.49 -5.30 0.76
N ALA A 92 4.78 -5.59 0.72
CA ALA A 92 5.28 -6.79 0.10
C ALA A 92 5.68 -7.83 1.15
N ARG A 93 5.24 -9.07 0.96
CA ARG A 93 5.55 -10.14 1.89
C ARG A 93 6.28 -11.27 1.18
N ASN A 94 7.39 -11.70 1.75
CA ASN A 94 8.19 -12.78 1.19
C ASN A 94 8.24 -13.98 2.12
N ASP A 95 8.99 -15.01 1.72
CA ASP A 95 9.13 -16.21 2.54
C ASP A 95 9.27 -15.87 4.02
N TYR A 96 9.86 -14.71 4.28
CA TYR A 96 10.07 -14.26 5.65
C TYR A 96 8.77 -13.73 6.26
N GLY A 97 8.30 -12.60 5.75
CA GLY A 97 7.07 -12.01 6.25
C GLY A 97 6.68 -10.75 5.50
N THR A 98 5.63 -10.08 5.96
CA THR A 98 5.15 -8.86 5.34
C THR A 98 5.95 -7.65 5.80
N SER A 99 6.59 -6.97 4.86
CA SER A 99 7.39 -5.79 5.18
C SER A 99 6.49 -4.60 5.52
N GLY A 100 7.06 -3.63 6.24
CA GLY A 100 6.30 -2.46 6.63
C GLY A 100 5.29 -2.05 5.57
N PHE A 101 4.20 -1.43 6.00
CA PHE A 101 3.16 -0.99 5.08
C PHE A 101 3.41 0.44 4.62
N SER A 102 3.23 0.68 3.33
CA SER A 102 3.44 2.01 2.75
C SER A 102 2.66 3.07 3.54
N GLU A 103 3.07 4.32 3.39
CA GLU A 103 2.41 5.43 4.08
C GLU A 103 0.92 5.46 3.76
N GLU A 104 0.10 5.39 4.81
CA GLU A 104 -1.34 5.41 4.63
C GLU A 104 -1.76 6.52 3.68
N VAL A 105 -2.49 6.15 2.64
CA VAL A 105 -2.97 7.10 1.64
C VAL A 105 -4.48 7.24 1.68
N LEU A 106 -4.95 8.48 1.63
CA LEU A 106 -6.39 8.75 1.65
C LEU A 106 -6.88 9.22 0.29
N TYR A 107 -7.95 8.60 -0.20
CA TYR A 107 -8.52 8.95 -1.50
C TYR A 107 -10.03 9.17 -1.38
N TYR A 108 -10.55 10.03 -2.25
CA TYR A 108 -11.98 10.32 -2.26
C TYR A 108 -12.58 10.12 -3.64
N THR A 109 -13.38 9.06 -3.78
CA THR A 109 -14.02 8.76 -5.06
C THR A 109 -14.45 10.03 -5.77
N SER A 110 -14.53 9.95 -7.10
CA SER A 110 -14.94 11.11 -7.91
C SER A 110 -16.18 11.76 -7.32
N GLY A 111 -16.16 13.09 -7.26
CA GLY A 111 -17.30 13.83 -6.72
C GLY A 111 -17.13 15.32 -6.85
N CYS A 112 -16.33 15.90 -5.97
CA CYS A 112 -16.09 17.35 -5.99
C CYS A 112 -14.62 17.65 -6.26
N SER A 113 -14.37 18.77 -6.94
CA SER A 113 -13.01 19.17 -7.27
C SER A 113 -12.87 20.68 -7.27
N GLY A 114 -11.63 21.17 -7.22
CA GLY A 114 -11.39 22.59 -7.22
C GLY A 114 -11.54 23.21 -8.60
N PRO A 115 -10.85 24.33 -8.83
CA PRO A 115 -10.89 25.05 -10.10
C PRO A 115 -10.20 24.27 -11.23
N SER A 116 -10.95 24.01 -12.31
CA SER A 116 -10.41 23.28 -13.45
C SER A 116 -9.04 23.81 -13.84
N SER A 117 -8.09 22.91 -14.05
CA SER A 117 -6.73 23.29 -14.43
C SER A 117 -6.34 24.61 -13.77
N GLY A 118 -6.66 24.73 -12.49
CA GLY A 118 -6.32 25.95 -11.76
C GLY A 118 -6.27 25.73 -10.27
N GLY A 1 25.45 17.24 32.90
CA GLY A 1 24.79 17.12 31.61
C GLY A 1 25.76 16.86 30.48
N SER A 2 25.66 15.68 29.87
CA SER A 2 26.54 15.32 28.77
C SER A 2 25.84 14.33 27.82
N SER A 3 26.49 14.06 26.69
CA SER A 3 25.94 13.15 25.70
C SER A 3 26.94 12.06 25.34
N GLY A 4 26.45 10.84 25.18
CA GLY A 4 27.32 9.73 24.83
C GLY A 4 28.35 10.10 23.78
N SER A 5 27.89 10.67 22.68
CA SER A 5 28.78 11.07 21.59
C SER A 5 29.72 9.93 21.21
N SER A 6 29.18 8.73 21.15
CA SER A 6 29.96 7.55 20.80
C SER A 6 29.27 6.73 19.71
N GLY A 7 30.07 6.12 18.84
CA GLY A 7 29.51 5.31 17.76
C GLY A 7 29.72 3.83 17.99
N ALA A 8 29.07 3.02 17.16
CA ALA A 8 29.19 1.57 17.27
C ALA A 8 28.92 0.90 15.93
N GLU A 9 29.69 -0.15 15.65
CA GLU A 9 29.54 -0.88 14.39
C GLU A 9 29.03 -2.30 14.65
N ILE A 10 27.73 -2.49 14.46
CA ILE A 10 27.10 -3.79 14.66
C ILE A 10 26.55 -4.35 13.35
N PHE A 11 26.75 -5.64 13.13
CA PHE A 11 26.27 -6.30 11.93
C PHE A 11 25.16 -7.29 12.25
N THR A 12 24.24 -7.48 11.31
CA THR A 12 23.12 -8.40 11.49
C THR A 12 22.98 -9.34 10.29
N THR A 13 22.46 -10.53 10.54
CA THR A 13 22.26 -11.52 9.49
C THR A 13 21.42 -10.95 8.35
N LEU A 14 21.28 -11.72 7.28
CA LEU A 14 20.51 -11.28 6.12
C LEU A 14 19.11 -11.90 6.14
N SER A 15 18.49 -11.92 7.31
CA SER A 15 17.15 -12.49 7.46
C SER A 15 16.19 -11.47 8.08
N CYS A 16 15.46 -10.76 7.25
CA CYS A 16 14.51 -9.76 7.71
C CYS A 16 13.46 -9.46 6.64
N GLU A 17 12.49 -8.61 6.99
CA GLU A 17 11.44 -8.25 6.06
C GLU A 17 11.94 -7.25 5.02
N PRO A 18 11.31 -7.27 3.84
CA PRO A 18 11.69 -6.37 2.74
C PRO A 18 11.32 -4.91 3.02
N ASP A 19 11.92 -4.00 2.27
CA ASP A 19 11.65 -2.58 2.44
C ASP A 19 10.19 -2.25 2.11
N ILE A 20 9.63 -1.30 2.84
CA ILE A 20 8.25 -0.89 2.63
C ILE A 20 8.04 -0.36 1.22
N PRO A 21 7.14 -1.01 0.47
CA PRO A 21 6.82 -0.61 -0.91
C PRO A 21 6.06 0.72 -0.97
N ASN A 22 6.40 1.53 -1.95
CA ASN A 22 5.75 2.84 -2.12
C ASN A 22 4.24 2.68 -2.15
N PRO A 23 3.53 3.75 -1.76
CA PRO A 23 2.06 3.77 -1.72
C PRO A 23 1.45 3.76 -3.12
N PRO A 24 0.29 3.10 -3.26
CA PRO A 24 -0.42 3.00 -4.54
C PRO A 24 -1.01 4.33 -4.97
N ARG A 25 -0.98 4.59 -6.29
CA ARG A 25 -1.51 5.83 -6.84
C ARG A 25 -2.85 5.59 -7.52
N ILE A 26 -3.50 6.67 -7.94
CA ILE A 26 -4.79 6.59 -8.61
C ILE A 26 -4.65 6.77 -10.11
N ALA A 27 -5.19 5.83 -10.87
CA ALA A 27 -5.12 5.89 -12.33
C ALA A 27 -6.51 6.10 -12.94
N ASN A 28 -7.54 5.85 -12.14
CA ASN A 28 -8.91 6.01 -12.60
C ASN A 28 -9.90 5.77 -11.45
N ARG A 29 -10.64 6.81 -11.10
CA ARG A 29 -11.62 6.71 -10.02
C ARG A 29 -12.99 7.16 -10.49
N THR A 30 -14.03 6.44 -10.07
CA THR A 30 -15.40 6.76 -10.45
C THR A 30 -16.28 6.95 -9.22
N LYS A 31 -17.57 7.18 -9.46
CA LYS A 31 -18.52 7.37 -8.37
C LYS A 31 -18.83 6.04 -7.67
N ASN A 32 -18.61 4.95 -8.39
CA ASN A 32 -18.87 3.62 -7.84
C ASN A 32 -17.71 2.68 -8.14
N SER A 33 -16.49 3.19 -8.06
CA SER A 33 -15.30 2.40 -8.34
C SER A 33 -14.02 3.20 -8.03
N LEU A 34 -12.91 2.50 -7.95
CA LEU A 34 -11.62 3.13 -7.67
C LEU A 34 -10.46 2.28 -8.17
N THR A 35 -9.67 2.83 -9.08
CA THR A 35 -8.53 2.12 -9.63
C THR A 35 -7.23 2.60 -9.00
N LEU A 36 -6.42 1.65 -8.51
CA LEU A 36 -5.15 1.98 -7.88
C LEU A 36 -4.01 1.18 -8.52
N GLN A 37 -2.90 1.87 -8.77
CA GLN A 37 -1.74 1.22 -9.38
C GLN A 37 -0.50 1.43 -8.52
N TRP A 38 0.32 0.38 -8.43
CA TRP A 38 1.55 0.44 -7.63
C TRP A 38 2.66 -0.36 -8.29
N LYS A 39 3.87 -0.27 -7.73
CA LYS A 39 5.02 -0.99 -8.26
C LYS A 39 5.60 -1.93 -7.20
N ALA A 40 6.52 -2.79 -7.63
CA ALA A 40 7.16 -3.73 -6.71
C ALA A 40 8.40 -3.11 -6.07
N PRO A 41 8.56 -3.34 -4.76
CA PRO A 41 9.70 -2.82 -4.00
C PRO A 41 11.01 -3.49 -4.38
N SER A 42 12.04 -3.30 -3.55
CA SER A 42 13.34 -3.89 -3.81
C SER A 42 13.50 -5.20 -3.04
N ASP A 43 13.64 -6.30 -3.77
CA ASP A 43 13.80 -7.61 -3.16
C ASP A 43 15.20 -7.77 -2.58
N ASN A 44 15.33 -7.56 -1.28
CA ASN A 44 16.61 -7.68 -0.60
C ASN A 44 16.92 -9.14 -0.26
N GLY A 45 15.96 -9.80 0.38
CA GLY A 45 16.15 -11.19 0.76
C GLY A 45 15.50 -12.15 -0.23
N SER A 46 14.53 -12.91 0.25
CA SER A 46 13.84 -13.88 -0.60
C SER A 46 12.80 -13.18 -1.48
N LYS A 47 12.78 -13.56 -2.75
CA LYS A 47 11.84 -12.97 -3.70
C LYS A 47 10.44 -12.87 -3.09
N ILE A 48 9.87 -11.67 -3.15
CA ILE A 48 8.53 -11.44 -2.62
C ILE A 48 7.53 -12.43 -3.18
N GLN A 49 6.78 -13.08 -2.29
CA GLN A 49 5.78 -14.05 -2.70
C GLN A 49 4.63 -13.38 -3.44
N ASN A 50 3.97 -12.44 -2.76
CA ASN A 50 2.84 -11.72 -3.35
C ASN A 50 2.65 -10.37 -2.67
N PHE A 51 1.66 -9.62 -3.12
CA PHE A 51 1.37 -8.30 -2.56
C PHE A 51 0.10 -8.35 -1.70
N VAL A 52 0.12 -7.60 -0.60
CA VAL A 52 -1.02 -7.55 0.30
C VAL A 52 -1.59 -6.14 0.39
N LEU A 53 -2.82 -5.98 -0.07
CA LEU A 53 -3.48 -4.67 -0.04
C LEU A 53 -4.57 -4.63 1.02
N GLU A 54 -4.77 -3.47 1.63
CA GLU A 54 -5.78 -3.30 2.67
C GLU A 54 -6.40 -1.92 2.60
N TRP A 55 -7.62 -1.79 3.12
CA TRP A 55 -8.32 -0.52 3.12
C TRP A 55 -9.36 -0.47 4.23
N ASP A 56 -9.88 0.72 4.51
CA ASP A 56 -10.87 0.90 5.55
C ASP A 56 -12.29 0.93 4.96
N GLU A 57 -12.48 0.16 3.89
CA GLU A 57 -13.77 0.10 3.22
C GLU A 57 -14.47 1.45 3.26
N GLY A 58 -13.69 2.51 3.10
CA GLY A 58 -14.25 3.86 3.12
C GLY A 58 -15.34 4.02 4.16
N LYS A 59 -15.09 3.52 5.36
CA LYS A 59 -16.04 3.62 6.46
C LYS A 59 -15.72 4.79 7.37
N GLY A 60 -14.45 4.92 7.74
CA GLY A 60 -14.04 6.00 8.61
C GLY A 60 -14.03 5.60 10.07
N ASN A 61 -13.27 4.56 10.40
CA ASN A 61 -13.18 4.08 11.78
C ASN A 61 -11.73 3.91 12.21
N GLY A 62 -10.90 3.41 11.29
CA GLY A 62 -9.49 3.22 11.59
C GLY A 62 -9.10 1.75 11.59
N GLU A 63 -9.81 0.95 10.81
CA GLU A 63 -9.53 -0.47 10.73
C GLU A 63 -9.17 -0.88 9.30
N PHE A 64 -8.16 -1.72 9.17
CA PHE A 64 -7.71 -2.18 7.86
C PHE A 64 -7.85 -3.70 7.74
N CYS A 65 -8.40 -4.16 6.62
CA CYS A 65 -8.59 -5.58 6.39
C CYS A 65 -8.17 -5.96 4.97
N GLN A 66 -7.58 -7.15 4.83
CA GLN A 66 -7.12 -7.62 3.53
C GLN A 66 -8.20 -7.41 2.47
N CYS A 67 -7.86 -6.67 1.42
CA CYS A 67 -8.79 -6.39 0.34
C CYS A 67 -8.39 -7.14 -0.93
N TYR A 68 -7.10 -7.06 -1.27
CA TYR A 68 -6.59 -7.73 -2.47
C TYR A 68 -5.21 -8.31 -2.21
N MET A 69 -5.04 -9.59 -2.52
CA MET A 69 -3.76 -10.26 -2.33
C MET A 69 -3.43 -11.13 -3.53
N GLY A 70 -2.31 -10.82 -4.20
CA GLY A 70 -1.91 -11.59 -5.36
C GLY A 70 -0.61 -11.07 -5.97
N SER A 71 -0.31 -11.52 -7.18
CA SER A 71 0.90 -11.10 -7.86
C SER A 71 0.69 -9.76 -8.57
N GLN A 72 -0.46 -9.61 -9.21
CA GLN A 72 -0.78 -8.38 -9.92
C GLN A 72 -0.46 -7.15 -9.07
N LYS A 73 -0.29 -6.02 -9.73
CA LYS A 73 0.03 -4.77 -9.04
C LYS A 73 -1.06 -3.73 -9.28
N GLN A 74 -2.20 -4.17 -9.81
CA GLN A 74 -3.31 -3.27 -10.09
C GLN A 74 -4.64 -3.93 -9.75
N PHE A 75 -5.48 -3.23 -9.00
CA PHE A 75 -6.78 -3.74 -8.61
C PHE A 75 -7.82 -2.63 -8.55
N LYS A 76 -8.96 -2.86 -9.19
CA LYS A 76 -10.03 -1.87 -9.21
C LYS A 76 -11.15 -2.26 -8.24
N ILE A 77 -11.36 -1.43 -7.23
CA ILE A 77 -12.40 -1.68 -6.23
C ILE A 77 -13.75 -1.14 -6.70
N THR A 78 -14.69 -2.03 -6.95
CA THR A 78 -16.03 -1.64 -7.39
C THR A 78 -17.01 -1.64 -6.24
N LYS A 79 -18.25 -1.23 -6.52
CA LYS A 79 -19.29 -1.18 -5.49
C LYS A 79 -18.98 -0.11 -4.45
N LEU A 80 -18.71 1.10 -4.90
CA LEU A 80 -18.41 2.21 -4.00
C LEU A 80 -19.41 3.34 -4.16
N SER A 81 -19.18 4.44 -3.46
CA SER A 81 -20.07 5.59 -3.52
C SER A 81 -19.27 6.88 -3.75
N PRO A 82 -19.91 7.86 -4.40
CA PRO A 82 -19.29 9.15 -4.71
C PRO A 82 -19.06 9.99 -3.46
N ALA A 83 -18.02 10.82 -3.50
CA ALA A 83 -17.70 11.69 -2.36
C ALA A 83 -17.43 10.86 -1.10
N MET A 84 -16.71 9.76 -1.26
CA MET A 84 -16.38 8.88 -0.14
C MET A 84 -14.86 8.80 0.05
N GLY A 85 -14.43 8.94 1.30
CA GLY A 85 -13.01 8.88 1.60
C GLY A 85 -12.59 7.51 2.11
N CYS A 86 -11.60 6.92 1.45
CA CYS A 86 -11.11 5.60 1.84
C CYS A 86 -9.58 5.58 1.86
N LYS A 87 -9.02 4.89 2.85
CA LYS A 87 -7.57 4.79 2.99
C LYS A 87 -7.06 3.45 2.46
N PHE A 88 -5.85 3.45 1.93
CA PHE A 88 -5.25 2.24 1.38
C PHE A 88 -3.79 2.12 1.79
N ARG A 89 -3.25 0.91 1.73
CA ARG A 89 -1.87 0.66 2.09
C ARG A 89 -1.32 -0.57 1.38
N LEU A 90 -0.09 -0.48 0.89
CA LEU A 90 0.54 -1.59 0.18
C LEU A 90 1.72 -2.14 0.99
N SER A 91 1.93 -3.45 0.89
CA SER A 91 3.02 -4.10 1.61
C SER A 91 3.46 -5.38 0.89
N ALA A 92 4.77 -5.62 0.88
CA ALA A 92 5.31 -6.81 0.23
C ALA A 92 5.71 -7.87 1.26
N ARG A 93 5.25 -9.09 1.04
CA ARG A 93 5.54 -10.19 1.95
C ARG A 93 6.32 -11.29 1.23
N ASN A 94 7.39 -11.77 1.86
CA ASN A 94 8.21 -12.83 1.28
C ASN A 94 8.26 -14.04 2.20
N ASP A 95 9.05 -15.03 1.82
CA ASP A 95 9.19 -16.26 2.60
C ASP A 95 9.32 -15.93 4.09
N TYR A 96 9.91 -14.78 4.39
CA TYR A 96 10.09 -14.35 5.77
C TYR A 96 8.78 -13.88 6.38
N GLY A 97 8.29 -12.73 5.91
CA GLY A 97 7.05 -12.19 6.40
C GLY A 97 6.64 -10.90 5.69
N THR A 98 5.52 -10.34 6.10
CA THR A 98 5.01 -9.11 5.48
C THR A 98 5.77 -7.89 6.00
N SER A 99 6.37 -7.14 5.10
CA SER A 99 7.12 -5.94 5.46
C SER A 99 6.18 -4.80 5.85
N GLY A 100 6.69 -3.86 6.63
CA GLY A 100 5.89 -2.72 7.05
C GLY A 100 4.94 -2.26 5.96
N PHE A 101 3.85 -1.62 6.37
CA PHE A 101 2.86 -1.12 5.43
C PHE A 101 3.19 0.31 4.99
N SER A 102 3.01 0.58 3.70
CA SER A 102 3.29 1.91 3.16
C SER A 102 2.52 2.99 3.92
N GLU A 103 2.74 4.24 3.55
CA GLU A 103 2.07 5.36 4.19
C GLU A 103 0.59 5.39 3.82
N GLU A 104 -0.28 5.41 4.83
CA GLU A 104 -1.72 5.44 4.61
C GLU A 104 -2.10 6.57 3.65
N VAL A 105 -2.67 6.19 2.51
CA VAL A 105 -3.08 7.15 1.50
C VAL A 105 -4.60 7.30 1.46
N LEU A 106 -5.07 8.52 1.67
CA LEU A 106 -6.51 8.79 1.66
C LEU A 106 -6.96 9.28 0.29
N TYR A 107 -7.96 8.61 -0.28
CA TYR A 107 -8.48 8.98 -1.59
C TYR A 107 -9.99 9.21 -1.53
N TYR A 108 -10.49 10.04 -2.44
CA TYR A 108 -11.91 10.35 -2.49
C TYR A 108 -12.46 10.14 -3.90
N THR A 109 -13.45 9.27 -4.02
CA THR A 109 -14.07 8.97 -5.31
C THR A 109 -14.36 10.26 -6.08
N SER A 110 -14.58 10.13 -7.38
CA SER A 110 -14.86 11.27 -8.23
C SER A 110 -15.77 12.27 -7.52
N GLY A 111 -17.02 11.86 -7.28
CA GLY A 111 -17.97 12.73 -6.61
C GLY A 111 -18.41 13.89 -7.47
N CYS A 112 -19.71 13.93 -7.78
CA CYS A 112 -20.27 14.99 -8.61
C CYS A 112 -19.28 15.41 -9.70
N SER A 113 -18.70 14.43 -10.37
CA SER A 113 -17.74 14.69 -11.43
C SER A 113 -18.19 15.86 -12.31
N GLY A 114 -19.47 15.84 -12.69
CA GLY A 114 -20.01 16.90 -13.51
C GLY A 114 -20.46 16.40 -14.88
N PRO A 115 -19.55 16.50 -15.87
CA PRO A 115 -19.84 16.05 -17.24
C PRO A 115 -19.94 14.54 -17.34
N SER A 116 -20.96 14.06 -18.06
CA SER A 116 -21.17 12.64 -18.24
C SER A 116 -21.39 12.30 -19.71
N SER A 117 -20.43 11.60 -20.31
CA SER A 117 -20.52 11.22 -21.71
C SER A 117 -21.47 10.03 -21.90
N GLY A 118 -22.76 10.33 -22.05
CA GLY A 118 -23.74 9.28 -22.22
C GLY A 118 -25.14 9.82 -22.39
N GLY A 1 44.26 13.47 25.82
CA GLY A 1 43.60 12.48 24.99
C GLY A 1 43.67 11.09 25.59
N SER A 2 42.91 10.15 25.00
CA SER A 2 42.88 8.78 25.49
C SER A 2 42.14 7.88 24.51
N SER A 3 42.37 6.57 24.62
CA SER A 3 41.71 5.60 23.75
C SER A 3 41.33 4.35 24.53
N GLY A 4 40.57 3.48 23.88
CA GLY A 4 40.14 2.25 24.52
C GLY A 4 38.78 1.78 24.05
N SER A 5 38.75 1.17 22.87
CA SER A 5 37.51 0.67 22.29
C SER A 5 37.78 -0.40 21.24
N SER A 6 37.01 -1.48 21.30
CA SER A 6 37.16 -2.59 20.36
C SER A 6 36.00 -2.63 19.38
N GLY A 7 36.07 -3.56 18.42
CA GLY A 7 35.02 -3.68 17.43
C GLY A 7 34.26 -4.99 17.56
N ALA A 8 33.41 -5.06 18.58
CA ALA A 8 32.61 -6.27 18.82
C ALA A 8 31.26 -6.18 18.13
N GLU A 9 31.20 -6.67 16.89
CA GLU A 9 29.97 -6.64 16.11
C GLU A 9 29.42 -8.05 15.91
N ILE A 10 28.10 -8.17 15.97
CA ILE A 10 27.44 -9.46 15.80
C ILE A 10 27.15 -9.74 14.33
N PHE A 11 27.34 -11.00 13.92
CA PHE A 11 27.09 -11.39 12.53
C PHE A 11 25.60 -11.45 12.25
N THR A 12 25.00 -10.29 11.98
CA THR A 12 23.57 -10.22 11.69
C THR A 12 23.32 -9.79 10.25
N THR A 13 22.26 -10.31 9.65
CA THR A 13 21.90 -9.99 8.28
C THR A 13 20.52 -9.39 8.19
N LEU A 14 20.27 -8.63 7.12
CA LEU A 14 18.97 -7.99 6.92
C LEU A 14 18.03 -8.91 6.15
N SER A 15 18.05 -10.18 6.49
CA SER A 15 17.19 -11.16 5.83
C SER A 15 15.99 -11.51 6.68
N CYS A 16 15.09 -10.53 6.86
CA CYS A 16 13.90 -10.73 7.66
C CYS A 16 12.66 -10.23 6.93
N GLU A 17 12.79 -9.10 6.27
CA GLU A 17 11.68 -8.50 5.52
C GLU A 17 12.18 -7.49 4.50
N PRO A 18 11.51 -7.42 3.35
CA PRO A 18 11.88 -6.49 2.27
C PRO A 18 11.58 -5.04 2.63
N ASP A 19 11.98 -4.12 1.76
CA ASP A 19 11.75 -2.70 1.99
C ASP A 19 10.29 -2.33 1.77
N ILE A 20 9.88 -1.19 2.32
CA ILE A 20 8.52 -0.73 2.18
C ILE A 20 8.28 -0.07 0.83
N PRO A 21 7.42 -0.68 0.00
CA PRO A 21 7.10 -0.16 -1.33
C PRO A 21 6.26 1.11 -1.27
N ASN A 22 6.59 2.07 -2.13
CA ASN A 22 5.88 3.33 -2.17
C ASN A 22 4.37 3.12 -2.21
N PRO A 23 3.61 4.15 -1.81
CA PRO A 23 2.15 4.09 -1.79
C PRO A 23 1.54 4.05 -3.19
N PRO A 24 0.42 3.33 -3.34
CA PRO A 24 -0.28 3.21 -4.62
C PRO A 24 -0.93 4.51 -5.06
N ARG A 25 -0.93 4.76 -6.36
CA ARG A 25 -1.52 5.98 -6.91
C ARG A 25 -2.87 5.68 -7.57
N ILE A 26 -3.60 6.73 -7.92
CA ILE A 26 -4.90 6.58 -8.56
C ILE A 26 -4.78 6.72 -10.08
N ALA A 27 -5.18 5.67 -10.79
CA ALA A 27 -5.13 5.67 -12.26
C ALA A 27 -6.52 5.86 -12.85
N ASN A 28 -7.55 5.60 -12.05
CA ASN A 28 -8.92 5.74 -12.50
C ASN A 28 -9.90 5.50 -11.35
N ARG A 29 -10.62 6.56 -10.98
CA ARG A 29 -11.59 6.47 -9.89
C ARG A 29 -12.95 6.98 -10.34
N THR A 30 -14.00 6.22 -10.01
CA THR A 30 -15.36 6.58 -10.38
C THR A 30 -16.24 6.77 -9.15
N LYS A 31 -17.51 7.07 -9.37
CA LYS A 31 -18.45 7.27 -8.28
C LYS A 31 -18.71 5.96 -7.54
N ASN A 32 -18.52 4.84 -8.25
CA ASN A 32 -18.74 3.53 -7.66
C ASN A 32 -17.59 2.58 -7.99
N SER A 33 -16.37 3.11 -7.92
CA SER A 33 -15.18 2.33 -8.22
C SER A 33 -13.92 3.11 -7.91
N LEU A 34 -12.79 2.40 -7.83
CA LEU A 34 -11.51 3.04 -7.53
C LEU A 34 -10.35 2.19 -8.04
N THR A 35 -9.53 2.76 -8.92
CA THR A 35 -8.39 2.06 -9.48
C THR A 35 -7.09 2.53 -8.86
N LEU A 36 -6.31 1.59 -8.32
CA LEU A 36 -5.04 1.91 -7.70
C LEU A 36 -3.88 1.17 -8.37
N GLN A 37 -2.83 1.90 -8.69
CA GLN A 37 -1.66 1.31 -9.33
C GLN A 37 -0.40 1.54 -8.51
N TRP A 38 0.45 0.52 -8.43
CA TRP A 38 1.68 0.62 -7.67
C TRP A 38 2.82 -0.11 -8.39
N LYS A 39 4.04 0.13 -7.93
CA LYS A 39 5.22 -0.52 -8.53
C LYS A 39 5.89 -1.45 -7.53
N ALA A 40 6.32 -2.60 -8.02
CA ALA A 40 6.99 -3.59 -7.16
C ALA A 40 8.29 -3.03 -6.61
N PRO A 41 8.49 -3.19 -5.29
CA PRO A 41 9.69 -2.71 -4.61
C PRO A 41 10.94 -3.52 -4.99
N SER A 42 12.05 -3.24 -4.31
CA SER A 42 13.30 -3.94 -4.59
C SER A 42 13.42 -5.19 -3.73
N ASP A 43 13.41 -6.35 -4.38
CA ASP A 43 13.52 -7.62 -3.68
C ASP A 43 14.94 -7.84 -3.15
N ASN A 44 15.19 -7.37 -1.94
CA ASN A 44 16.51 -7.50 -1.33
C ASN A 44 16.55 -8.71 -0.40
N GLY A 45 16.82 -9.89 -0.97
CA GLY A 45 16.88 -11.11 -0.20
C GLY A 45 16.17 -12.26 -0.86
N SER A 46 14.91 -12.06 -1.21
CA SER A 46 14.11 -13.10 -1.85
C SER A 46 12.98 -12.49 -2.67
N LYS A 47 12.46 -13.27 -3.62
CA LYS A 47 11.37 -12.80 -4.48
C LYS A 47 10.06 -12.72 -3.70
N ILE A 48 9.47 -11.53 -3.67
CA ILE A 48 8.21 -11.33 -2.96
C ILE A 48 7.14 -12.29 -3.45
N GLN A 49 6.48 -12.96 -2.51
CA GLN A 49 5.43 -13.92 -2.85
C GLN A 49 4.26 -13.22 -3.51
N ASN A 50 3.57 -12.36 -2.76
CA ASN A 50 2.42 -11.63 -3.28
C ASN A 50 2.29 -10.27 -2.60
N PHE A 51 1.45 -9.41 -3.17
CA PHE A 51 1.23 -8.09 -2.61
C PHE A 51 -0.01 -8.06 -1.72
N VAL A 52 0.15 -7.58 -0.49
CA VAL A 52 -0.95 -7.50 0.45
C VAL A 52 -1.53 -6.09 0.52
N LEU A 53 -2.75 -5.94 0.01
CA LEU A 53 -3.42 -4.64 0.01
C LEU A 53 -4.52 -4.60 1.06
N GLU A 54 -4.70 -3.43 1.68
CA GLU A 54 -5.72 -3.25 2.70
C GLU A 54 -6.35 -1.86 2.61
N TRP A 55 -7.54 -1.72 3.18
CA TRP A 55 -8.25 -0.44 3.16
C TRP A 55 -9.26 -0.36 4.30
N ASP A 56 -9.69 0.84 4.62
CA ASP A 56 -10.67 1.06 5.68
C ASP A 56 -12.09 0.97 5.14
N GLU A 57 -12.26 0.22 4.06
CA GLU A 57 -13.57 0.06 3.44
C GLU A 57 -14.32 1.40 3.39
N GLY A 58 -13.56 2.48 3.31
CA GLY A 58 -14.16 3.80 3.24
C GLY A 58 -15.25 3.99 4.27
N LYS A 59 -14.99 3.54 5.49
CA LYS A 59 -15.96 3.66 6.58
C LYS A 59 -15.66 4.87 7.45
N GLY A 60 -14.41 4.98 7.90
CA GLY A 60 -14.01 6.09 8.74
C GLY A 60 -13.90 5.71 10.20
N ASN A 61 -13.23 4.59 10.47
CA ASN A 61 -13.06 4.12 11.83
C ASN A 61 -11.58 3.89 12.15
N GLY A 62 -10.87 3.29 11.19
CA GLY A 62 -9.45 3.03 11.39
C GLY A 62 -9.14 1.55 11.41
N GLU A 63 -9.93 0.77 10.68
CA GLU A 63 -9.73 -0.68 10.62
C GLU A 63 -9.39 -1.12 9.19
N PHE A 64 -8.13 -1.47 8.97
CA PHE A 64 -7.68 -1.91 7.66
C PHE A 64 -7.77 -3.43 7.53
N CYS A 65 -8.46 -3.89 6.48
CA CYS A 65 -8.63 -5.32 6.25
C CYS A 65 -8.11 -5.71 4.88
N GLN A 66 -7.70 -6.96 4.73
CA GLN A 66 -7.19 -7.46 3.46
C GLN A 66 -8.17 -7.20 2.33
N CYS A 67 -7.85 -6.24 1.47
CA CYS A 67 -8.72 -5.90 0.35
C CYS A 67 -8.37 -6.74 -0.88
N TYR A 68 -7.10 -6.74 -1.26
CA TYR A 68 -6.64 -7.50 -2.41
C TYR A 68 -5.27 -8.11 -2.15
N MET A 69 -5.19 -9.43 -2.32
CA MET A 69 -3.94 -10.16 -2.10
C MET A 69 -3.67 -11.12 -3.25
N GLY A 70 -2.72 -10.75 -4.11
CA GLY A 70 -2.39 -11.60 -5.24
C GLY A 70 -1.02 -11.27 -5.83
N SER A 71 -0.99 -11.02 -7.13
CA SER A 71 0.26 -10.70 -7.81
C SER A 71 0.13 -9.39 -8.59
N GLN A 72 -1.01 -9.21 -9.24
CA GLN A 72 -1.26 -8.00 -10.02
C GLN A 72 -0.92 -6.75 -9.22
N LYS A 73 -0.45 -5.72 -9.90
CA LYS A 73 -0.09 -4.46 -9.25
C LYS A 73 -1.22 -3.45 -9.36
N GLN A 74 -2.19 -3.74 -10.22
CA GLN A 74 -3.34 -2.85 -10.41
C GLN A 74 -4.64 -3.55 -10.04
N PHE A 75 -5.41 -2.91 -9.18
CA PHE A 75 -6.69 -3.47 -8.73
C PHE A 75 -7.78 -2.41 -8.74
N LYS A 76 -8.93 -2.75 -9.32
CA LYS A 76 -10.05 -1.83 -9.39
C LYS A 76 -11.19 -2.28 -8.47
N ILE A 77 -11.34 -1.59 -7.34
CA ILE A 77 -12.39 -1.91 -6.38
C ILE A 77 -13.72 -1.33 -6.81
N THR A 78 -14.61 -2.19 -7.31
CA THR A 78 -15.93 -1.76 -7.75
C THR A 78 -16.95 -1.89 -6.63
N LYS A 79 -18.20 -1.52 -6.93
CA LYS A 79 -19.27 -1.59 -5.94
C LYS A 79 -19.05 -0.60 -4.81
N LEU A 80 -18.64 0.62 -5.17
CA LEU A 80 -18.38 1.66 -4.18
C LEU A 80 -19.38 2.81 -4.34
N SER A 81 -19.20 3.86 -3.54
CA SER A 81 -20.08 5.01 -3.58
C SER A 81 -19.27 6.30 -3.71
N PRO A 82 -19.89 7.33 -4.31
CA PRO A 82 -19.24 8.64 -4.52
C PRO A 82 -19.04 9.40 -3.21
N ALA A 83 -18.03 10.26 -3.18
CA ALA A 83 -17.74 11.04 -1.99
C ALA A 83 -17.54 10.15 -0.77
N MET A 84 -16.75 9.09 -0.95
CA MET A 84 -16.47 8.15 0.13
C MET A 84 -14.96 8.01 0.35
N GLY A 85 -14.43 8.78 1.29
CA GLY A 85 -13.01 8.73 1.58
C GLY A 85 -12.57 7.36 2.06
N CYS A 86 -11.66 6.74 1.32
CA CYS A 86 -11.17 5.41 1.68
C CYS A 86 -9.64 5.39 1.66
N LYS A 87 -9.05 4.79 2.69
CA LYS A 87 -7.60 4.69 2.80
C LYS A 87 -7.11 3.35 2.27
N PHE A 88 -5.84 3.31 1.88
CA PHE A 88 -5.24 2.08 1.36
C PHE A 88 -3.77 1.97 1.77
N ARG A 89 -3.24 0.76 1.73
CA ARG A 89 -1.85 0.52 2.09
C ARG A 89 -1.30 -0.69 1.34
N LEU A 90 -0.07 -0.55 0.84
CA LEU A 90 0.58 -1.63 0.11
C LEU A 90 1.79 -2.17 0.88
N SER A 91 1.97 -3.48 0.86
CA SER A 91 3.08 -4.11 1.54
C SER A 91 3.53 -5.38 0.82
N ALA A 92 4.83 -5.63 0.81
CA ALA A 92 5.39 -6.80 0.15
C ALA A 92 5.77 -7.88 1.17
N ARG A 93 5.33 -9.11 0.91
CA ARG A 93 5.62 -10.22 1.80
C ARG A 93 6.31 -11.35 1.04
N ASN A 94 7.47 -11.77 1.56
CA ASN A 94 8.24 -12.84 0.93
C ASN A 94 8.31 -14.06 1.85
N ASP A 95 9.07 -15.07 1.42
CA ASP A 95 9.23 -16.29 2.21
C ASP A 95 9.38 -15.96 3.69
N TYR A 96 10.07 -14.86 3.98
CA TYR A 96 10.30 -14.44 5.36
C TYR A 96 9.00 -13.95 6.00
N GLY A 97 8.52 -12.81 5.54
CA GLY A 97 7.29 -12.25 6.08
C GLY A 97 6.89 -10.97 5.37
N THR A 98 5.88 -10.28 5.92
CA THR A 98 5.39 -9.04 5.33
C THR A 98 6.20 -7.85 5.82
N SER A 99 6.70 -7.05 4.88
CA SER A 99 7.49 -5.88 5.22
C SER A 99 6.60 -4.71 5.58
N GLY A 100 7.16 -3.76 6.33
CA GLY A 100 6.40 -2.59 6.74
C GLY A 100 5.41 -2.14 5.67
N PHE A 101 4.26 -1.64 6.11
CA PHE A 101 3.23 -1.18 5.19
C PHE A 101 3.51 0.26 4.75
N SER A 102 3.38 0.52 3.46
CA SER A 102 3.61 1.84 2.91
C SER A 102 2.87 2.90 3.71
N GLU A 103 3.12 4.18 3.41
CA GLU A 103 2.47 5.28 4.10
C GLU A 103 0.98 5.31 3.79
N GLU A 104 0.16 5.26 4.83
CA GLU A 104 -1.29 5.27 4.67
C GLU A 104 -1.72 6.44 3.78
N VAL A 105 -2.49 6.12 2.73
CA VAL A 105 -2.97 7.13 1.80
C VAL A 105 -4.47 7.32 1.94
N LEU A 106 -4.95 8.50 1.56
CA LEU A 106 -6.38 8.81 1.62
C LEU A 106 -6.90 9.26 0.27
N TYR A 107 -7.91 8.56 -0.24
CA TYR A 107 -8.49 8.89 -1.53
C TYR A 107 -10.00 9.09 -1.40
N TYR A 108 -10.56 9.89 -2.31
CA TYR A 108 -11.99 10.17 -2.30
C TYR A 108 -12.61 9.90 -3.66
N THR A 109 -13.42 8.84 -3.75
CA THR A 109 -14.07 8.48 -5.00
C THR A 109 -14.52 9.72 -5.78
N SER A 110 -14.61 9.59 -7.09
CA SER A 110 -15.02 10.70 -7.94
C SER A 110 -16.26 11.38 -7.37
N GLY A 111 -16.39 12.68 -7.64
CA GLY A 111 -17.53 13.43 -7.15
C GLY A 111 -17.37 14.92 -7.33
N CYS A 112 -17.78 15.69 -6.32
CA CYS A 112 -17.67 17.15 -6.38
C CYS A 112 -16.29 17.60 -5.94
N SER A 113 -15.52 18.12 -6.89
CA SER A 113 -14.16 18.59 -6.61
C SER A 113 -14.18 20.06 -6.20
N GLY A 114 -14.75 20.90 -7.06
CA GLY A 114 -14.82 22.32 -6.78
C GLY A 114 -16.16 22.73 -6.19
N PRO A 115 -16.12 23.64 -5.20
CA PRO A 115 -17.33 24.12 -4.53
C PRO A 115 -18.19 25.00 -5.45
N SER A 116 -19.17 24.40 -6.10
CA SER A 116 -20.05 25.13 -7.00
C SER A 116 -20.82 26.20 -6.26
N SER A 117 -20.92 27.38 -6.88
CA SER A 117 -21.63 28.51 -6.27
C SER A 117 -22.54 29.18 -7.28
N GLY A 118 -23.62 29.77 -6.78
CA GLY A 118 -24.57 30.44 -7.66
C GLY A 118 -24.41 31.95 -7.63
N GLY A 1 40.74 0.60 32.95
CA GLY A 1 39.84 -0.08 32.03
C GLY A 1 40.47 -1.32 31.42
N SER A 2 41.25 -1.12 30.35
CA SER A 2 41.91 -2.22 29.68
C SER A 2 40.98 -3.43 29.57
N SER A 3 39.76 -3.19 29.10
CA SER A 3 38.78 -4.27 28.96
C SER A 3 38.37 -4.44 27.50
N GLY A 4 38.26 -5.70 27.07
CA GLY A 4 37.89 -5.98 25.70
C GLY A 4 36.46 -5.55 25.39
N SER A 5 35.94 -6.03 24.26
CA SER A 5 34.58 -5.69 23.84
C SER A 5 34.11 -6.61 22.74
N SER A 6 32.80 -6.70 22.57
CA SER A 6 32.21 -7.56 21.54
C SER A 6 30.84 -7.03 21.10
N GLY A 7 30.35 -7.52 19.97
CA GLY A 7 29.06 -7.09 19.47
C GLY A 7 28.13 -8.25 19.18
N ALA A 8 27.43 -8.18 18.06
CA ALA A 8 26.49 -9.23 17.67
C ALA A 8 27.12 -10.14 16.61
N GLU A 9 26.60 -11.36 16.52
CA GLU A 9 27.10 -12.33 15.54
C GLU A 9 26.46 -12.12 14.18
N ILE A 10 26.33 -10.85 13.78
CA ILE A 10 25.73 -10.51 12.50
C ILE A 10 26.72 -9.77 11.61
N PHE A 11 26.79 -10.18 10.34
CA PHE A 11 27.70 -9.55 9.38
C PHE A 11 26.95 -9.10 8.14
N THR A 12 26.38 -7.90 8.20
CA THR A 12 25.62 -7.35 7.09
C THR A 12 24.88 -8.44 6.32
N THR A 13 24.28 -9.37 7.07
CA THR A 13 23.54 -10.47 6.46
C THR A 13 22.47 -9.96 5.52
N LEU A 14 21.88 -10.87 4.75
CA LEU A 14 20.83 -10.51 3.80
C LEU A 14 19.62 -11.42 3.96
N SER A 15 19.10 -11.51 5.19
CA SER A 15 17.95 -12.35 5.47
C SER A 15 16.93 -11.59 6.33
N CYS A 16 16.02 -10.89 5.67
CA CYS A 16 14.99 -10.13 6.37
C CYS A 16 13.91 -9.65 5.41
N GLU A 17 12.81 -9.16 5.95
CA GLU A 17 11.70 -8.67 5.14
C GLU A 17 12.18 -7.62 4.15
N PRO A 18 11.47 -7.50 3.02
CA PRO A 18 11.80 -6.54 1.96
C PRO A 18 11.54 -5.10 2.39
N ASP A 19 12.00 -4.16 1.57
CA ASP A 19 11.81 -2.74 1.87
C ASP A 19 10.35 -2.33 1.66
N ILE A 20 9.90 -1.36 2.44
CA ILE A 20 8.53 -0.87 2.34
C ILE A 20 8.28 -0.21 0.99
N PRO A 21 7.38 -0.82 0.19
CA PRO A 21 7.03 -0.30 -1.14
C PRO A 21 6.23 0.99 -1.06
N ASN A 22 6.52 1.92 -1.97
CA ASN A 22 5.84 3.20 -2.01
C ASN A 22 4.33 3.01 -2.04
N PRO A 23 3.59 4.06 -1.67
CA PRO A 23 2.12 4.05 -1.64
C PRO A 23 1.52 3.98 -3.04
N PRO A 24 0.38 3.30 -3.16
CA PRO A 24 -0.34 3.16 -4.44
C PRO A 24 -0.94 4.47 -4.93
N ARG A 25 -0.91 4.68 -6.24
CA ARG A 25 -1.46 5.90 -6.81
C ARG A 25 -2.78 5.61 -7.54
N ILE A 26 -3.48 6.67 -7.93
CA ILE A 26 -4.75 6.54 -8.61
C ILE A 26 -4.59 6.68 -10.13
N ALA A 27 -5.09 5.70 -10.86
CA ALA A 27 -5.00 5.72 -12.33
C ALA A 27 -6.38 5.81 -12.95
N ASN A 28 -7.41 5.55 -12.16
CA ASN A 28 -8.79 5.60 -12.66
C ASN A 28 -9.77 5.37 -11.51
N ARG A 29 -10.56 6.39 -11.20
CA ARG A 29 -11.54 6.30 -10.13
C ARG A 29 -12.90 6.84 -10.59
N THR A 30 -13.96 6.13 -10.25
CA THR A 30 -15.31 6.53 -10.63
C THR A 30 -16.17 6.78 -9.40
N LYS A 31 -17.44 7.09 -9.63
CA LYS A 31 -18.38 7.35 -8.54
C LYS A 31 -18.64 6.08 -7.74
N ASN A 32 -18.49 4.93 -8.39
CA ASN A 32 -18.70 3.65 -7.73
C ASN A 32 -17.56 2.69 -8.03
N SER A 33 -16.35 3.23 -8.12
CA SER A 33 -15.16 2.42 -8.41
C SER A 33 -13.89 3.20 -8.10
N LEU A 34 -12.80 2.46 -7.88
CA LEU A 34 -11.52 3.08 -7.58
C LEU A 34 -10.36 2.18 -8.03
N THR A 35 -9.52 2.71 -8.91
CA THR A 35 -8.38 1.96 -9.41
C THR A 35 -7.06 2.49 -8.83
N LEU A 36 -6.32 1.62 -8.17
CA LEU A 36 -5.05 2.00 -7.57
C LEU A 36 -3.90 1.23 -8.20
N GLN A 37 -2.90 1.96 -8.71
CA GLN A 37 -1.74 1.35 -9.35
C GLN A 37 -0.49 1.60 -8.53
N TRP A 38 0.28 0.54 -8.30
CA TRP A 38 1.52 0.65 -7.52
C TRP A 38 2.66 -0.05 -8.25
N LYS A 39 3.88 0.15 -7.74
CA LYS A 39 5.06 -0.46 -8.33
C LYS A 39 5.70 -1.45 -7.36
N ALA A 40 6.37 -2.46 -7.92
CA ALA A 40 7.03 -3.47 -7.10
C ALA A 40 8.35 -2.96 -6.55
N PRO A 41 8.57 -3.18 -5.24
CA PRO A 41 9.79 -2.74 -4.56
C PRO A 41 11.02 -3.54 -4.99
N SER A 42 12.09 -3.45 -4.22
CA SER A 42 13.32 -4.16 -4.53
C SER A 42 13.46 -5.42 -3.66
N ASP A 43 13.38 -6.58 -4.30
CA ASP A 43 13.49 -7.86 -3.60
C ASP A 43 14.93 -8.10 -3.16
N ASN A 44 15.32 -7.48 -2.04
CA ASN A 44 16.67 -7.64 -1.52
C ASN A 44 16.89 -9.06 -1.01
N GLY A 45 16.00 -9.53 -0.13
CA GLY A 45 16.12 -10.86 0.40
C GLY A 45 15.72 -11.94 -0.59
N SER A 46 14.40 -12.15 -0.72
CA SER A 46 13.89 -13.16 -1.64
C SER A 46 12.76 -12.58 -2.49
N LYS A 47 12.37 -13.32 -3.52
CA LYS A 47 11.30 -12.90 -4.40
C LYS A 47 10.01 -12.65 -3.63
N ILE A 48 9.42 -11.48 -3.82
CA ILE A 48 8.17 -11.13 -3.15
C ILE A 48 7.04 -12.04 -3.57
N GLN A 49 6.63 -12.94 -2.68
CA GLN A 49 5.54 -13.87 -2.95
C GLN A 49 4.39 -13.17 -3.68
N ASN A 50 3.68 -12.31 -2.96
CA ASN A 50 2.56 -11.58 -3.53
C ASN A 50 2.35 -10.25 -2.82
N PHE A 51 1.55 -9.38 -3.41
CA PHE A 51 1.27 -8.07 -2.84
C PHE A 51 0.02 -8.12 -1.96
N VAL A 52 0.11 -7.53 -0.78
CA VAL A 52 -1.01 -7.51 0.16
C VAL A 52 -1.55 -6.10 0.33
N LEU A 53 -2.77 -5.87 -0.15
CA LEU A 53 -3.40 -4.55 -0.04
C LEU A 53 -4.49 -4.56 1.03
N GLU A 54 -4.72 -3.40 1.63
CA GLU A 54 -5.73 -3.26 2.67
C GLU A 54 -6.39 -1.89 2.63
N TRP A 55 -7.60 -1.79 3.16
CA TRP A 55 -8.33 -0.53 3.19
C TRP A 55 -9.37 -0.52 4.30
N ASP A 56 -9.90 0.66 4.59
CA ASP A 56 -10.91 0.80 5.64
C ASP A 56 -12.32 0.81 5.04
N GLU A 57 -12.49 0.11 3.93
CA GLU A 57 -13.78 0.03 3.26
C GLU A 57 -14.48 1.39 3.27
N GLY A 58 -13.69 2.47 3.27
CA GLY A 58 -14.24 3.80 3.29
C GLY A 58 -15.31 3.97 4.36
N LYS A 59 -14.98 3.55 5.57
CA LYS A 59 -15.92 3.66 6.69
C LYS A 59 -15.62 4.88 7.54
N GLY A 60 -14.36 5.02 7.95
CA GLY A 60 -13.96 6.15 8.76
C GLY A 60 -13.82 5.79 10.24
N ASN A 61 -13.24 4.62 10.50
CA ASN A 61 -13.05 4.17 11.87
C ASN A 61 -11.56 3.95 12.16
N GLY A 62 -10.86 3.35 11.21
CA GLY A 62 -9.44 3.09 11.39
C GLY A 62 -9.12 1.61 11.44
N GLU A 63 -9.89 0.81 10.71
CA GLU A 63 -9.69 -0.62 10.67
C GLU A 63 -9.33 -1.09 9.27
N PHE A 64 -8.09 -1.52 9.08
CA PHE A 64 -7.62 -1.99 7.79
C PHE A 64 -7.64 -3.52 7.73
N CYS A 65 -8.34 -4.05 6.72
CA CYS A 65 -8.44 -5.49 6.54
C CYS A 65 -8.11 -5.89 5.11
N GLN A 66 -7.61 -7.11 4.94
CA GLN A 66 -7.25 -7.61 3.62
C GLN A 66 -8.23 -7.11 2.56
N CYS A 67 -7.69 -6.48 1.52
CA CYS A 67 -8.50 -5.94 0.44
C CYS A 67 -8.20 -6.66 -0.87
N TYR A 68 -6.93 -6.94 -1.11
CA TYR A 68 -6.51 -7.61 -2.33
C TYR A 68 -5.17 -8.31 -2.15
N MET A 69 -5.11 -9.58 -2.52
CA MET A 69 -3.88 -10.36 -2.38
C MET A 69 -3.66 -11.23 -3.62
N GLY A 70 -2.65 -10.86 -4.42
CA GLY A 70 -2.34 -11.62 -5.62
C GLY A 70 -1.01 -11.23 -6.22
N SER A 71 -0.96 -11.14 -7.55
CA SER A 71 0.27 -10.79 -8.24
C SER A 71 0.18 -9.39 -8.85
N GLN A 72 -0.88 -9.17 -9.62
CA GLN A 72 -1.10 -7.87 -10.26
C GLN A 72 -0.70 -6.73 -9.32
N LYS A 73 -0.32 -5.60 -9.91
CA LYS A 73 0.08 -4.44 -9.14
C LYS A 73 -1.02 -3.38 -9.14
N GLN A 74 -2.21 -3.77 -9.57
CA GLN A 74 -3.34 -2.86 -9.61
C GLN A 74 -4.64 -3.58 -9.29
N PHE A 75 -5.53 -2.92 -8.56
CA PHE A 75 -6.82 -3.50 -8.18
C PHE A 75 -7.93 -2.45 -8.23
N LYS A 76 -8.93 -2.68 -9.06
CA LYS A 76 -10.05 -1.76 -9.19
C LYS A 76 -11.21 -2.18 -8.29
N ILE A 77 -11.39 -1.46 -7.20
CA ILE A 77 -12.46 -1.75 -6.25
C ILE A 77 -13.79 -1.18 -6.74
N THR A 78 -14.70 -2.06 -7.14
CA THR A 78 -16.00 -1.63 -7.62
C THR A 78 -17.04 -1.69 -6.51
N LYS A 79 -18.29 -1.40 -6.85
CA LYS A 79 -19.38 -1.42 -5.88
C LYS A 79 -19.12 -0.41 -4.77
N LEU A 80 -18.85 0.83 -5.14
CA LEU A 80 -18.59 1.88 -4.16
C LEU A 80 -19.54 3.06 -4.37
N SER A 81 -19.35 4.11 -3.57
CA SER A 81 -20.20 5.28 -3.66
C SER A 81 -19.35 6.55 -3.80
N PRO A 82 -19.92 7.58 -4.44
CA PRO A 82 -19.24 8.86 -4.66
C PRO A 82 -19.05 9.64 -3.37
N ALA A 83 -17.95 10.38 -3.28
CA ALA A 83 -17.66 11.18 -2.11
C ALA A 83 -17.44 10.29 -0.88
N MET A 84 -16.83 9.14 -1.10
CA MET A 84 -16.57 8.20 -0.01
C MET A 84 -15.08 8.09 0.27
N GLY A 85 -14.58 8.92 1.18
CA GLY A 85 -13.18 8.90 1.52
C GLY A 85 -12.72 7.55 2.04
N CYS A 86 -11.79 6.93 1.33
CA CYS A 86 -11.27 5.61 1.73
C CYS A 86 -9.74 5.61 1.72
N LYS A 87 -9.15 4.88 2.66
CA LYS A 87 -7.70 4.79 2.75
C LYS A 87 -7.22 3.41 2.34
N PHE A 88 -5.96 3.34 1.91
CA PHE A 88 -5.37 2.07 1.49
C PHE A 88 -3.90 1.99 1.88
N ARG A 89 -3.33 0.79 1.78
CA ARG A 89 -1.93 0.58 2.13
C ARG A 89 -1.36 -0.63 1.39
N LEU A 90 -0.13 -0.50 0.90
CA LEU A 90 0.52 -1.57 0.17
C LEU A 90 1.67 -2.16 0.98
N SER A 91 1.88 -3.47 0.85
CA SER A 91 2.95 -4.15 1.58
C SER A 91 3.40 -5.39 0.82
N ALA A 92 4.72 -5.59 0.77
CA ALA A 92 5.29 -6.74 0.08
C ALA A 92 5.74 -7.81 1.08
N ARG A 93 5.33 -9.05 0.82
CA ARG A 93 5.69 -10.17 1.69
C ARG A 93 6.43 -11.25 0.91
N ASN A 94 7.54 -11.71 1.49
CA ASN A 94 8.35 -12.75 0.84
C ASN A 94 8.44 -13.99 1.73
N ASP A 95 9.10 -15.02 1.22
CA ASP A 95 9.26 -16.26 1.97
C ASP A 95 9.44 -15.99 3.45
N TYR A 96 10.12 -14.89 3.77
CA TYR A 96 10.36 -14.51 5.16
C TYR A 96 9.07 -14.04 5.83
N GLY A 97 8.59 -12.88 5.41
CA GLY A 97 7.37 -12.33 5.98
C GLY A 97 6.92 -11.06 5.28
N THR A 98 5.92 -10.40 5.84
CA THR A 98 5.39 -9.17 5.27
C THR A 98 6.19 -7.95 5.73
N SER A 99 6.74 -7.21 4.78
CA SER A 99 7.53 -6.02 5.10
C SER A 99 6.62 -4.87 5.53
N GLY A 100 7.21 -3.92 6.25
CA GLY A 100 6.44 -2.77 6.72
C GLY A 100 5.45 -2.28 5.69
N PHE A 101 4.31 -1.78 6.16
CA PHE A 101 3.27 -1.28 5.26
C PHE A 101 3.58 0.15 4.84
N SER A 102 3.27 0.46 3.58
CA SER A 102 3.51 1.80 3.04
C SER A 102 2.76 2.86 3.86
N GLU A 103 2.97 4.12 3.49
CA GLU A 103 2.32 5.22 4.19
C GLU A 103 0.83 5.27 3.86
N GLU A 104 0.00 5.28 4.90
CA GLU A 104 -1.45 5.32 4.72
C GLU A 104 -1.84 6.42 3.73
N VAL A 105 -2.51 6.03 2.66
CA VAL A 105 -2.96 6.97 1.64
C VAL A 105 -4.47 7.13 1.64
N LEU A 106 -4.92 8.38 1.63
CA LEU A 106 -6.35 8.67 1.63
C LEU A 106 -6.82 9.14 0.24
N TYR A 107 -7.95 8.62 -0.19
CA TYR A 107 -8.51 8.98 -1.49
C TYR A 107 -10.01 9.23 -1.39
N TYR A 108 -10.55 9.98 -2.36
CA TYR A 108 -11.97 10.29 -2.38
C TYR A 108 -12.58 9.98 -3.74
N THR A 109 -13.46 8.98 -3.77
CA THR A 109 -14.11 8.58 -5.01
C THR A 109 -14.51 9.79 -5.85
N SER A 110 -14.68 9.58 -7.15
CA SER A 110 -15.05 10.65 -8.06
C SER A 110 -16.34 11.34 -7.60
N GLY A 111 -16.33 12.67 -7.63
CA GLY A 111 -17.50 13.42 -7.20
C GLY A 111 -17.29 14.92 -7.29
N CYS A 112 -17.29 15.58 -6.14
CA CYS A 112 -17.10 17.02 -6.09
C CYS A 112 -15.63 17.39 -6.33
N SER A 113 -15.40 18.63 -6.76
CA SER A 113 -14.05 19.10 -7.03
C SER A 113 -13.90 20.56 -6.65
N GLY A 114 -12.68 21.08 -6.81
CA GLY A 114 -12.43 22.47 -6.47
C GLY A 114 -11.91 23.27 -7.65
N PRO A 115 -11.22 24.38 -7.36
CA PRO A 115 -10.65 25.25 -8.39
C PRO A 115 -9.50 24.61 -9.14
N SER A 116 -9.50 24.76 -10.46
CA SER A 116 -8.44 24.18 -11.29
C SER A 116 -7.06 24.56 -10.76
N SER A 117 -6.05 23.78 -11.15
CA SER A 117 -4.69 24.03 -10.71
C SER A 117 -3.73 24.02 -11.89
N GLY A 118 -3.25 25.20 -12.27
CA GLY A 118 -2.33 25.31 -13.39
C GLY A 118 -0.88 25.24 -12.95
N GLY A 1 47.93 6.17 28.57
CA GLY A 1 48.95 5.96 27.55
C GLY A 1 48.70 6.79 26.30
N SER A 2 48.66 6.12 25.14
CA SER A 2 48.43 6.80 23.88
C SER A 2 47.42 6.05 23.02
N SER A 3 46.84 6.74 22.05
CA SER A 3 45.86 6.12 21.16
C SER A 3 46.46 4.94 20.41
N GLY A 4 45.59 4.07 19.89
CA GLY A 4 46.06 2.91 19.16
C GLY A 4 45.18 2.59 17.96
N SER A 5 45.79 2.07 16.91
CA SER A 5 45.06 1.73 15.69
C SER A 5 44.36 0.38 15.85
N SER A 6 43.10 0.43 16.28
CA SER A 6 42.31 -0.77 16.48
C SER A 6 40.85 -0.54 16.08
N GLY A 7 40.19 -1.60 15.62
CA GLY A 7 38.81 -1.48 15.22
C GLY A 7 37.96 -2.65 15.70
N ALA A 8 36.83 -2.88 15.04
CA ALA A 8 35.94 -3.97 15.42
C ALA A 8 35.67 -4.88 14.23
N GLU A 9 35.34 -6.15 14.53
CA GLU A 9 35.06 -7.12 13.48
C GLU A 9 33.64 -7.66 13.60
N ILE A 10 32.70 -6.75 13.83
CA ILE A 10 31.29 -7.12 13.97
C ILE A 10 30.53 -6.87 12.66
N PHE A 11 30.00 -7.95 12.08
CA PHE A 11 29.26 -7.85 10.84
C PHE A 11 27.78 -8.16 11.06
N THR A 12 26.92 -7.20 10.72
CA THR A 12 25.49 -7.37 10.89
C THR A 12 24.74 -7.05 9.60
N THR A 13 23.57 -7.66 9.43
CA THR A 13 22.75 -7.43 8.24
C THR A 13 21.27 -7.47 8.57
N LEU A 14 20.44 -7.02 7.63
CA LEU A 14 19.00 -7.02 7.82
C LEU A 14 18.29 -7.83 6.74
N SER A 15 18.12 -9.12 6.99
CA SER A 15 17.47 -10.00 6.03
C SER A 15 16.27 -10.70 6.68
N CYS A 16 15.29 -9.91 7.11
CA CYS A 16 14.09 -10.45 7.75
C CYS A 16 12.84 -10.02 6.99
N GLU A 17 12.93 -8.87 6.31
CA GLU A 17 11.81 -8.35 5.55
C GLU A 17 12.27 -7.30 4.54
N PRO A 18 11.59 -7.25 3.39
CA PRO A 18 11.92 -6.29 2.32
C PRO A 18 11.56 -4.85 2.71
N ASP A 19 12.10 -3.90 1.97
CA ASP A 19 11.83 -2.48 2.22
C ASP A 19 10.38 -2.14 1.91
N ILE A 20 9.76 -1.37 2.78
CA ILE A 20 8.37 -0.96 2.60
C ILE A 20 8.14 -0.37 1.22
N PRO A 21 7.26 -1.00 0.43
CA PRO A 21 6.94 -0.56 -0.93
C PRO A 21 6.16 0.75 -0.94
N ASN A 22 6.50 1.64 -1.87
CA ASN A 22 5.83 2.92 -1.99
C ASN A 22 4.31 2.74 -2.04
N PRO A 23 3.58 3.79 -1.64
CA PRO A 23 2.12 3.78 -1.63
C PRO A 23 1.53 3.79 -3.04
N PRO A 24 0.38 3.12 -3.21
CA PRO A 24 -0.30 3.04 -4.51
C PRO A 24 -0.91 4.37 -4.92
N ARG A 25 -0.92 4.64 -6.22
CA ARG A 25 -1.47 5.88 -6.75
C ARG A 25 -2.79 5.62 -7.47
N ILE A 26 -3.50 6.70 -7.79
CA ILE A 26 -4.78 6.60 -8.48
C ILE A 26 -4.62 6.79 -9.98
N ALA A 27 -5.13 5.84 -10.76
CA ALA A 27 -5.04 5.91 -12.21
C ALA A 27 -6.43 6.04 -12.84
N ASN A 28 -7.46 5.75 -12.06
CA ASN A 28 -8.84 5.83 -12.54
C ASN A 28 -9.82 5.56 -11.42
N ARG A 29 -10.60 6.57 -11.04
CA ARG A 29 -11.57 6.45 -9.98
C ARG A 29 -12.95 6.95 -10.44
N THR A 30 -13.98 6.18 -10.14
CA THR A 30 -15.34 6.54 -10.52
C THR A 30 -16.23 6.73 -9.29
N LYS A 31 -17.50 7.04 -9.53
CA LYS A 31 -18.46 7.24 -8.44
C LYS A 31 -18.70 5.94 -7.69
N ASN A 32 -18.51 4.81 -8.38
CA ASN A 32 -18.71 3.50 -7.78
C ASN A 32 -17.55 2.56 -8.12
N SER A 33 -16.35 3.11 -8.18
CA SER A 33 -15.15 2.33 -8.50
C SER A 33 -13.89 3.10 -8.14
N LEU A 34 -12.80 2.37 -7.95
CA LEU A 34 -11.52 2.97 -7.60
C LEU A 34 -10.36 2.13 -8.11
N THR A 35 -9.56 2.69 -9.01
CA THR A 35 -8.41 2.00 -9.57
C THR A 35 -7.10 2.51 -8.97
N LEU A 36 -6.33 1.60 -8.39
CA LEU A 36 -5.06 1.95 -7.78
C LEU A 36 -3.91 1.16 -8.41
N GLN A 37 -2.81 1.85 -8.70
CA GLN A 37 -1.64 1.21 -9.30
C GLN A 37 -0.42 1.39 -8.42
N TRP A 38 0.42 0.36 -8.38
CA TRP A 38 1.64 0.39 -7.57
C TRP A 38 2.77 -0.37 -8.25
N LYS A 39 3.99 -0.18 -7.75
CA LYS A 39 5.15 -0.86 -8.30
C LYS A 39 5.80 -1.76 -7.27
N ALA A 40 6.71 -2.62 -7.72
CA ALA A 40 7.41 -3.54 -6.83
C ALA A 40 8.65 -2.88 -6.23
N PRO A 41 8.85 -3.07 -4.92
CA PRO A 41 9.99 -2.50 -4.20
C PRO A 41 11.31 -3.17 -4.59
N SER A 42 12.34 -2.96 -3.78
CA SER A 42 13.65 -3.53 -4.04
C SER A 42 13.77 -4.93 -3.43
N ASP A 43 13.90 -5.93 -4.30
CA ASP A 43 14.02 -7.31 -3.85
C ASP A 43 15.42 -7.59 -3.30
N ASN A 44 15.72 -7.01 -2.15
CA ASN A 44 17.02 -7.18 -1.53
C ASN A 44 17.28 -8.65 -1.19
N GLY A 45 16.27 -9.31 -0.62
CA GLY A 45 16.40 -10.71 -0.27
C GLY A 45 15.78 -11.63 -1.30
N SER A 46 14.72 -12.33 -0.92
CA SER A 46 14.04 -13.25 -1.82
C SER A 46 12.95 -12.53 -2.61
N LYS A 47 12.59 -13.11 -3.75
CA LYS A 47 11.55 -12.53 -4.60
C LYS A 47 10.21 -12.50 -3.88
N ILE A 48 9.65 -11.29 -3.74
CA ILE A 48 8.36 -11.13 -3.06
C ILE A 48 7.31 -12.06 -3.65
N GLN A 49 6.70 -12.87 -2.79
CA GLN A 49 5.68 -13.81 -3.22
C GLN A 49 4.52 -13.09 -3.88
N ASN A 50 3.76 -12.32 -3.08
CA ASN A 50 2.62 -11.58 -3.59
C ASN A 50 2.45 -10.26 -2.83
N PHE A 51 1.53 -9.42 -3.31
CA PHE A 51 1.27 -8.14 -2.68
C PHE A 51 0.05 -8.22 -1.76
N VAL A 52 0.14 -7.60 -0.60
CA VAL A 52 -0.96 -7.59 0.37
C VAL A 52 -1.55 -6.20 0.52
N LEU A 53 -2.74 -5.99 -0.02
CA LEU A 53 -3.42 -4.70 0.07
C LEU A 53 -4.40 -4.68 1.24
N GLU A 54 -4.71 -3.48 1.70
CA GLU A 54 -5.63 -3.31 2.82
C GLU A 54 -6.31 -1.94 2.78
N TRP A 55 -7.54 -1.87 3.27
CA TRP A 55 -8.29 -0.62 3.29
C TRP A 55 -9.37 -0.65 4.36
N ASP A 56 -9.87 0.52 4.74
CA ASP A 56 -10.91 0.62 5.75
C ASP A 56 -12.29 0.62 5.10
N GLU A 57 -12.42 -0.10 4.00
CA GLU A 57 -13.69 -0.18 3.29
C GLU A 57 -14.39 1.17 3.28
N GLY A 58 -13.61 2.24 3.25
CA GLY A 58 -14.18 3.59 3.24
C GLY A 58 -15.34 3.73 4.21
N LYS A 59 -15.13 3.29 5.44
CA LYS A 59 -16.16 3.38 6.46
C LYS A 59 -15.96 4.60 7.34
N GLY A 60 -14.71 4.81 7.78
CA GLY A 60 -14.41 5.96 8.63
C GLY A 60 -14.29 5.58 10.09
N ASN A 61 -13.67 4.43 10.35
CA ASN A 61 -13.49 3.96 11.72
C ASN A 61 -12.01 3.86 12.08
N GLY A 62 -11.23 3.31 11.16
CA GLY A 62 -9.80 3.18 11.40
C GLY A 62 -9.37 1.72 11.50
N GLU A 63 -10.07 0.85 10.78
CA GLU A 63 -9.75 -0.56 10.77
C GLU A 63 -9.37 -1.06 9.38
N PHE A 64 -8.11 -1.39 9.20
CA PHE A 64 -7.62 -1.86 7.90
C PHE A 64 -7.69 -3.38 7.82
N CYS A 65 -8.31 -3.87 6.75
CA CYS A 65 -8.45 -5.31 6.54
C CYS A 65 -8.05 -5.70 5.13
N GLN A 66 -7.63 -6.95 4.97
CA GLN A 66 -7.22 -7.45 3.66
C GLN A 66 -8.18 -6.98 2.57
N CYS A 67 -7.66 -6.17 1.64
CA CYS A 67 -8.47 -5.66 0.55
C CYS A 67 -8.29 -6.50 -0.71
N TYR A 68 -7.03 -6.70 -1.11
CA TYR A 68 -6.73 -7.49 -2.30
C TYR A 68 -5.32 -8.09 -2.20
N MET A 69 -5.25 -9.41 -2.36
CA MET A 69 -3.98 -10.11 -2.29
C MET A 69 -3.78 -10.98 -3.52
N GLY A 70 -2.67 -10.76 -4.22
CA GLY A 70 -2.37 -11.52 -5.42
C GLY A 70 -1.05 -11.15 -6.05
N SER A 71 -0.89 -11.44 -7.33
CA SER A 71 0.35 -11.14 -8.04
C SER A 71 0.24 -9.79 -8.76
N GLN A 72 -0.90 -9.56 -9.39
CA GLN A 72 -1.13 -8.32 -10.12
C GLN A 72 -0.69 -7.11 -9.29
N LYS A 73 -0.47 -5.99 -9.95
CA LYS A 73 -0.05 -4.77 -9.28
C LYS A 73 -1.15 -3.71 -9.34
N GLN A 74 -2.22 -4.02 -10.05
CA GLN A 74 -3.34 -3.08 -10.19
C GLN A 74 -4.66 -3.77 -9.81
N PHE A 75 -5.45 -3.10 -8.98
CA PHE A 75 -6.73 -3.63 -8.55
C PHE A 75 -7.80 -2.55 -8.58
N LYS A 76 -8.91 -2.86 -9.26
CA LYS A 76 -10.03 -1.92 -9.37
C LYS A 76 -11.15 -2.29 -8.42
N ILE A 77 -11.26 -1.53 -7.33
CA ILE A 77 -12.30 -1.78 -6.33
C ILE A 77 -13.63 -1.19 -6.77
N THR A 78 -14.57 -2.05 -7.16
CA THR A 78 -15.89 -1.61 -7.59
C THR A 78 -16.89 -1.65 -6.46
N LYS A 79 -18.15 -1.36 -6.76
CA LYS A 79 -19.21 -1.36 -5.76
C LYS A 79 -18.93 -0.33 -4.67
N LEU A 80 -18.62 0.88 -5.08
CA LEU A 80 -18.33 1.96 -4.15
C LEU A 80 -19.35 3.09 -4.28
N SER A 81 -19.19 4.13 -3.47
CA SER A 81 -20.10 5.27 -3.51
C SER A 81 -19.32 6.58 -3.64
N PRO A 82 -19.94 7.58 -4.28
CA PRO A 82 -19.32 8.89 -4.49
C PRO A 82 -19.20 9.68 -3.18
N ALA A 83 -18.10 10.43 -3.06
CA ALA A 83 -17.86 11.23 -1.87
C ALA A 83 -17.62 10.35 -0.65
N MET A 84 -16.89 9.25 -0.85
CA MET A 84 -16.58 8.33 0.23
C MET A 84 -15.08 8.19 0.41
N GLY A 85 -14.55 8.88 1.42
CA GLY A 85 -13.12 8.82 1.69
C GLY A 85 -12.68 7.45 2.18
N CYS A 86 -11.83 6.80 1.40
CA CYS A 86 -11.34 5.47 1.74
C CYS A 86 -9.81 5.44 1.73
N LYS A 87 -9.22 4.85 2.78
CA LYS A 87 -7.77 4.75 2.88
C LYS A 87 -7.28 3.40 2.39
N PHE A 88 -6.01 3.35 1.98
CA PHE A 88 -5.42 2.10 1.48
C PHE A 88 -3.97 1.99 1.92
N ARG A 89 -3.36 0.85 1.63
CA ARG A 89 -1.96 0.61 1.98
C ARG A 89 -1.40 -0.59 1.22
N LEU A 90 -0.13 -0.51 0.86
CA LEU A 90 0.53 -1.59 0.13
C LEU A 90 1.68 -2.17 0.94
N SER A 91 1.87 -3.48 0.83
CA SER A 91 2.94 -4.17 1.55
C SER A 91 3.43 -5.39 0.79
N ALA A 92 4.73 -5.60 0.79
CA ALA A 92 5.33 -6.73 0.09
C ALA A 92 5.74 -7.83 1.07
N ARG A 93 5.36 -9.06 0.76
CA ARG A 93 5.69 -10.20 1.62
C ARG A 93 6.46 -11.26 0.83
N ASN A 94 7.59 -11.69 1.39
CA ASN A 94 8.42 -12.70 0.76
C ASN A 94 8.53 -13.95 1.62
N ASP A 95 9.34 -14.90 1.18
CA ASP A 95 9.54 -16.13 1.93
C ASP A 95 9.79 -15.85 3.41
N TYR A 96 10.19 -14.62 3.71
CA TYR A 96 10.47 -14.23 5.08
C TYR A 96 9.18 -13.79 5.78
N GLY A 97 8.60 -12.69 5.31
CA GLY A 97 7.39 -12.17 5.91
C GLY A 97 6.92 -10.88 5.27
N THR A 98 5.75 -10.40 5.67
CA THR A 98 5.21 -9.17 5.13
C THR A 98 5.90 -7.95 5.72
N SER A 99 6.59 -7.20 4.87
CA SER A 99 7.31 -6.01 5.30
C SER A 99 6.33 -4.90 5.67
N GLY A 100 6.79 -3.98 6.53
CA GLY A 100 5.95 -2.88 6.96
C GLY A 100 5.05 -2.38 5.84
N PHE A 101 3.86 -1.89 6.21
CA PHE A 101 2.91 -1.37 5.24
C PHE A 101 3.22 0.08 4.88
N SER A 102 3.14 0.39 3.59
CA SER A 102 3.41 1.74 3.12
C SER A 102 2.67 2.78 3.96
N GLU A 103 2.91 4.05 3.67
CA GLU A 103 2.29 5.13 4.40
C GLU A 103 0.80 5.24 4.06
N GLU A 104 -0.05 5.12 5.08
CA GLU A 104 -1.49 5.18 4.88
C GLU A 104 -1.85 6.28 3.88
N VAL A 105 -2.55 5.89 2.82
CA VAL A 105 -2.96 6.84 1.79
C VAL A 105 -4.47 7.05 1.80
N LEU A 106 -4.90 8.27 1.48
CA LEU A 106 -6.32 8.60 1.46
C LEU A 106 -6.76 9.02 0.06
N TYR A 107 -8.01 8.72 -0.28
CA TYR A 107 -8.55 9.06 -1.59
C TYR A 107 -10.06 9.30 -1.50
N TYR A 108 -10.60 9.99 -2.51
CA TYR A 108 -12.02 10.28 -2.55
C TYR A 108 -12.58 10.07 -3.95
N THR A 109 -13.47 9.09 -4.08
CA THR A 109 -14.09 8.78 -5.36
C THR A 109 -14.45 10.04 -6.12
N SER A 110 -14.55 9.92 -7.45
CA SER A 110 -14.89 11.07 -8.30
C SER A 110 -15.85 12.01 -7.58
N GLY A 111 -16.80 11.44 -6.85
CA GLY A 111 -17.77 12.25 -6.13
C GLY A 111 -18.22 13.46 -6.91
N CYS A 112 -17.82 14.64 -6.43
CA CYS A 112 -18.18 15.89 -7.10
C CYS A 112 -17.04 16.38 -7.97
N SER A 113 -17.10 16.06 -9.26
CA SER A 113 -16.07 16.46 -10.21
C SER A 113 -16.56 17.61 -11.09
N GLY A 114 -15.62 18.32 -11.70
CA GLY A 114 -15.98 19.43 -12.57
C GLY A 114 -14.88 20.48 -12.65
N PRO A 115 -14.98 21.51 -11.81
CA PRO A 115 -14.01 22.60 -11.77
C PRO A 115 -12.66 22.15 -11.21
N SER A 116 -11.73 23.09 -11.08
CA SER A 116 -10.40 22.80 -10.55
C SER A 116 -9.92 23.91 -9.62
N SER A 117 -8.81 23.66 -8.94
CA SER A 117 -8.24 24.63 -8.02
C SER A 117 -6.72 24.59 -8.06
N GLY A 118 -6.11 25.77 -8.18
CA GLY A 118 -4.67 25.85 -8.22
C GLY A 118 -4.03 25.77 -6.84
N GLY A 1 25.68 14.28 2.29
CA GLY A 1 26.70 13.28 2.53
C GLY A 1 26.11 11.89 2.71
N SER A 2 26.93 10.87 2.48
CA SER A 2 26.49 9.48 2.61
C SER A 2 27.68 8.55 2.81
N SER A 3 27.39 7.32 3.25
CA SER A 3 28.44 6.34 3.48
C SER A 3 28.20 5.09 2.65
N GLY A 4 29.28 4.51 2.13
CA GLY A 4 29.16 3.31 1.33
C GLY A 4 30.32 3.14 0.36
N SER A 5 30.72 1.88 0.14
CA SER A 5 31.83 1.60 -0.76
C SER A 5 31.47 0.47 -1.73
N SER A 6 31.69 0.71 -3.02
CA SER A 6 31.39 -0.28 -4.04
C SER A 6 32.60 -1.15 -4.34
N GLY A 7 33.30 -1.55 -3.29
CA GLY A 7 34.48 -2.39 -3.45
C GLY A 7 34.37 -3.71 -2.72
N ALA A 8 35.51 -4.31 -2.42
CA ALA A 8 35.54 -5.59 -1.70
C ALA A 8 34.98 -5.44 -0.29
N GLU A 9 33.68 -5.65 -0.15
CA GLU A 9 33.02 -5.53 1.15
C GLU A 9 32.05 -6.69 1.38
N ILE A 10 32.28 -7.44 2.45
CA ILE A 10 31.42 -8.58 2.79
C ILE A 10 29.95 -8.22 2.62
N PHE A 11 29.18 -9.15 2.09
CA PHE A 11 27.74 -8.93 1.88
C PHE A 11 27.10 -8.33 3.13
N THR A 12 27.29 -9.00 4.27
CA THR A 12 26.73 -8.53 5.53
C THR A 12 25.31 -8.02 5.34
N THR A 13 24.54 -8.71 4.50
CA THR A 13 23.16 -8.33 4.23
C THR A 13 22.24 -8.79 5.35
N LEU A 14 21.22 -7.99 5.63
CA LEU A 14 20.26 -8.32 6.69
C LEU A 14 19.22 -9.30 6.19
N SER A 15 19.03 -10.39 6.93
CA SER A 15 18.07 -11.42 6.56
C SER A 15 16.79 -11.28 7.38
N CYS A 16 15.89 -10.42 6.92
CA CYS A 16 14.63 -10.20 7.62
C CYS A 16 13.56 -9.67 6.66
N GLU A 17 12.36 -9.44 7.17
CA GLU A 17 11.26 -8.95 6.35
C GLU A 17 11.77 -7.95 5.32
N PRO A 18 11.04 -7.85 4.19
CA PRO A 18 11.39 -6.94 3.10
C PRO A 18 11.19 -5.48 3.48
N ASP A 19 11.39 -4.59 2.51
CA ASP A 19 11.22 -3.16 2.73
C ASP A 19 9.79 -2.72 2.41
N ILE A 20 9.33 -1.68 3.09
CA ILE A 20 7.99 -1.17 2.87
C ILE A 20 7.84 -0.58 1.47
N PRO A 21 6.93 -1.16 0.68
CA PRO A 21 6.68 -0.71 -0.70
C PRO A 21 5.99 0.65 -0.74
N ASN A 22 6.32 1.45 -1.75
CA ASN A 22 5.73 2.77 -1.89
C ASN A 22 4.21 2.69 -1.98
N PRO A 23 3.53 3.79 -1.62
CA PRO A 23 2.07 3.85 -1.65
C PRO A 23 1.51 3.85 -3.07
N PRO A 24 0.36 3.19 -3.25
CA PRO A 24 -0.31 3.09 -4.55
C PRO A 24 -0.88 4.43 -5.02
N ARG A 25 -0.99 4.61 -6.32
CA ARG A 25 -1.52 5.84 -6.89
C ARG A 25 -2.85 5.58 -7.58
N ILE A 26 -3.56 6.67 -7.91
CA ILE A 26 -4.85 6.56 -8.58
C ILE A 26 -4.70 6.68 -10.09
N ALA A 27 -5.22 5.69 -10.82
CA ALA A 27 -5.15 5.69 -12.27
C ALA A 27 -6.54 5.83 -12.89
N ASN A 28 -7.56 5.63 -12.07
CA ASN A 28 -8.94 5.73 -12.54
C ASN A 28 -9.92 5.56 -11.39
N ARG A 29 -10.65 6.63 -11.07
CA ARG A 29 -11.62 6.59 -9.98
C ARG A 29 -12.97 7.13 -10.44
N THR A 30 -14.01 6.32 -10.26
CA THR A 30 -15.36 6.71 -10.67
C THR A 30 -16.24 7.00 -9.45
N LYS A 31 -17.52 7.29 -9.70
CA LYS A 31 -18.46 7.58 -8.62
C LYS A 31 -18.81 6.31 -7.86
N ASN A 32 -18.63 5.17 -8.50
CA ASN A 32 -18.93 3.89 -7.86
C ASN A 32 -17.81 2.88 -8.12
N SER A 33 -16.58 3.36 -8.14
CA SER A 33 -15.43 2.51 -8.38
C SER A 33 -14.13 3.25 -8.06
N LEU A 34 -13.04 2.50 -7.95
CA LEU A 34 -11.74 3.08 -7.65
C LEU A 34 -10.61 2.21 -8.21
N THR A 35 -9.64 2.84 -8.86
CA THR A 35 -8.51 2.12 -9.42
C THR A 35 -7.19 2.56 -8.78
N LEU A 36 -6.39 1.60 -8.35
CA LEU A 36 -5.11 1.88 -7.72
C LEU A 36 -3.99 1.07 -8.36
N GLN A 37 -2.88 1.74 -8.66
CA GLN A 37 -1.74 1.09 -9.28
C GLN A 37 -0.48 1.28 -8.44
N TRP A 38 0.30 0.21 -8.31
CA TRP A 38 1.54 0.27 -7.53
C TRP A 38 2.64 -0.55 -8.20
N LYS A 39 3.86 -0.43 -7.68
CA LYS A 39 5.00 -1.15 -8.23
C LYS A 39 5.61 -2.06 -7.18
N ALA A 40 6.63 -2.82 -7.58
CA ALA A 40 7.30 -3.73 -6.67
C ALA A 40 8.55 -3.08 -6.05
N PRO A 41 8.68 -3.21 -4.72
CA PRO A 41 9.81 -2.65 -3.99
C PRO A 41 11.12 -3.37 -4.29
N SER A 42 12.12 -3.13 -3.45
CA SER A 42 13.43 -3.76 -3.62
C SER A 42 13.48 -5.12 -2.94
N ASP A 43 13.53 -6.18 -3.74
CA ASP A 43 13.58 -7.55 -3.21
C ASP A 43 14.90 -7.80 -2.48
N ASN A 44 14.86 -7.71 -1.16
CA ASN A 44 16.06 -7.93 -0.35
C ASN A 44 15.84 -9.08 0.63
N GLY A 45 16.69 -10.09 0.54
CA GLY A 45 16.58 -11.24 1.43
C GLY A 45 15.91 -12.43 0.76
N SER A 46 14.61 -12.32 0.52
CA SER A 46 13.85 -13.40 -0.11
C SER A 46 12.80 -12.83 -1.06
N LYS A 47 12.81 -13.32 -2.29
CA LYS A 47 11.85 -12.87 -3.30
C LYS A 47 10.46 -12.69 -2.69
N ILE A 48 9.82 -11.57 -3.00
CA ILE A 48 8.48 -11.29 -2.48
C ILE A 48 7.46 -12.26 -3.04
N GLN A 49 6.84 -13.03 -2.16
CA GLN A 49 5.84 -14.01 -2.57
C GLN A 49 4.71 -13.33 -3.34
N ASN A 50 3.97 -12.45 -2.67
CA ASN A 50 2.87 -11.74 -3.30
C ASN A 50 2.60 -10.42 -2.60
N PHE A 51 1.77 -9.57 -3.21
CA PHE A 51 1.43 -8.28 -2.64
C PHE A 51 0.18 -8.38 -1.77
N VAL A 52 0.14 -7.60 -0.70
CA VAL A 52 -1.00 -7.59 0.21
C VAL A 52 -1.55 -6.18 0.39
N LEU A 53 -2.70 -5.92 -0.23
CA LEU A 53 -3.33 -4.61 -0.13
C LEU A 53 -4.36 -4.58 0.99
N GLU A 54 -4.65 -3.38 1.49
CA GLU A 54 -5.62 -3.22 2.58
C GLU A 54 -6.29 -1.85 2.50
N TRP A 55 -7.53 -1.78 2.97
CA TRP A 55 -8.29 -0.54 2.95
C TRP A 55 -9.36 -0.54 4.04
N ASP A 56 -9.73 0.65 4.50
CA ASP A 56 -10.76 0.78 5.52
C ASP A 56 -12.16 0.77 4.91
N GLU A 57 -12.32 -0.02 3.85
CA GLU A 57 -13.62 -0.12 3.18
C GLU A 57 -14.32 1.24 3.14
N GLY A 58 -13.53 2.30 2.96
CA GLY A 58 -14.10 3.64 2.91
C GLY A 58 -15.22 3.83 3.92
N LYS A 59 -14.96 3.45 5.16
CA LYS A 59 -15.95 3.57 6.23
C LYS A 59 -15.66 4.80 7.09
N GLY A 60 -14.40 4.94 7.51
CA GLY A 60 -14.02 6.07 8.34
C GLY A 60 -13.94 5.70 9.81
N ASN A 61 -13.46 4.50 10.09
CA ASN A 61 -13.33 4.03 11.46
C ASN A 61 -11.87 3.81 11.84
N GLY A 62 -11.12 3.20 10.93
CA GLY A 62 -9.72 2.94 11.18
C GLY A 62 -9.39 1.47 11.24
N GLU A 63 -10.12 0.67 10.45
CA GLU A 63 -9.92 -0.77 10.43
C GLU A 63 -9.48 -1.23 9.04
N PHE A 64 -8.23 -1.64 8.91
CA PHE A 64 -7.70 -2.10 7.63
C PHE A 64 -7.77 -3.62 7.53
N CYS A 65 -8.34 -4.11 6.43
CA CYS A 65 -8.46 -5.55 6.22
C CYS A 65 -8.00 -5.93 4.81
N GLN A 66 -7.70 -7.20 4.62
CA GLN A 66 -7.24 -7.70 3.33
C GLN A 66 -8.29 -7.45 2.25
N CYS A 67 -7.86 -6.84 1.15
CA CYS A 67 -8.75 -6.54 0.04
C CYS A 67 -8.27 -7.20 -1.25
N TYR A 68 -6.97 -7.09 -1.51
CA TYR A 68 -6.38 -7.67 -2.71
C TYR A 68 -5.04 -8.31 -2.40
N MET A 69 -4.90 -9.59 -2.74
CA MET A 69 -3.67 -10.32 -2.51
C MET A 69 -3.32 -11.22 -3.69
N GLY A 70 -2.24 -10.87 -4.38
CA GLY A 70 -1.82 -11.65 -5.53
C GLY A 70 -0.57 -11.09 -6.19
N SER A 71 -0.22 -11.64 -7.34
CA SER A 71 0.96 -11.20 -8.07
C SER A 71 0.74 -9.81 -8.68
N GLN A 72 -0.35 -9.68 -9.43
CA GLN A 72 -0.68 -8.40 -10.06
C GLN A 72 -0.48 -7.24 -9.09
N LYS A 73 -0.39 -6.03 -9.63
CA LYS A 73 -0.19 -4.84 -8.81
C LYS A 73 -1.29 -3.81 -9.09
N GLN A 74 -2.36 -4.25 -9.74
CA GLN A 74 -3.47 -3.36 -10.07
C GLN A 74 -4.81 -4.00 -9.66
N PHE A 75 -5.60 -3.26 -8.92
CA PHE A 75 -6.90 -3.74 -8.45
C PHE A 75 -7.94 -2.62 -8.46
N LYS A 76 -9.10 -2.90 -9.02
CA LYS A 76 -10.18 -1.92 -9.09
C LYS A 76 -11.33 -2.30 -8.17
N ILE A 77 -11.63 -1.44 -7.20
CA ILE A 77 -12.70 -1.69 -6.26
C ILE A 77 -14.03 -1.12 -6.77
N THR A 78 -15.02 -1.99 -6.93
CA THR A 78 -16.33 -1.56 -7.41
C THR A 78 -17.36 -1.57 -6.29
N LYS A 79 -18.58 -1.19 -6.61
CA LYS A 79 -19.66 -1.15 -5.62
C LYS A 79 -19.38 -0.08 -4.56
N LEU A 80 -18.91 1.07 -5.00
CA LEU A 80 -18.61 2.18 -4.09
C LEU A 80 -19.53 3.37 -4.35
N SER A 81 -19.31 4.45 -3.60
CA SER A 81 -20.12 5.65 -3.76
C SER A 81 -19.24 6.89 -3.85
N PRO A 82 -19.76 7.94 -4.52
CA PRO A 82 -19.02 9.20 -4.70
C PRO A 82 -18.89 9.97 -3.39
N ALA A 83 -17.78 10.69 -3.25
CA ALA A 83 -17.54 11.49 -2.05
C ALA A 83 -17.30 10.58 -0.84
N MET A 84 -16.70 9.42 -1.08
CA MET A 84 -16.41 8.47 -0.01
C MET A 84 -14.91 8.37 0.24
N GLY A 85 -14.46 9.00 1.32
CA GLY A 85 -13.04 8.97 1.66
C GLY A 85 -12.59 7.61 2.14
N CYS A 86 -11.73 6.96 1.36
CA CYS A 86 -11.22 5.63 1.71
C CYS A 86 -9.70 5.63 1.70
N LYS A 87 -9.11 5.01 2.73
CA LYS A 87 -7.66 4.93 2.84
C LYS A 87 -7.16 3.58 2.34
N PHE A 88 -5.87 3.52 2.04
CA PHE A 88 -5.25 2.28 1.54
C PHE A 88 -3.77 2.23 1.93
N ARG A 89 -3.13 1.11 1.59
CA ARG A 89 -1.72 0.91 1.90
C ARG A 89 -1.18 -0.36 1.24
N LEU A 90 0.09 -0.33 0.86
CA LEU A 90 0.72 -1.49 0.22
C LEU A 90 1.74 -2.11 1.15
N SER A 91 1.93 -3.43 1.01
CA SER A 91 2.88 -4.16 1.84
C SER A 91 3.38 -5.40 1.11
N ALA A 92 4.69 -5.64 1.19
CA ALA A 92 5.31 -6.78 0.54
C ALA A 92 5.65 -7.86 1.55
N ARG A 93 5.31 -9.10 1.25
CA ARG A 93 5.58 -10.23 2.13
C ARG A 93 6.38 -11.31 1.41
N ASN A 94 7.45 -11.77 2.05
CA ASN A 94 8.30 -12.80 1.46
C ASN A 94 8.28 -14.07 2.33
N ASP A 95 9.02 -15.09 1.88
CA ASP A 95 9.10 -16.34 2.60
C ASP A 95 9.31 -16.11 4.10
N TYR A 96 9.84 -14.93 4.42
CA TYR A 96 10.11 -14.57 5.82
C TYR A 96 8.84 -14.07 6.50
N GLY A 97 8.32 -12.95 6.02
CA GLY A 97 7.11 -12.39 6.58
C GLY A 97 6.62 -11.16 5.83
N THR A 98 5.59 -10.51 6.36
CA THR A 98 5.03 -9.33 5.73
C THR A 98 5.63 -8.06 6.32
N SER A 99 6.24 -7.24 5.46
CA SER A 99 6.86 -5.99 5.91
C SER A 99 5.79 -4.93 6.17
N GLY A 100 6.11 -4.00 7.07
CA GLY A 100 5.17 -2.94 7.39
C GLY A 100 4.49 -2.37 6.16
N PHE A 101 3.30 -1.82 6.36
CA PHE A 101 2.54 -1.24 5.25
C PHE A 101 3.02 0.17 4.93
N SER A 102 2.73 0.64 3.73
CA SER A 102 3.14 1.97 3.31
C SER A 102 2.42 3.04 4.11
N GLU A 103 2.71 4.30 3.80
CA GLU A 103 2.09 5.42 4.50
C GLU A 103 0.61 5.54 4.16
N GLU A 104 -0.23 5.48 5.19
CA GLU A 104 -1.67 5.56 4.99
C GLU A 104 -2.03 6.65 3.97
N VAL A 105 -2.58 6.24 2.84
CA VAL A 105 -2.97 7.18 1.79
C VAL A 105 -4.47 7.37 1.75
N LEU A 106 -4.91 8.63 1.82
CA LEU A 106 -6.34 8.94 1.79
C LEU A 106 -6.77 9.37 0.38
N TYR A 107 -7.86 8.80 -0.09
CA TYR A 107 -8.38 9.11 -1.41
C TYR A 107 -9.88 9.37 -1.36
N TYR A 108 -10.38 10.10 -2.36
CA TYR A 108 -11.80 10.43 -2.43
C TYR A 108 -12.34 10.20 -3.84
N THR A 109 -13.23 9.22 -3.97
CA THR A 109 -13.82 8.90 -5.26
C THR A 109 -14.29 10.17 -5.98
N SER A 110 -14.45 10.06 -7.30
CA SER A 110 -14.89 11.20 -8.10
C SER A 110 -16.13 11.85 -7.49
N GLY A 111 -16.16 13.18 -7.52
CA GLY A 111 -17.30 13.89 -6.97
C GLY A 111 -17.23 15.39 -7.22
N CYS A 112 -16.71 16.13 -6.25
CA CYS A 112 -16.59 17.57 -6.37
C CYS A 112 -15.15 17.96 -6.72
N SER A 113 -14.99 18.64 -7.87
CA SER A 113 -13.68 19.06 -8.32
C SER A 113 -13.45 20.54 -8.03
N GLY A 114 -14.42 21.37 -8.41
CA GLY A 114 -14.32 22.80 -8.19
C GLY A 114 -15.67 23.47 -8.06
N PRO A 115 -15.66 24.79 -7.84
CA PRO A 115 -16.89 25.58 -7.70
C PRO A 115 -17.65 25.71 -9.01
N SER A 116 -18.95 25.41 -8.97
CA SER A 116 -19.79 25.50 -10.16
C SER A 116 -19.46 26.74 -10.97
N SER A 117 -19.19 26.54 -12.27
CA SER A 117 -18.86 27.64 -13.15
C SER A 117 -19.94 27.82 -14.23
N GLY A 118 -20.81 28.79 -14.02
CA GLY A 118 -21.88 29.05 -14.98
C GLY A 118 -23.25 28.97 -14.35
N GLY A 1 19.99 -0.82 40.93
CA GLY A 1 19.51 -1.39 39.69
C GLY A 1 20.60 -1.54 38.66
N SER A 2 20.61 -2.68 37.97
CA SER A 2 21.61 -2.95 36.94
C SER A 2 21.17 -4.07 36.02
N SER A 3 21.22 -3.82 34.72
CA SER A 3 20.82 -4.81 33.73
C SER A 3 21.42 -4.49 32.36
N GLY A 4 21.23 -5.42 31.42
CA GLY A 4 21.77 -5.21 30.09
C GLY A 4 21.34 -6.31 29.12
N SER A 5 20.04 -6.41 28.89
CA SER A 5 19.50 -7.43 27.99
C SER A 5 20.08 -7.27 26.59
N SER A 6 20.02 -8.34 25.81
CA SER A 6 20.54 -8.32 24.45
C SER A 6 19.85 -9.39 23.59
N GLY A 7 19.92 -9.21 22.28
CA GLY A 7 19.30 -10.15 21.36
C GLY A 7 19.67 -9.89 19.91
N ALA A 8 20.42 -10.81 19.32
CA ALA A 8 20.84 -10.67 17.93
C ALA A 8 20.17 -11.73 17.05
N GLU A 9 20.45 -11.68 15.75
CA GLU A 9 19.88 -12.62 14.81
C GLU A 9 20.93 -13.66 14.37
N ILE A 10 20.60 -14.93 14.54
CA ILE A 10 21.50 -16.00 14.16
C ILE A 10 22.26 -15.67 12.87
N PHE A 11 23.46 -16.21 12.74
CA PHE A 11 24.28 -15.96 11.55
C PHE A 11 24.10 -17.09 10.53
N THR A 12 24.12 -18.33 11.02
CA THR A 12 23.96 -19.49 10.15
C THR A 12 23.01 -19.19 8.99
N THR A 13 21.90 -18.53 9.31
CA THR A 13 20.91 -18.19 8.29
C THR A 13 20.37 -16.78 8.51
N LEU A 14 20.16 -16.06 7.42
CA LEU A 14 19.65 -14.69 7.49
C LEU A 14 18.35 -14.56 6.71
N SER A 15 17.34 -13.99 7.34
CA SER A 15 16.04 -13.80 6.71
C SER A 15 15.25 -12.69 7.39
N CYS A 16 14.93 -11.65 6.63
CA CYS A 16 14.18 -10.51 7.16
C CYS A 16 13.21 -9.97 6.12
N GLU A 17 12.08 -9.44 6.58
CA GLU A 17 11.08 -8.89 5.68
C GLU A 17 11.70 -7.90 4.70
N PRO A 18 11.07 -7.77 3.52
CA PRO A 18 11.55 -6.87 2.47
C PRO A 18 11.36 -5.41 2.84
N ASP A 19 11.74 -4.51 1.92
CA ASP A 19 11.61 -3.08 2.15
C ASP A 19 10.18 -2.61 1.88
N ILE A 20 9.77 -1.56 2.58
CA ILE A 20 8.43 -1.01 2.42
C ILE A 20 8.28 -0.30 1.08
N PRO A 21 7.41 -0.84 0.22
CA PRO A 21 7.15 -0.26 -1.11
C PRO A 21 6.42 1.08 -1.04
N ASN A 22 6.53 1.86 -2.10
CA ASN A 22 5.87 3.16 -2.16
C ASN A 22 4.36 3.02 -2.21
N PRO A 23 3.64 4.08 -1.82
CA PRO A 23 2.18 4.09 -1.82
C PRO A 23 1.59 4.09 -3.23
N PRO A 24 0.48 3.36 -3.40
CA PRO A 24 -0.20 3.27 -4.70
C PRO A 24 -0.87 4.57 -5.11
N ARG A 25 -0.92 4.83 -6.41
CA ARG A 25 -1.53 6.04 -6.93
C ARG A 25 -2.86 5.73 -7.61
N ILE A 26 -3.58 6.79 -7.98
CA ILE A 26 -4.88 6.63 -8.64
C ILE A 26 -4.74 6.75 -10.15
N ALA A 27 -5.17 5.71 -10.85
CA ALA A 27 -5.09 5.69 -12.32
C ALA A 27 -6.49 5.80 -12.93
N ASN A 28 -7.51 5.55 -12.12
CA ASN A 28 -8.89 5.62 -12.60
C ASN A 28 -9.86 5.39 -11.44
N ARG A 29 -10.67 6.40 -11.15
CA ARG A 29 -11.66 6.31 -10.08
C ARG A 29 -12.98 6.92 -10.50
N THR A 30 -14.07 6.24 -10.16
CA THR A 30 -15.41 6.72 -10.51
C THR A 30 -16.27 6.91 -9.26
N LYS A 31 -17.53 7.27 -9.46
CA LYS A 31 -18.45 7.48 -8.37
C LYS A 31 -18.68 6.19 -7.59
N ASN A 32 -18.53 5.06 -8.27
CA ASN A 32 -18.72 3.75 -7.64
C ASN A 32 -17.59 2.80 -8.02
N SER A 33 -16.37 3.32 -8.05
CA SER A 33 -15.21 2.51 -8.39
C SER A 33 -13.92 3.25 -8.04
N LEU A 34 -12.83 2.49 -7.90
CA LEU A 34 -11.54 3.07 -7.57
C LEU A 34 -10.40 2.20 -8.08
N THR A 35 -9.54 2.75 -8.92
CA THR A 35 -8.40 2.02 -9.47
C THR A 35 -7.09 2.48 -8.84
N LEU A 36 -6.33 1.52 -8.31
CA LEU A 36 -5.06 1.84 -7.68
C LEU A 36 -3.92 1.03 -8.32
N GLN A 37 -2.87 1.72 -8.72
CA GLN A 37 -1.72 1.08 -9.35
C GLN A 37 -0.46 1.25 -8.50
N TRP A 38 0.50 0.36 -8.69
CA TRP A 38 1.76 0.41 -7.94
C TRP A 38 2.82 -0.45 -8.60
N LYS A 39 4.01 -0.49 -8.00
CA LYS A 39 5.11 -1.27 -8.52
C LYS A 39 5.69 -2.19 -7.45
N ALA A 40 6.60 -3.07 -7.85
CA ALA A 40 7.23 -4.00 -6.92
C ALA A 40 8.50 -3.40 -6.32
N PRO A 41 8.64 -3.53 -4.99
CA PRO A 41 9.81 -3.00 -4.27
C PRO A 41 11.07 -3.79 -4.58
N SER A 42 12.16 -3.42 -3.92
CA SER A 42 13.45 -4.09 -4.12
C SER A 42 13.57 -5.31 -3.21
N ASP A 43 13.64 -6.49 -3.82
CA ASP A 43 13.77 -7.73 -3.08
C ASP A 43 15.16 -7.88 -2.48
N ASN A 44 15.34 -7.40 -1.26
CA ASN A 44 16.63 -7.47 -0.58
C ASN A 44 16.82 -8.83 0.08
N GLY A 45 15.90 -9.18 0.97
CA GLY A 45 15.98 -10.46 1.66
C GLY A 45 15.77 -11.64 0.73
N SER A 46 14.58 -11.74 0.17
CA SER A 46 14.25 -12.83 -0.74
C SER A 46 13.13 -12.42 -1.69
N LYS A 47 12.99 -13.17 -2.79
CA LYS A 47 11.96 -12.89 -3.77
C LYS A 47 10.59 -12.75 -3.12
N ILE A 48 9.87 -11.70 -3.49
CA ILE A 48 8.54 -11.45 -2.93
C ILE A 48 7.52 -12.43 -3.50
N GLN A 49 6.71 -13.01 -2.62
CA GLN A 49 5.69 -13.96 -3.03
C GLN A 49 4.51 -13.25 -3.70
N ASN A 50 3.88 -12.35 -2.97
CA ASN A 50 2.74 -11.61 -3.49
C ASN A 50 2.54 -10.30 -2.72
N PHE A 51 1.62 -9.47 -3.20
CA PHE A 51 1.34 -8.19 -2.56
C PHE A 51 0.11 -8.28 -1.68
N VAL A 52 0.07 -7.46 -0.63
CA VAL A 52 -1.06 -7.46 0.30
C VAL A 52 -1.64 -6.06 0.44
N LEU A 53 -2.84 -5.87 -0.12
CA LEU A 53 -3.51 -4.58 -0.06
C LEU A 53 -4.59 -4.58 1.02
N GLU A 54 -4.80 -3.41 1.64
CA GLU A 54 -5.80 -3.28 2.69
C GLU A 54 -6.47 -1.91 2.63
N TRP A 55 -7.69 -1.83 3.15
CA TRP A 55 -8.43 -0.57 3.16
C TRP A 55 -9.48 -0.56 4.27
N ASP A 56 -9.95 0.63 4.63
CA ASP A 56 -10.96 0.76 5.67
C ASP A 56 -12.36 0.80 5.08
N GLU A 57 -12.57 0.04 4.01
CA GLU A 57 -13.86 -0.01 3.35
C GLU A 57 -14.54 1.36 3.39
N GLY A 58 -13.74 2.41 3.21
CA GLY A 58 -14.30 3.76 3.22
C GLY A 58 -15.38 3.93 4.26
N LYS A 59 -15.12 3.47 5.48
CA LYS A 59 -16.10 3.57 6.56
C LYS A 59 -15.77 4.76 7.47
N GLY A 60 -14.53 4.80 7.95
CA GLY A 60 -14.11 5.88 8.81
C GLY A 60 -14.10 5.48 10.28
N ASN A 61 -13.39 4.39 10.58
CA ASN A 61 -13.31 3.90 11.95
C ASN A 61 -11.84 3.75 12.38
N GLY A 62 -11.01 3.26 11.47
CA GLY A 62 -9.60 3.09 11.77
C GLY A 62 -9.19 1.64 11.74
N GLU A 63 -9.83 0.85 10.89
CA GLU A 63 -9.52 -0.57 10.78
C GLU A 63 -9.14 -0.94 9.35
N PHE A 64 -8.13 -1.78 9.21
CA PHE A 64 -7.67 -2.21 7.90
C PHE A 64 -7.79 -3.72 7.74
N CYS A 65 -8.45 -4.15 6.67
CA CYS A 65 -8.65 -5.58 6.42
C CYS A 65 -8.17 -5.94 5.01
N GLN A 66 -7.67 -7.16 4.87
CA GLN A 66 -7.18 -7.64 3.57
C GLN A 66 -8.22 -7.41 2.48
N CYS A 67 -7.88 -6.57 1.51
CA CYS A 67 -8.79 -6.28 0.40
C CYS A 67 -8.41 -7.07 -0.84
N TYR A 68 -7.12 -7.02 -1.21
CA TYR A 68 -6.63 -7.73 -2.38
C TYR A 68 -5.25 -8.32 -2.12
N MET A 69 -5.06 -9.57 -2.52
CA MET A 69 -3.78 -10.25 -2.33
C MET A 69 -3.44 -11.11 -3.55
N GLY A 70 -2.40 -10.71 -4.27
CA GLY A 70 -2.00 -11.46 -5.45
C GLY A 70 -0.72 -10.91 -6.08
N SER A 71 -0.33 -11.49 -7.20
CA SER A 71 0.88 -11.06 -7.90
C SER A 71 0.65 -9.73 -8.61
N GLN A 72 -0.49 -9.61 -9.27
CA GLN A 72 -0.83 -8.39 -10.00
C GLN A 72 -0.57 -7.16 -9.14
N LYS A 73 -0.19 -6.06 -9.80
CA LYS A 73 0.09 -4.81 -9.10
C LYS A 73 -0.96 -3.76 -9.43
N GLN A 74 -2.15 -4.21 -9.80
CA GLN A 74 -3.24 -3.29 -10.14
C GLN A 74 -4.60 -3.92 -9.81
N PHE A 75 -5.39 -3.19 -9.04
CA PHE A 75 -6.72 -3.67 -8.64
C PHE A 75 -7.73 -2.53 -8.64
N LYS A 76 -8.91 -2.81 -9.19
CA LYS A 76 -9.97 -1.81 -9.26
C LYS A 76 -11.14 -2.18 -8.34
N ILE A 77 -11.32 -1.42 -7.27
CA ILE A 77 -12.39 -1.66 -6.32
C ILE A 77 -13.70 -1.06 -6.81
N THR A 78 -14.70 -1.92 -7.02
CA THR A 78 -16.01 -1.47 -7.48
C THR A 78 -17.03 -1.50 -6.35
N LYS A 79 -18.27 -1.15 -6.68
CA LYS A 79 -19.34 -1.14 -5.69
C LYS A 79 -19.07 -0.13 -4.59
N LEU A 80 -18.72 1.09 -4.99
CA LEU A 80 -18.43 2.15 -4.03
C LEU A 80 -19.43 3.30 -4.17
N SER A 81 -19.21 4.36 -3.40
CA SER A 81 -20.10 5.52 -3.44
C SER A 81 -19.29 6.80 -3.67
N PRO A 82 -19.94 7.79 -4.30
CA PRO A 82 -19.31 9.08 -4.59
C PRO A 82 -19.07 9.91 -3.33
N ALA A 83 -18.05 10.77 -3.37
CA ALA A 83 -17.72 11.62 -2.24
C ALA A 83 -17.44 10.79 -0.99
N MET A 84 -16.69 9.70 -1.17
CA MET A 84 -16.34 8.81 -0.06
C MET A 84 -14.83 8.75 0.13
N GLY A 85 -14.40 8.90 1.38
CA GLY A 85 -12.97 8.86 1.67
C GLY A 85 -12.53 7.50 2.18
N CYS A 86 -11.69 6.83 1.40
CA CYS A 86 -11.18 5.51 1.79
C CYS A 86 -9.66 5.48 1.75
N LYS A 87 -9.07 4.89 2.78
CA LYS A 87 -7.61 4.79 2.88
C LYS A 87 -7.14 3.40 2.46
N PHE A 88 -5.90 3.33 1.96
CA PHE A 88 -5.32 2.06 1.53
C PHE A 88 -3.86 1.97 1.93
N ARG A 89 -3.32 0.75 1.90
CA ARG A 89 -1.92 0.52 2.26
C ARG A 89 -1.34 -0.64 1.47
N LEU A 90 -0.12 -0.46 0.97
CA LEU A 90 0.56 -1.48 0.19
C LEU A 90 1.74 -2.06 0.96
N SER A 91 1.93 -3.37 0.85
CA SER A 91 3.03 -4.04 1.54
C SER A 91 3.43 -5.32 0.80
N ALA A 92 4.73 -5.59 0.76
CA ALA A 92 5.24 -6.77 0.09
C ALA A 92 5.63 -7.85 1.10
N ARG A 93 5.28 -9.09 0.80
CA ARG A 93 5.59 -10.21 1.69
C ARG A 93 6.36 -11.30 0.93
N ASN A 94 7.33 -11.89 1.61
CA ASN A 94 8.15 -12.95 1.01
C ASN A 94 8.05 -14.23 1.81
N ASP A 95 8.78 -15.25 1.39
CA ASP A 95 8.78 -16.54 2.07
C ASP A 95 8.94 -16.35 3.57
N TYR A 96 9.56 -15.25 3.98
CA TYR A 96 9.77 -14.95 5.39
C TYR A 96 8.51 -14.37 6.02
N GLY A 97 8.16 -13.15 5.62
CA GLY A 97 6.98 -12.50 6.15
C GLY A 97 6.62 -11.23 5.40
N THR A 98 5.69 -10.46 5.94
CA THR A 98 5.25 -9.22 5.32
C THR A 98 6.05 -8.03 5.85
N SER A 99 6.55 -7.20 4.94
CA SER A 99 7.33 -6.02 5.32
C SER A 99 6.41 -4.87 5.69
N GLY A 100 6.92 -3.95 6.52
CA GLY A 100 6.14 -2.81 6.93
C GLY A 100 5.23 -2.30 5.83
N PHE A 101 4.06 -1.80 6.22
CA PHE A 101 3.09 -1.28 5.26
C PHE A 101 3.44 0.16 4.87
N SER A 102 3.32 0.45 3.57
CA SER A 102 3.63 1.78 3.06
C SER A 102 2.86 2.85 3.85
N GLU A 103 3.03 4.10 3.44
CA GLU A 103 2.36 5.21 4.10
C GLU A 103 0.88 5.26 3.71
N GLU A 104 0.01 5.35 4.71
CA GLU A 104 -1.42 5.41 4.48
C GLU A 104 -1.79 6.57 3.56
N VAL A 105 -2.64 6.31 2.59
CA VAL A 105 -3.06 7.34 1.64
C VAL A 105 -4.57 7.49 1.64
N LEU A 106 -5.05 8.72 1.78
CA LEU A 106 -6.48 9.00 1.78
C LEU A 106 -6.96 9.47 0.41
N TYR A 107 -7.84 8.69 -0.20
CA TYR A 107 -8.37 9.01 -1.51
C TYR A 107 -9.87 9.29 -1.44
N TYR A 108 -10.38 10.03 -2.42
CA TYR A 108 -11.80 10.36 -2.46
C TYR A 108 -12.36 10.12 -3.86
N THR A 109 -13.30 9.18 -3.95
CA THR A 109 -13.93 8.85 -5.22
C THR A 109 -14.28 10.10 -6.01
N SER A 110 -14.44 9.95 -7.32
CA SER A 110 -14.77 11.08 -8.18
C SER A 110 -15.76 12.02 -7.50
N GLY A 111 -16.78 11.45 -6.88
CA GLY A 111 -17.77 12.25 -6.20
C GLY A 111 -18.19 13.46 -7.00
N CYS A 112 -18.28 14.61 -6.33
CA CYS A 112 -18.67 15.85 -6.99
C CYS A 112 -17.47 16.79 -7.14
N SER A 113 -17.08 17.04 -8.38
CA SER A 113 -15.95 17.92 -8.65
C SER A 113 -16.31 18.98 -9.68
N GLY A 114 -15.90 20.21 -9.44
CA GLY A 114 -16.20 21.31 -10.35
C GLY A 114 -14.94 21.93 -10.92
N PRO A 115 -14.34 22.86 -10.16
CA PRO A 115 -13.13 23.57 -10.58
C PRO A 115 -11.91 22.64 -10.60
N SER A 116 -11.62 22.09 -11.77
CA SER A 116 -10.48 21.18 -11.92
C SER A 116 -9.16 21.96 -11.82
N SER A 117 -8.48 21.80 -10.69
CA SER A 117 -7.21 22.47 -10.46
C SER A 117 -7.22 23.86 -11.08
N GLY A 118 -8.32 24.58 -10.90
CA GLY A 118 -8.44 25.92 -11.45
C GLY A 118 -8.23 27.00 -10.41
N GLY A 1 46.41 7.96 36.03
CA GLY A 1 46.63 6.64 35.44
C GLY A 1 46.13 6.56 34.02
N SER A 2 46.03 5.33 33.51
CA SER A 2 45.56 5.11 32.15
C SER A 2 44.20 4.42 32.13
N SER A 3 43.45 4.61 31.06
CA SER A 3 42.13 4.01 30.93
C SER A 3 42.18 2.78 30.04
N GLY A 4 42.59 2.97 28.78
CA GLY A 4 42.68 1.87 27.86
C GLY A 4 41.65 1.96 26.74
N SER A 5 41.49 0.88 25.98
CA SER A 5 40.54 0.85 24.87
C SER A 5 40.20 -0.58 24.49
N SER A 6 38.93 -0.94 24.63
CA SER A 6 38.47 -2.28 24.30
C SER A 6 37.32 -2.23 23.29
N GLY A 7 37.57 -2.74 22.09
CA GLY A 7 36.55 -2.76 21.07
C GLY A 7 36.27 -4.15 20.53
N ALA A 8 35.10 -4.69 20.88
CA ALA A 8 34.72 -6.02 20.43
C ALA A 8 34.17 -5.98 19.00
N GLU A 9 34.25 -7.11 18.31
CA GLU A 9 33.76 -7.20 16.95
C GLU A 9 32.47 -8.01 16.88
N ILE A 10 31.34 -7.32 17.06
CA ILE A 10 30.04 -7.97 17.03
C ILE A 10 29.44 -7.91 15.62
N PHE A 11 29.44 -9.05 14.94
CA PHE A 11 28.89 -9.13 13.60
C PHE A 11 27.65 -10.02 13.57
N THR A 12 26.55 -9.45 13.10
CA THR A 12 25.28 -10.19 13.02
C THR A 12 24.88 -10.43 11.57
N THR A 13 24.19 -11.54 11.33
CA THR A 13 23.74 -11.89 9.99
C THR A 13 22.79 -10.84 9.43
N LEU A 14 22.40 -11.00 8.17
CA LEU A 14 21.49 -10.06 7.52
C LEU A 14 20.20 -10.76 7.10
N SER A 15 19.11 -10.47 7.80
CA SER A 15 17.82 -11.07 7.49
C SER A 15 16.68 -10.23 8.05
N CYS A 16 15.93 -9.61 7.15
CA CYS A 16 14.80 -8.76 7.55
C CYS A 16 13.78 -8.66 6.43
N GLU A 17 12.64 -8.02 6.73
CA GLU A 17 11.58 -7.85 5.75
C GLU A 17 12.04 -6.96 4.58
N PRO A 18 11.40 -7.13 3.42
CA PRO A 18 11.72 -6.35 2.23
C PRO A 18 11.32 -4.88 2.36
N ASP A 19 12.19 -3.99 1.90
CA ASP A 19 11.92 -2.55 1.97
C ASP A 19 10.44 -2.27 1.77
N ILE A 20 9.97 -1.17 2.34
CA ILE A 20 8.57 -0.79 2.21
C ILE A 20 8.28 -0.21 0.82
N PRO A 21 7.35 -0.86 0.10
CA PRO A 21 6.97 -0.43 -1.25
C PRO A 21 6.18 0.87 -1.24
N ASN A 22 6.46 1.73 -2.21
CA ASN A 22 5.79 3.02 -2.32
C ASN A 22 4.27 2.83 -2.35
N PRO A 23 3.54 3.87 -1.90
CA PRO A 23 2.08 3.84 -1.88
C PRO A 23 1.47 3.88 -3.27
N PRO A 24 0.31 3.22 -3.44
CA PRO A 24 -0.40 3.17 -4.73
C PRO A 24 -1.01 4.51 -5.09
N ARG A 25 -1.12 4.76 -6.40
CA ARG A 25 -1.69 6.01 -6.89
C ARG A 25 -3.02 5.76 -7.60
N ILE A 26 -3.70 6.84 -7.95
CA ILE A 26 -4.99 6.75 -8.64
C ILE A 26 -4.82 6.91 -10.14
N ALA A 27 -5.22 5.89 -10.90
CA ALA A 27 -5.12 5.93 -12.35
C ALA A 27 -6.49 6.03 -12.99
N ASN A 28 -7.53 5.76 -12.21
CA ASN A 28 -8.90 5.82 -12.70
C ASN A 28 -9.89 5.58 -11.57
N ARG A 29 -10.67 6.62 -11.25
CA ARG A 29 -11.66 6.52 -10.17
C ARG A 29 -13.02 7.03 -10.65
N THR A 30 -14.08 6.36 -10.22
CA THR A 30 -15.44 6.75 -10.60
C THR A 30 -16.30 7.00 -9.37
N LYS A 31 -17.57 7.34 -9.61
CA LYS A 31 -18.50 7.59 -8.51
C LYS A 31 -18.72 6.35 -7.68
N ASN A 32 -18.55 5.18 -8.29
CA ASN A 32 -18.72 3.91 -7.60
C ASN A 32 -17.59 2.94 -7.94
N SER A 33 -16.36 3.46 -7.94
CA SER A 33 -15.19 2.65 -8.25
C SER A 33 -13.90 3.40 -7.92
N LEU A 34 -12.81 2.66 -7.83
CA LEU A 34 -11.51 3.26 -7.52
C LEU A 34 -10.37 2.37 -8.01
N THR A 35 -9.64 2.84 -9.01
CA THR A 35 -8.52 2.09 -9.57
C THR A 35 -7.19 2.57 -9.00
N LEU A 36 -6.44 1.66 -8.38
CA LEU A 36 -5.16 2.00 -7.79
C LEU A 36 -4.04 1.19 -8.45
N GLN A 37 -2.93 1.87 -8.74
CA GLN A 37 -1.79 1.22 -9.37
C GLN A 37 -0.53 1.44 -8.55
N TRP A 38 0.30 0.40 -8.47
CA TRP A 38 1.54 0.47 -7.71
C TRP A 38 2.65 -0.34 -8.38
N LYS A 39 3.88 -0.13 -7.94
CA LYS A 39 5.03 -0.85 -8.50
C LYS A 39 5.61 -1.82 -7.48
N ALA A 40 6.64 -2.57 -7.90
CA ALA A 40 7.28 -3.53 -7.01
C ALA A 40 8.54 -2.94 -6.39
N PRO A 41 8.68 -3.12 -5.06
CA PRO A 41 9.83 -2.61 -4.32
C PRO A 41 11.12 -3.35 -4.65
N SER A 42 12.13 -3.19 -3.81
CA SER A 42 13.41 -3.85 -4.01
C SER A 42 13.47 -5.19 -3.28
N ASP A 43 13.50 -6.28 -4.04
CA ASP A 43 13.54 -7.61 -3.46
C ASP A 43 14.95 -7.93 -2.96
N ASN A 44 15.13 -7.90 -1.64
CA ASN A 44 16.42 -8.18 -1.03
C ASN A 44 16.34 -9.40 -0.12
N GLY A 45 17.16 -10.42 -0.42
CA GLY A 45 17.16 -11.62 0.39
C GLY A 45 16.39 -12.75 -0.27
N SER A 46 15.12 -12.50 -0.60
CA SER A 46 14.28 -13.50 -1.22
C SER A 46 13.10 -12.86 -1.93
N LYS A 47 12.93 -13.16 -3.21
CA LYS A 47 11.83 -12.61 -3.99
C LYS A 47 10.56 -12.50 -3.15
N ILE A 48 9.68 -11.59 -3.55
CA ILE A 48 8.43 -11.37 -2.83
C ILE A 48 7.36 -12.36 -3.30
N GLN A 49 6.76 -13.06 -2.35
CA GLN A 49 5.72 -14.03 -2.66
C GLN A 49 4.56 -13.37 -3.40
N ASN A 50 3.89 -12.43 -2.72
CA ASN A 50 2.77 -11.72 -3.32
C ASN A 50 2.54 -10.38 -2.63
N PHE A 51 1.64 -9.58 -3.19
CA PHE A 51 1.34 -8.27 -2.63
C PHE A 51 0.05 -8.32 -1.80
N VAL A 52 0.09 -7.66 -0.63
CA VAL A 52 -1.08 -7.64 0.24
C VAL A 52 -1.59 -6.21 0.42
N LEU A 53 -2.81 -5.96 -0.05
CA LEU A 53 -3.41 -4.64 0.06
C LEU A 53 -4.53 -4.64 1.10
N GLU A 54 -4.68 -3.52 1.80
CA GLU A 54 -5.71 -3.40 2.83
C GLU A 54 -6.36 -2.02 2.77
N TRP A 55 -7.59 -1.93 3.25
CA TRP A 55 -8.32 -0.67 3.25
C TRP A 55 -9.42 -0.67 4.32
N ASP A 56 -9.86 0.51 4.72
CA ASP A 56 -10.90 0.64 5.73
C ASP A 56 -12.29 0.65 5.08
N GLU A 57 -12.42 -0.05 3.96
CA GLU A 57 -13.68 -0.11 3.24
C GLU A 57 -14.38 1.25 3.24
N GLY A 58 -13.58 2.31 3.28
CA GLY A 58 -14.14 3.65 3.29
C GLY A 58 -15.28 3.80 4.28
N LYS A 59 -15.07 3.33 5.51
CA LYS A 59 -16.09 3.41 6.55
C LYS A 59 -15.87 4.64 7.42
N GLY A 60 -14.69 4.74 8.03
CA GLY A 60 -14.38 5.87 8.88
C GLY A 60 -14.21 5.48 10.33
N ASN A 61 -13.50 4.38 10.56
CA ASN A 61 -13.25 3.89 11.91
C ASN A 61 -11.77 3.62 12.13
N GLY A 62 -11.11 3.04 11.13
CA GLY A 62 -9.70 2.75 11.23
C GLY A 62 -9.42 1.25 11.23
N GLU A 63 -10.37 0.47 10.71
CA GLU A 63 -10.22 -0.97 10.65
C GLU A 63 -9.72 -1.40 9.28
N PHE A 64 -8.44 -1.78 9.21
CA PHE A 64 -7.85 -2.23 7.96
C PHE A 64 -7.88 -3.75 7.84
N CYS A 65 -8.41 -4.24 6.72
CA CYS A 65 -8.51 -5.67 6.49
C CYS A 65 -8.00 -6.02 5.09
N GLN A 66 -7.84 -7.32 4.84
CA GLN A 66 -7.37 -7.80 3.55
C GLN A 66 -8.32 -7.39 2.43
N CYS A 67 -7.82 -6.63 1.46
CA CYS A 67 -8.63 -6.17 0.34
C CYS A 67 -8.27 -6.93 -0.94
N TYR A 68 -6.98 -6.95 -1.25
CA TYR A 68 -6.50 -7.65 -2.45
C TYR A 68 -5.15 -8.31 -2.19
N MET A 69 -5.05 -9.58 -2.56
CA MET A 69 -3.81 -10.33 -2.37
C MET A 69 -3.45 -11.12 -3.64
N GLY A 70 -2.31 -10.79 -4.23
CA GLY A 70 -1.88 -11.47 -5.44
C GLY A 70 -0.62 -10.86 -6.02
N SER A 71 -0.15 -11.43 -7.13
CA SER A 71 1.05 -10.95 -7.80
C SER A 71 0.78 -9.63 -8.51
N GLN A 72 -0.40 -9.51 -9.10
CA GLN A 72 -0.77 -8.29 -9.82
C GLN A 72 -0.55 -7.06 -8.95
N LYS A 73 -0.24 -5.95 -9.60
CA LYS A 73 -0.01 -4.69 -8.89
C LYS A 73 -1.09 -3.67 -9.21
N GLN A 74 -2.29 -4.16 -9.54
CA GLN A 74 -3.41 -3.29 -9.87
C GLN A 74 -4.73 -3.93 -9.47
N PHE A 75 -5.59 -3.14 -8.83
CA PHE A 75 -6.90 -3.63 -8.39
C PHE A 75 -7.93 -2.53 -8.43
N LYS A 76 -9.07 -2.80 -9.08
CA LYS A 76 -10.15 -1.83 -9.20
C LYS A 76 -11.28 -2.17 -8.25
N ILE A 77 -11.45 -1.37 -7.20
CA ILE A 77 -12.50 -1.59 -6.22
C ILE A 77 -13.82 -0.96 -6.68
N THR A 78 -14.75 -1.81 -7.10
CA THR A 78 -16.05 -1.34 -7.57
C THR A 78 -17.09 -1.40 -6.46
N LYS A 79 -18.32 -1.05 -6.79
CA LYS A 79 -19.40 -1.05 -5.82
C LYS A 79 -19.14 -0.07 -4.69
N LEU A 80 -18.80 1.17 -5.06
CA LEU A 80 -18.52 2.21 -4.08
C LEU A 80 -19.45 3.40 -4.27
N SER A 81 -19.25 4.44 -3.47
CA SER A 81 -20.08 5.63 -3.55
C SER A 81 -19.22 6.88 -3.72
N PRO A 82 -19.81 7.91 -4.35
CA PRO A 82 -19.12 9.18 -4.59
C PRO A 82 -18.87 9.97 -3.31
N ALA A 83 -17.78 10.74 -3.30
CA ALA A 83 -17.43 11.54 -2.14
C ALA A 83 -17.15 10.66 -0.92
N MET A 84 -16.51 9.52 -1.16
CA MET A 84 -16.17 8.59 -0.10
C MET A 84 -14.66 8.45 0.05
N GLY A 85 -14.15 8.88 1.21
CA GLY A 85 -12.72 8.80 1.45
C GLY A 85 -12.30 7.45 1.98
N CYS A 86 -11.47 6.75 1.21
CA CYS A 86 -11.00 5.42 1.60
C CYS A 86 -9.47 5.39 1.66
N LYS A 87 -8.94 4.72 2.69
CA LYS A 87 -7.50 4.62 2.86
C LYS A 87 -6.99 3.29 2.31
N PHE A 88 -5.80 3.32 1.72
CA PHE A 88 -5.19 2.12 1.16
C PHE A 88 -3.71 2.04 1.53
N ARG A 89 -3.25 0.81 1.80
CA ARG A 89 -1.85 0.58 2.17
C ARG A 89 -1.29 -0.63 1.44
N LEU A 90 -0.08 -0.49 0.91
CA LEU A 90 0.57 -1.57 0.19
C LEU A 90 1.77 -2.10 0.97
N SER A 91 1.90 -3.43 1.02
CA SER A 91 3.01 -4.05 1.74
C SER A 91 3.46 -5.33 1.01
N ALA A 92 4.77 -5.53 0.99
CA ALA A 92 5.35 -6.71 0.33
C ALA A 92 5.77 -7.75 1.36
N ARG A 93 5.40 -9.00 1.12
CA ARG A 93 5.73 -10.09 2.02
C ARG A 93 6.56 -11.16 1.30
N ASN A 94 7.69 -11.52 1.88
CA ASN A 94 8.57 -12.53 1.29
C ASN A 94 8.75 -13.71 2.24
N ASP A 95 9.61 -14.65 1.85
CA ASP A 95 9.88 -15.83 2.67
C ASP A 95 9.99 -15.45 4.14
N TYR A 96 10.42 -14.22 4.41
CA TYR A 96 10.57 -13.74 5.77
C TYR A 96 9.22 -13.36 6.36
N GLY A 97 8.60 -12.31 5.82
CA GLY A 97 7.32 -11.87 6.31
C GLY A 97 6.85 -10.59 5.64
N THR A 98 5.67 -10.12 6.02
CA THR A 98 5.11 -8.90 5.45
C THR A 98 5.84 -7.66 5.97
N SER A 99 6.56 -7.00 5.06
CA SER A 99 7.31 -5.80 5.43
C SER A 99 6.37 -4.65 5.77
N GLY A 100 6.85 -3.70 6.57
CA GLY A 100 6.04 -2.56 6.94
C GLY A 100 5.09 -2.14 5.85
N PHE A 101 3.95 -1.58 6.24
CA PHE A 101 2.94 -1.14 5.28
C PHE A 101 3.21 0.30 4.86
N SER A 102 3.24 0.52 3.55
CA SER A 102 3.49 1.86 3.00
C SER A 102 2.63 2.91 3.71
N GLU A 103 2.88 4.17 3.40
CA GLU A 103 2.14 5.26 4.01
C GLU A 103 0.67 5.24 3.59
N GLU A 104 -0.22 5.16 4.57
CA GLU A 104 -1.66 5.12 4.29
C GLU A 104 -2.08 6.32 3.44
N VAL A 105 -2.72 6.05 2.32
CA VAL A 105 -3.18 7.10 1.42
C VAL A 105 -4.70 7.17 1.38
N LEU A 106 -5.24 8.34 1.69
CA LEU A 106 -6.69 8.54 1.69
C LEU A 106 -7.16 9.15 0.38
N TYR A 107 -7.90 8.37 -0.40
CA TYR A 107 -8.41 8.85 -1.69
C TYR A 107 -9.91 9.09 -1.62
N TYR A 108 -10.38 10.06 -2.38
CA TYR A 108 -11.81 10.39 -2.41
C TYR A 108 -12.39 10.17 -3.80
N THR A 109 -13.27 9.18 -3.92
CA THR A 109 -13.89 8.85 -5.20
C THR A 109 -14.26 10.12 -5.96
N SER A 110 -14.43 9.99 -7.28
CA SER A 110 -14.77 11.13 -8.12
C SER A 110 -16.02 11.84 -7.60
N GLY A 111 -16.14 13.12 -7.93
CA GLY A 111 -17.29 13.89 -7.48
C GLY A 111 -17.18 15.36 -7.84
N CYS A 112 -17.50 16.23 -6.89
CA CYS A 112 -17.44 17.66 -7.12
C CYS A 112 -16.26 18.02 -8.01
N SER A 113 -16.56 18.58 -9.19
CA SER A 113 -15.54 18.97 -10.15
C SER A 113 -15.15 20.43 -9.97
N GLY A 114 -13.86 20.72 -10.14
CA GLY A 114 -13.39 22.09 -9.99
C GLY A 114 -12.45 22.49 -11.11
N PRO A 115 -11.73 23.61 -10.91
CA PRO A 115 -10.77 24.12 -11.88
C PRO A 115 -9.54 23.23 -12.02
N SER A 116 -9.43 22.24 -11.13
CA SER A 116 -8.30 21.32 -11.15
C SER A 116 -8.44 20.29 -12.27
N SER A 117 -7.35 20.01 -12.95
CA SER A 117 -7.35 19.05 -14.04
C SER A 117 -6.42 17.87 -13.74
N GLY A 118 -6.69 16.73 -14.38
CA GLY A 118 -5.87 15.56 -14.17
C GLY A 118 -5.27 15.03 -15.46
N GLY A 1 12.57 21.12 25.61
CA GLY A 1 12.81 20.68 24.25
C GLY A 1 13.49 19.34 24.19
N SER A 2 13.83 18.90 22.98
CA SER A 2 14.50 17.62 22.79
C SER A 2 15.36 17.64 21.53
N SER A 3 16.56 17.07 21.63
CA SER A 3 17.49 17.02 20.51
C SER A 3 16.96 16.10 19.41
N GLY A 4 16.04 15.21 19.78
CA GLY A 4 15.47 14.28 18.81
C GLY A 4 16.27 13.01 18.69
N SER A 5 15.58 11.88 18.68
CA SER A 5 16.23 10.58 18.57
C SER A 5 16.96 10.45 17.23
N SER A 6 16.25 10.77 16.15
CA SER A 6 16.83 10.69 14.82
C SER A 6 17.75 9.48 14.70
N GLY A 7 17.28 8.33 15.18
CA GLY A 7 18.07 7.11 15.12
C GLY A 7 17.58 6.16 14.05
N ALA A 8 18.51 5.40 13.47
CA ALA A 8 18.16 4.44 12.42
C ALA A 8 18.84 3.09 12.66
N GLU A 9 18.44 2.09 11.90
CA GLU A 9 19.02 0.75 12.03
C GLU A 9 19.58 0.27 10.70
N ILE A 10 20.80 0.70 10.38
CA ILE A 10 21.44 0.31 9.14
C ILE A 10 22.49 -0.78 9.38
N PHE A 11 22.17 -2.00 8.95
CA PHE A 11 23.07 -3.13 9.11
C PHE A 11 22.52 -4.37 8.41
N THR A 12 23.35 -4.97 7.56
CA THR A 12 22.96 -6.16 6.82
C THR A 12 22.02 -7.03 7.64
N THR A 13 20.80 -7.22 7.14
CA THR A 13 19.81 -8.03 7.83
C THR A 13 19.84 -9.47 7.33
N LEU A 14 19.55 -10.40 8.23
CA LEU A 14 19.54 -11.82 7.88
C LEU A 14 18.15 -12.42 8.07
N SER A 15 17.63 -13.03 6.99
CA SER A 15 16.31 -13.64 7.03
C SER A 15 15.29 -12.69 7.67
N CYS A 16 15.20 -11.49 7.14
CA CYS A 16 14.28 -10.49 7.66
C CYS A 16 13.27 -10.07 6.59
N GLU A 17 12.21 -9.39 7.01
CA GLU A 17 11.18 -8.93 6.08
C GLU A 17 11.75 -7.90 5.11
N PRO A 18 11.13 -7.81 3.92
CA PRO A 18 11.55 -6.86 2.88
C PRO A 18 11.26 -5.41 3.26
N ASP A 19 11.84 -4.48 2.51
CA ASP A 19 11.63 -3.06 2.77
C ASP A 19 10.20 -2.65 2.47
N ILE A 20 9.74 -1.58 3.11
CA ILE A 20 8.38 -1.10 2.92
C ILE A 20 8.21 -0.49 1.53
N PRO A 21 7.29 -1.08 0.75
CA PRO A 21 7.00 -0.60 -0.61
C PRO A 21 6.31 0.75 -0.63
N ASN A 22 6.34 1.41 -1.79
CA ASN A 22 5.71 2.72 -1.93
C ASN A 22 4.19 2.58 -2.05
N PRO A 23 3.47 3.65 -1.67
CA PRO A 23 2.01 3.67 -1.73
C PRO A 23 1.48 3.70 -3.16
N PRO A 24 0.31 3.07 -3.37
CA PRO A 24 -0.32 3.01 -4.69
C PRO A 24 -0.86 4.36 -5.14
N ARG A 25 -0.88 4.57 -6.45
CA ARG A 25 -1.37 5.83 -7.01
C ARG A 25 -2.77 5.66 -7.61
N ILE A 26 -3.35 6.75 -8.07
CA ILE A 26 -4.68 6.73 -8.66
C ILE A 26 -4.60 6.75 -10.18
N ALA A 27 -5.19 5.74 -10.82
CA ALA A 27 -5.20 5.65 -12.27
C ALA A 27 -6.60 5.84 -12.82
N ASN A 28 -7.60 5.77 -11.94
CA ASN A 28 -8.98 5.93 -12.35
C ASN A 28 -9.90 6.00 -11.13
N ARG A 29 -10.63 7.11 -11.00
CA ARG A 29 -11.54 7.30 -9.88
C ARG A 29 -12.98 7.42 -10.37
N THR A 30 -13.84 6.58 -9.83
CA THR A 30 -15.26 6.59 -10.21
C THR A 30 -16.16 6.51 -8.99
N LYS A 31 -17.34 7.08 -9.08
CA LYS A 31 -18.31 7.06 -7.99
C LYS A 31 -18.86 5.66 -7.77
N ASN A 32 -18.40 4.72 -8.58
CA ASN A 32 -18.85 3.32 -8.47
C ASN A 32 -17.65 2.37 -8.42
N SER A 33 -16.46 2.92 -8.61
CA SER A 33 -15.24 2.11 -8.58
C SER A 33 -14.02 2.97 -8.25
N LEU A 34 -12.89 2.32 -8.01
CA LEU A 34 -11.66 3.03 -7.68
C LEU A 34 -10.44 2.20 -8.08
N THR A 35 -9.76 2.62 -9.14
CA THR A 35 -8.58 1.92 -9.61
C THR A 35 -7.33 2.41 -8.89
N LEU A 36 -6.44 1.47 -8.54
CA LEU A 36 -5.21 1.80 -7.84
C LEU A 36 -4.05 0.96 -8.37
N GLN A 37 -3.00 1.64 -8.84
CA GLN A 37 -1.82 0.96 -9.37
C GLN A 37 -0.60 1.24 -8.51
N TRP A 38 0.25 0.23 -8.34
CA TRP A 38 1.45 0.36 -7.54
C TRP A 38 2.64 -0.31 -8.22
N LYS A 39 3.82 -0.19 -7.61
CA LYS A 39 5.02 -0.78 -8.16
C LYS A 39 5.64 -1.78 -7.18
N ALA A 40 6.72 -2.41 -7.59
CA ALA A 40 7.41 -3.39 -6.75
C ALA A 40 8.64 -2.77 -6.08
N PRO A 41 8.78 -3.00 -4.77
CA PRO A 41 9.90 -2.48 -3.98
C PRO A 41 11.22 -3.15 -4.34
N SER A 42 12.22 -2.96 -3.49
CA SER A 42 13.54 -3.53 -3.73
C SER A 42 13.64 -4.92 -3.11
N ASP A 43 13.77 -5.94 -3.95
CA ASP A 43 13.87 -7.31 -3.49
C ASP A 43 15.24 -7.59 -2.90
N ASN A 44 15.45 -7.16 -1.66
CA ASN A 44 16.73 -7.36 -0.99
C ASN A 44 16.92 -8.83 -0.59
N GLY A 45 15.94 -9.37 0.13
CA GLY A 45 16.01 -10.75 0.56
C GLY A 45 15.47 -11.70 -0.48
N SER A 46 14.41 -12.42 -0.13
CA SER A 46 13.80 -13.39 -1.05
C SER A 46 12.77 -12.71 -1.94
N LYS A 47 12.34 -13.42 -2.97
CA LYS A 47 11.35 -12.89 -3.91
C LYS A 47 9.99 -12.74 -3.22
N ILE A 48 9.46 -11.52 -3.24
CA ILE A 48 8.17 -11.24 -2.62
C ILE A 48 7.08 -12.13 -3.22
N GLN A 49 6.54 -13.03 -2.40
CA GLN A 49 5.49 -13.94 -2.85
C GLN A 49 4.40 -13.17 -3.61
N ASN A 50 3.63 -12.37 -2.87
CA ASN A 50 2.56 -11.59 -3.48
C ASN A 50 2.41 -10.24 -2.78
N PHE A 51 1.49 -9.41 -3.28
CA PHE A 51 1.25 -8.10 -2.70
C PHE A 51 -0.02 -8.10 -1.87
N VAL A 52 0.08 -7.62 -0.64
CA VAL A 52 -1.06 -7.57 0.27
C VAL A 52 -1.58 -6.14 0.41
N LEU A 53 -2.77 -5.88 -0.11
CA LEU A 53 -3.37 -4.56 -0.03
C LEU A 53 -4.39 -4.48 1.10
N GLU A 54 -4.55 -3.30 1.68
CA GLU A 54 -5.49 -3.09 2.77
C GLU A 54 -6.21 -1.75 2.63
N TRP A 55 -7.44 -1.70 3.12
CA TRP A 55 -8.23 -0.47 3.05
C TRP A 55 -9.31 -0.46 4.12
N ASP A 56 -9.72 0.73 4.53
CA ASP A 56 -10.75 0.88 5.56
C ASP A 56 -12.14 0.80 4.94
N GLU A 57 -12.29 -0.03 3.91
CA GLU A 57 -13.57 -0.19 3.24
C GLU A 57 -14.31 1.13 3.15
N GLY A 58 -13.56 2.22 3.09
CA GLY A 58 -14.16 3.54 3.01
C GLY A 58 -15.32 3.71 3.98
N LYS A 59 -15.11 3.27 5.22
CA LYS A 59 -16.14 3.38 6.25
C LYS A 59 -15.95 4.64 7.08
N GLY A 60 -14.70 4.91 7.47
CA GLY A 60 -14.42 6.10 8.26
C GLY A 60 -14.30 5.78 9.75
N ASN A 61 -13.63 4.68 10.06
CA ASN A 61 -13.45 4.27 11.45
C ASN A 61 -11.97 4.10 11.78
N GLY A 62 -11.24 3.45 10.88
CA GLY A 62 -9.82 3.23 11.09
C GLY A 62 -9.48 1.76 11.18
N GLU A 63 -10.18 0.93 10.42
CA GLU A 63 -9.94 -0.51 10.43
C GLU A 63 -9.51 -1.00 9.05
N PHE A 64 -8.24 -1.32 8.91
CA PHE A 64 -7.70 -1.80 7.64
C PHE A 64 -7.79 -3.33 7.55
N CYS A 65 -8.32 -3.81 6.44
CA CYS A 65 -8.48 -5.25 6.22
C CYS A 65 -8.01 -5.64 4.82
N GLN A 66 -7.56 -6.88 4.68
CA GLN A 66 -7.09 -7.38 3.40
C GLN A 66 -8.16 -7.21 2.32
N CYS A 67 -7.83 -6.47 1.28
CA CYS A 67 -8.76 -6.23 0.18
C CYS A 67 -8.33 -6.99 -1.08
N TYR A 68 -7.07 -6.85 -1.43
CA TYR A 68 -6.53 -7.52 -2.62
C TYR A 68 -5.20 -8.19 -2.31
N MET A 69 -5.08 -9.45 -2.66
CA MET A 69 -3.86 -10.21 -2.43
C MET A 69 -3.50 -11.05 -3.64
N GLY A 70 -2.33 -10.78 -4.23
CA GLY A 70 -1.90 -11.52 -5.40
C GLY A 70 -0.65 -10.92 -6.03
N SER A 71 -0.25 -11.48 -7.16
CA SER A 71 0.93 -10.99 -7.87
C SER A 71 0.65 -9.67 -8.57
N GLN A 72 -0.43 -9.64 -9.35
CA GLN A 72 -0.81 -8.44 -10.08
C GLN A 72 -0.58 -7.20 -9.22
N LYS A 73 -0.09 -6.14 -9.87
CA LYS A 73 0.19 -4.88 -9.18
C LYS A 73 -0.90 -3.85 -9.48
N GLN A 74 -2.12 -4.32 -9.71
CA GLN A 74 -3.24 -3.44 -10.01
C GLN A 74 -4.55 -4.04 -9.54
N PHE A 75 -5.35 -3.24 -8.85
CA PHE A 75 -6.64 -3.70 -8.33
C PHE A 75 -7.71 -2.63 -8.53
N LYS A 76 -8.92 -3.08 -8.83
CA LYS A 76 -10.05 -2.16 -9.04
C LYS A 76 -11.22 -2.50 -8.13
N ILE A 77 -11.47 -1.66 -7.14
CA ILE A 77 -12.57 -1.87 -6.21
C ILE A 77 -13.88 -1.34 -6.76
N THR A 78 -14.74 -2.23 -7.22
CA THR A 78 -16.04 -1.84 -7.76
C THR A 78 -17.11 -1.85 -6.69
N LYS A 79 -18.31 -1.41 -7.07
CA LYS A 79 -19.44 -1.37 -6.13
C LYS A 79 -19.15 -0.41 -4.98
N LEU A 80 -18.67 0.78 -5.32
CA LEU A 80 -18.35 1.79 -4.31
C LEU A 80 -19.32 2.96 -4.40
N SER A 81 -19.07 3.99 -3.59
CA SER A 81 -19.93 5.17 -3.57
C SER A 81 -19.09 6.45 -3.63
N PRO A 82 -19.70 7.53 -4.13
CA PRO A 82 -19.03 8.83 -4.26
C PRO A 82 -18.79 9.48 -2.90
N ALA A 83 -18.01 10.55 -2.90
CA ALA A 83 -17.69 11.27 -1.66
C ALA A 83 -17.44 10.31 -0.51
N MET A 84 -16.84 9.17 -0.83
CA MET A 84 -16.55 8.15 0.19
C MET A 84 -15.05 8.06 0.44
N GLY A 85 -14.57 8.83 1.42
CA GLY A 85 -13.15 8.81 1.74
C GLY A 85 -12.68 7.45 2.21
N CYS A 86 -11.81 6.83 1.43
CA CYS A 86 -11.28 5.51 1.76
C CYS A 86 -9.75 5.51 1.71
N LYS A 87 -9.13 4.91 2.72
CA LYS A 87 -7.68 4.83 2.79
C LYS A 87 -7.17 3.51 2.24
N PHE A 88 -5.87 3.44 1.97
CA PHE A 88 -5.27 2.23 1.45
C PHE A 88 -3.79 2.13 1.86
N ARG A 89 -3.17 0.99 1.56
CA ARG A 89 -1.78 0.77 1.91
C ARG A 89 -1.24 -0.47 1.21
N LEU A 90 0.01 -0.40 0.76
CA LEU A 90 0.65 -1.52 0.08
C LEU A 90 1.73 -2.14 0.95
N SER A 91 1.85 -3.47 0.90
CA SER A 91 2.85 -4.18 1.68
C SER A 91 3.34 -5.43 0.93
N ALA A 92 4.65 -5.68 1.01
CA ALA A 92 5.24 -6.83 0.35
C ALA A 92 5.55 -7.93 1.35
N ARG A 93 5.11 -9.15 1.03
CA ARG A 93 5.35 -10.30 1.92
C ARG A 93 6.13 -11.39 1.18
N ASN A 94 7.16 -11.90 1.84
CA ASN A 94 7.99 -12.95 1.25
C ASN A 94 7.96 -14.21 2.11
N ASP A 95 8.60 -15.27 1.63
CA ASP A 95 8.65 -16.54 2.34
C ASP A 95 8.73 -16.30 3.85
N TYR A 96 9.43 -15.24 4.24
CA TYR A 96 9.58 -14.90 5.65
C TYR A 96 8.27 -14.40 6.24
N GLY A 97 7.88 -13.20 5.84
CA GLY A 97 6.64 -12.62 6.33
C GLY A 97 6.28 -11.34 5.61
N THR A 98 5.23 -10.67 6.09
CA THR A 98 4.77 -9.42 5.49
C THR A 98 5.53 -8.23 6.05
N SER A 99 6.17 -7.46 5.18
CA SER A 99 6.93 -6.29 5.60
C SER A 99 6.01 -5.12 5.90
N GLY A 100 6.46 -4.23 6.78
CA GLY A 100 5.67 -3.09 7.16
C GLY A 100 4.89 -2.51 5.99
N PHE A 101 3.66 -2.09 6.24
CA PHE A 101 2.81 -1.52 5.21
C PHE A 101 3.28 -0.12 4.82
N SER A 102 2.78 0.37 3.70
CA SER A 102 3.15 1.69 3.21
C SER A 102 2.43 2.79 4.00
N GLU A 103 2.73 4.04 3.68
CA GLU A 103 2.12 5.17 4.37
C GLU A 103 0.62 5.24 4.07
N GLU A 104 -0.18 5.41 5.11
CA GLU A 104 -1.62 5.49 4.96
C GLU A 104 -2.01 6.62 4.01
N VAL A 105 -2.59 6.26 2.88
CA VAL A 105 -3.01 7.24 1.88
C VAL A 105 -4.53 7.38 1.85
N LEU A 106 -5.00 8.62 1.94
CA LEU A 106 -6.43 8.90 1.93
C LEU A 106 -6.88 9.39 0.55
N TYR A 107 -7.82 8.66 -0.04
CA TYR A 107 -8.33 9.01 -1.35
C TYR A 107 -9.83 9.31 -1.29
N TYR A 108 -10.37 9.83 -2.38
CA TYR A 108 -11.79 10.17 -2.45
C TYR A 108 -12.34 9.93 -3.86
N THR A 109 -13.32 9.05 -3.97
CA THR A 109 -13.93 8.73 -5.24
C THR A 109 -14.13 9.98 -6.09
N SER A 110 -14.29 9.80 -7.39
CA SER A 110 -14.49 10.92 -8.30
C SER A 110 -15.29 12.04 -7.64
N GLY A 111 -16.43 11.67 -7.06
CA GLY A 111 -17.27 12.65 -6.40
C GLY A 111 -16.51 13.48 -5.38
N CYS A 112 -16.42 14.78 -5.63
CA CYS A 112 -15.71 15.68 -4.74
C CYS A 112 -14.23 15.32 -4.66
N SER A 113 -13.60 15.13 -5.82
CA SER A 113 -12.20 14.76 -5.88
C SER A 113 -11.32 16.00 -6.05
N GLY A 114 -10.22 16.05 -5.30
CA GLY A 114 -9.33 17.19 -5.38
C GLY A 114 -9.96 18.48 -4.89
N PRO A 115 -9.94 18.69 -3.57
CA PRO A 115 -10.53 19.88 -2.95
C PRO A 115 -9.73 21.15 -3.27
N SER A 116 -10.35 22.07 -3.99
CA SER A 116 -9.70 23.32 -4.37
C SER A 116 -10.18 24.47 -3.49
N SER A 117 -9.40 25.53 -3.44
CA SER A 117 -9.73 26.70 -2.63
C SER A 117 -10.76 27.57 -3.34
N GLY A 118 -10.48 27.91 -4.59
CA GLY A 118 -11.37 28.74 -5.37
C GLY A 118 -12.30 27.93 -6.26
N GLY A 1 39.27 7.60 34.25
CA GLY A 1 37.85 7.33 34.41
C GLY A 1 37.53 5.85 34.38
N SER A 2 36.45 5.47 35.04
CA SER A 2 36.03 4.07 35.09
C SER A 2 34.52 3.95 35.13
N SER A 3 34.02 2.72 35.13
CA SER A 3 32.58 2.47 35.16
C SER A 3 31.90 3.12 33.96
N GLY A 4 32.47 2.92 32.78
CA GLY A 4 31.89 3.49 31.58
C GLY A 4 31.16 2.46 30.74
N SER A 5 30.04 2.85 30.15
CA SER A 5 29.25 1.96 29.32
C SER A 5 29.02 2.54 27.93
N SER A 6 28.53 1.72 27.02
CA SER A 6 28.28 2.16 25.64
C SER A 6 26.82 2.54 25.47
N GLY A 7 26.49 3.08 24.29
CA GLY A 7 25.13 3.48 24.01
C GLY A 7 24.31 2.36 23.40
N ALA A 8 23.54 2.69 22.37
CA ALA A 8 22.71 1.70 21.69
C ALA A 8 22.92 1.75 20.17
N GLU A 9 23.95 1.07 19.70
CA GLU A 9 24.25 1.03 18.28
C GLU A 9 23.03 0.58 17.47
N ILE A 10 22.83 1.21 16.32
CA ILE A 10 21.70 0.88 15.46
C ILE A 10 21.51 -0.63 15.36
N PHE A 11 20.28 -1.08 15.54
CA PHE A 11 19.96 -2.50 15.48
C PHE A 11 18.97 -2.78 14.36
N THR A 12 19.36 -3.68 13.45
CA THR A 12 18.51 -4.03 12.33
C THR A 12 18.15 -5.51 12.36
N THR A 13 17.25 -5.93 11.48
CA THR A 13 16.82 -7.31 11.40
C THR A 13 17.63 -8.10 10.38
N LEU A 14 17.39 -9.40 10.31
CA LEU A 14 18.11 -10.26 9.38
C LEU A 14 17.14 -11.14 8.60
N SER A 15 17.09 -10.93 7.28
CA SER A 15 16.20 -11.71 6.42
C SER A 15 14.89 -12.00 7.13
N CYS A 16 14.23 -10.96 7.61
CA CYS A 16 12.96 -11.11 8.31
C CYS A 16 11.81 -10.55 7.48
N GLU A 17 12.01 -9.38 6.90
CA GLU A 17 11.00 -8.75 6.07
C GLU A 17 11.62 -7.70 5.15
N PRO A 18 11.04 -7.57 3.94
CA PRO A 18 11.53 -6.61 2.94
C PRO A 18 11.26 -5.16 3.34
N ASP A 19 11.69 -4.23 2.50
CA ASP A 19 11.50 -2.81 2.77
C ASP A 19 10.06 -2.39 2.44
N ILE A 20 9.62 -1.29 3.04
CA ILE A 20 8.28 -0.78 2.81
C ILE A 20 8.15 -0.17 1.43
N PRO A 21 7.31 -0.79 0.57
CA PRO A 21 7.08 -0.32 -0.79
C PRO A 21 6.29 0.99 -0.83
N ASN A 22 6.49 1.77 -1.88
CA ASN A 22 5.80 3.04 -2.03
C ASN A 22 4.29 2.83 -2.12
N PRO A 23 3.53 3.87 -1.72
CA PRO A 23 2.07 3.82 -1.75
C PRO A 23 1.51 3.84 -3.18
N PRO A 24 0.40 3.12 -3.38
CA PRO A 24 -0.26 3.03 -4.69
C PRO A 24 -0.91 4.34 -5.10
N ARG A 25 -0.94 4.59 -6.40
CA ARG A 25 -1.54 5.81 -6.93
C ARG A 25 -2.87 5.52 -7.62
N ILE A 26 -3.62 6.57 -7.91
CA ILE A 26 -4.91 6.42 -8.58
C ILE A 26 -4.77 6.48 -10.09
N ALA A 27 -5.19 5.42 -10.76
CA ALA A 27 -5.10 5.35 -12.22
C ALA A 27 -6.48 5.52 -12.86
N ASN A 28 -7.52 5.32 -12.06
CA ASN A 28 -8.89 5.46 -12.55
C ASN A 28 -9.89 5.27 -11.41
N ARG A 29 -10.62 6.33 -11.10
CA ARG A 29 -11.62 6.29 -10.03
C ARG A 29 -12.94 6.90 -10.50
N THR A 30 -14.04 6.21 -10.21
CA THR A 30 -15.35 6.69 -10.59
C THR A 30 -16.22 6.96 -9.37
N LYS A 31 -17.47 7.37 -9.61
CA LYS A 31 -18.40 7.67 -8.52
C LYS A 31 -18.68 6.42 -7.70
N ASN A 32 -18.54 5.25 -8.32
CA ASN A 32 -18.78 3.98 -7.64
C ASN A 32 -17.67 2.98 -7.94
N SER A 33 -16.43 3.47 -7.99
CA SER A 33 -15.28 2.62 -8.28
C SER A 33 -13.98 3.34 -7.95
N LEU A 34 -12.91 2.57 -7.78
CA LEU A 34 -11.60 3.12 -7.46
C LEU A 34 -10.48 2.19 -7.93
N THR A 35 -9.65 2.69 -8.82
CA THR A 35 -8.54 1.91 -9.35
C THR A 35 -7.21 2.41 -8.81
N LEU A 36 -6.41 1.49 -8.26
CA LEU A 36 -5.11 1.84 -7.70
C LEU A 36 -4.00 1.08 -8.41
N GLN A 37 -2.83 1.71 -8.50
CA GLN A 37 -1.68 1.09 -9.15
C GLN A 37 -0.41 1.28 -8.32
N TRP A 38 0.52 0.34 -8.45
CA TRP A 38 1.78 0.40 -7.70
C TRP A 38 2.82 -0.49 -8.34
N LYS A 39 3.99 -0.57 -7.70
CA LYS A 39 5.09 -1.41 -8.20
C LYS A 39 5.71 -2.22 -7.08
N ALA A 40 6.68 -3.05 -7.43
CA ALA A 40 7.36 -3.89 -6.45
C ALA A 40 8.58 -3.17 -5.86
N PRO A 41 8.71 -3.24 -4.53
CA PRO A 41 9.82 -2.59 -3.80
C PRO A 41 11.15 -3.28 -4.07
N SER A 42 12.13 -2.99 -3.23
CA SER A 42 13.46 -3.59 -3.37
C SER A 42 13.51 -4.96 -2.71
N ASP A 43 13.64 -6.00 -3.53
CA ASP A 43 13.70 -7.37 -3.04
C ASP A 43 15.08 -7.67 -2.48
N ASN A 44 15.22 -7.60 -1.16
CA ASN A 44 16.48 -7.87 -0.50
C ASN A 44 16.44 -9.19 0.26
N GLY A 45 17.05 -10.22 -0.35
CA GLY A 45 17.07 -11.53 0.28
C GLY A 45 16.25 -12.55 -0.48
N SER A 46 14.94 -12.55 -0.26
CA SER A 46 14.04 -13.48 -0.94
C SER A 46 13.06 -12.74 -1.84
N LYS A 47 12.56 -13.43 -2.85
CA LYS A 47 11.61 -12.84 -3.78
C LYS A 47 10.24 -12.66 -3.11
N ILE A 48 9.65 -11.48 -3.31
CA ILE A 48 8.34 -11.18 -2.73
C ILE A 48 7.27 -12.09 -3.30
N GLN A 49 6.82 -13.04 -2.49
CA GLN A 49 5.78 -13.97 -2.91
C GLN A 49 4.64 -13.25 -3.60
N ASN A 50 3.85 -12.51 -2.83
CA ASN A 50 2.72 -11.77 -3.37
C ASN A 50 2.52 -10.46 -2.62
N PHE A 51 1.56 -9.67 -3.08
CA PHE A 51 1.27 -8.38 -2.45
C PHE A 51 0.08 -8.50 -1.49
N VAL A 52 0.02 -7.60 -0.52
CA VAL A 52 -1.06 -7.60 0.46
C VAL A 52 -1.64 -6.20 0.65
N LEU A 53 -2.74 -5.92 -0.03
CA LEU A 53 -3.38 -4.62 0.06
C LEU A 53 -4.48 -4.63 1.13
N GLU A 54 -4.75 -3.46 1.70
CA GLU A 54 -5.77 -3.34 2.73
C GLU A 54 -6.42 -1.95 2.70
N TRP A 55 -7.66 -1.88 3.14
CA TRP A 55 -8.40 -0.62 3.16
C TRP A 55 -9.50 -0.64 4.21
N ASP A 56 -9.91 0.54 4.65
CA ASP A 56 -10.97 0.65 5.66
C ASP A 56 -12.35 0.70 4.99
N GLU A 57 -12.48 0.00 3.87
CA GLU A 57 -13.75 -0.04 3.14
C GLU A 57 -14.42 1.33 3.16
N GLY A 58 -13.62 2.38 3.23
CA GLY A 58 -14.15 3.73 3.25
C GLY A 58 -15.27 3.89 4.27
N LYS A 59 -15.05 3.38 5.47
CA LYS A 59 -16.03 3.47 6.55
C LYS A 59 -15.73 4.65 7.46
N GLY A 60 -14.52 4.68 8.00
CA GLY A 60 -14.14 5.76 8.90
C GLY A 60 -14.05 5.31 10.34
N ASN A 61 -13.45 4.15 10.56
CA ASN A 61 -13.30 3.60 11.91
C ASN A 61 -11.82 3.40 12.25
N GLY A 62 -11.07 2.89 11.29
CA GLY A 62 -9.65 2.66 11.51
C GLY A 62 -9.30 1.19 11.52
N GLU A 63 -10.05 0.39 10.77
CA GLU A 63 -9.81 -1.04 10.70
C GLU A 63 -9.49 -1.47 9.27
N PHE A 64 -8.21 -1.76 9.02
CA PHE A 64 -7.77 -2.18 7.70
C PHE A 64 -7.87 -3.70 7.55
N CYS A 65 -8.48 -4.13 6.45
CA CYS A 65 -8.65 -5.56 6.18
C CYS A 65 -8.23 -5.89 4.75
N GLN A 66 -7.61 -7.05 4.58
CA GLN A 66 -7.15 -7.49 3.27
C GLN A 66 -8.18 -7.15 2.20
N CYS A 67 -7.72 -6.57 1.10
CA CYS A 67 -8.60 -6.19 0.00
C CYS A 67 -8.20 -6.90 -1.29
N TYR A 68 -6.90 -6.89 -1.58
CA TYR A 68 -6.38 -7.52 -2.78
C TYR A 68 -5.00 -8.11 -2.54
N MET A 69 -4.87 -9.42 -2.71
CA MET A 69 -3.59 -10.10 -2.50
C MET A 69 -3.22 -10.92 -3.73
N GLY A 70 -2.15 -10.53 -4.41
CA GLY A 70 -1.70 -11.25 -5.58
C GLY A 70 -0.52 -10.58 -6.26
N SER A 71 0.02 -11.22 -7.28
CA SER A 71 1.17 -10.69 -8.01
C SER A 71 0.85 -9.32 -8.60
N GLN A 72 -0.22 -9.26 -9.39
CA GLN A 72 -0.64 -8.01 -10.02
C GLN A 72 -0.52 -6.85 -9.05
N LYS A 73 -0.30 -5.65 -9.59
CA LYS A 73 -0.17 -4.45 -8.77
C LYS A 73 -1.28 -3.45 -9.08
N GLN A 74 -2.32 -3.93 -9.77
CA GLN A 74 -3.45 -3.07 -10.13
C GLN A 74 -4.77 -3.70 -9.72
N PHE A 75 -5.57 -2.96 -8.96
CA PHE A 75 -6.86 -3.45 -8.50
C PHE A 75 -7.92 -2.35 -8.56
N LYS A 76 -9.09 -2.69 -9.08
CA LYS A 76 -10.19 -1.73 -9.19
C LYS A 76 -11.34 -2.11 -8.28
N ILE A 77 -11.49 -1.38 -7.18
CA ILE A 77 -12.57 -1.64 -6.23
C ILE A 77 -13.88 -1.00 -6.67
N THR A 78 -14.85 -1.83 -7.03
CA THR A 78 -16.15 -1.34 -7.47
C THR A 78 -17.17 -1.41 -6.35
N LYS A 79 -18.42 -1.08 -6.67
CA LYS A 79 -19.50 -1.10 -5.69
C LYS A 79 -19.27 -0.05 -4.60
N LEU A 80 -18.79 1.12 -5.01
CA LEU A 80 -18.53 2.20 -4.08
C LEU A 80 -19.48 3.38 -4.31
N SER A 81 -19.28 4.47 -3.58
CA SER A 81 -20.12 5.65 -3.70
C SER A 81 -19.26 6.91 -3.84
N PRO A 82 -19.85 7.95 -4.46
CA PRO A 82 -19.17 9.22 -4.65
C PRO A 82 -18.96 9.98 -3.36
N ALA A 83 -17.84 10.69 -3.25
CA ALA A 83 -17.52 11.46 -2.06
C ALA A 83 -17.31 10.55 -0.86
N MET A 84 -16.63 9.42 -1.09
CA MET A 84 -16.35 8.47 -0.02
C MET A 84 -14.86 8.33 0.21
N GLY A 85 -14.36 9.01 1.24
CA GLY A 85 -12.94 8.95 1.56
C GLY A 85 -12.53 7.60 2.11
N CYS A 86 -11.62 6.93 1.40
CA CYS A 86 -11.15 5.62 1.82
C CYS A 86 -9.62 5.58 1.82
N LYS A 87 -9.06 4.99 2.87
CA LYS A 87 -7.60 4.88 3.00
C LYS A 87 -7.11 3.52 2.50
N PHE A 88 -5.86 3.47 2.06
CA PHE A 88 -5.27 2.24 1.56
C PHE A 88 -3.83 2.10 2.02
N ARG A 89 -3.24 0.94 1.77
CA ARG A 89 -1.86 0.68 2.17
C ARG A 89 -1.30 -0.51 1.40
N LEU A 90 -0.07 -0.37 0.92
CA LEU A 90 0.60 -1.44 0.17
C LEU A 90 1.76 -2.02 0.96
N SER A 91 1.86 -3.35 0.97
CA SER A 91 2.93 -4.03 1.69
C SER A 91 3.35 -5.30 0.97
N ALA A 92 4.65 -5.57 0.94
CA ALA A 92 5.18 -6.75 0.28
C ALA A 92 5.56 -7.82 1.29
N ARG A 93 5.30 -9.08 0.95
CA ARG A 93 5.62 -10.20 1.83
C ARG A 93 6.41 -11.28 1.09
N ASN A 94 7.45 -11.79 1.75
CA ASN A 94 8.29 -12.83 1.15
C ASN A 94 8.29 -14.07 2.02
N ASP A 95 9.02 -15.09 1.56
CA ASP A 95 9.12 -16.35 2.30
C ASP A 95 9.25 -16.10 3.79
N TYR A 96 9.82 -14.95 4.15
CA TYR A 96 10.02 -14.59 5.55
C TYR A 96 8.72 -14.09 6.16
N GLY A 97 8.22 -12.97 5.64
CA GLY A 97 6.98 -12.40 6.16
C GLY A 97 6.64 -11.08 5.50
N THR A 98 5.51 -10.49 5.90
CA THR A 98 5.08 -9.22 5.35
C THR A 98 5.86 -8.06 5.96
N SER A 99 6.30 -7.15 5.10
CA SER A 99 7.07 -5.99 5.56
C SER A 99 6.14 -4.84 5.94
N GLY A 100 6.64 -3.92 6.76
CA GLY A 100 5.85 -2.78 7.19
C GLY A 100 4.92 -2.28 6.09
N PHE A 101 3.80 -1.70 6.49
CA PHE A 101 2.82 -1.17 5.54
C PHE A 101 3.17 0.25 5.13
N SER A 102 3.07 0.53 3.83
CA SER A 102 3.38 1.86 3.30
C SER A 102 2.59 2.93 4.05
N GLU A 103 2.80 4.18 3.65
CA GLU A 103 2.11 5.31 4.28
C GLU A 103 0.64 5.34 3.87
N GLU A 104 -0.25 5.35 4.86
CA GLU A 104 -1.68 5.38 4.59
C GLU A 104 -2.03 6.48 3.59
N VAL A 105 -2.68 6.09 2.50
CA VAL A 105 -3.07 7.05 1.46
C VAL A 105 -4.58 7.28 1.47
N LEU A 106 -4.98 8.53 1.63
CA LEU A 106 -6.40 8.89 1.65
C LEU A 106 -6.88 9.29 0.26
N TYR A 107 -7.83 8.53 -0.26
CA TYR A 107 -8.39 8.81 -1.59
C TYR A 107 -9.89 9.03 -1.52
N TYR A 108 -10.39 9.92 -2.37
CA TYR A 108 -11.82 10.23 -2.41
C TYR A 108 -12.40 10.00 -3.80
N THR A 109 -13.34 9.06 -3.89
CA THR A 109 -13.97 8.75 -5.17
C THR A 109 -14.23 10.01 -5.99
N SER A 110 -14.38 9.83 -7.30
CA SER A 110 -14.63 10.95 -8.20
C SER A 110 -15.50 12.01 -7.52
N GLY A 111 -16.61 11.57 -6.93
CA GLY A 111 -17.52 12.48 -6.26
C GLY A 111 -18.34 13.29 -7.23
N CYS A 112 -18.80 14.46 -6.79
CA CYS A 112 -19.62 15.33 -7.63
C CYS A 112 -18.81 15.88 -8.79
N SER A 113 -19.19 15.50 -10.00
CA SER A 113 -18.49 15.95 -11.20
C SER A 113 -19.15 17.21 -11.77
N GLY A 114 -18.37 18.28 -11.85
CA GLY A 114 -18.90 19.54 -12.38
C GLY A 114 -18.18 20.75 -11.82
N PRO A 115 -18.05 21.80 -12.64
CA PRO A 115 -17.37 23.03 -12.25
C PRO A 115 -18.17 23.82 -11.20
N SER A 116 -17.58 24.91 -10.71
CA SER A 116 -18.23 25.74 -9.71
C SER A 116 -18.49 27.15 -10.26
N SER A 117 -19.74 27.44 -10.55
CA SER A 117 -20.11 28.75 -11.09
C SER A 117 -20.55 29.69 -9.97
N GLY A 118 -21.41 29.19 -9.08
CA GLY A 118 -21.90 30.00 -7.98
C GLY A 118 -23.16 30.76 -8.34
N GLY A 1 16.66 19.17 18.36
CA GLY A 1 15.72 18.09 18.10
C GLY A 1 16.39 16.85 17.54
N SER A 2 17.26 16.24 18.36
CA SER A 2 17.98 15.04 17.94
C SER A 2 17.07 13.81 18.01
N SER A 3 16.65 13.32 16.85
CA SER A 3 15.78 12.15 16.78
C SER A 3 16.55 10.93 16.28
N GLY A 4 16.17 9.75 16.78
CA GLY A 4 16.83 8.54 16.37
C GLY A 4 17.83 8.05 17.40
N SER A 5 17.36 7.30 18.38
CA SER A 5 18.23 6.78 19.43
C SER A 5 18.86 5.46 19.01
N SER A 6 18.38 4.90 17.90
CA SER A 6 18.89 3.64 17.39
C SER A 6 19.23 3.74 15.91
N GLY A 7 20.50 3.99 15.61
CA GLY A 7 20.92 4.10 14.22
C GLY A 7 22.17 3.30 13.93
N ALA A 8 22.10 2.00 14.20
CA ALA A 8 23.24 1.11 13.96
C ALA A 8 23.02 0.28 12.70
N GLU A 9 24.05 0.22 11.86
CA GLU A 9 23.98 -0.54 10.61
C GLU A 9 24.73 -1.86 10.74
N ILE A 10 24.44 -2.60 11.81
CA ILE A 10 25.09 -3.88 12.04
C ILE A 10 24.38 -5.01 11.28
N PHE A 11 24.08 -4.75 10.02
CA PHE A 11 23.40 -5.74 9.18
C PHE A 11 24.40 -6.46 8.27
N THR A 12 24.77 -7.68 8.65
CA THR A 12 25.71 -8.46 7.86
C THR A 12 25.00 -9.23 6.76
N THR A 13 24.02 -10.04 7.14
CA THR A 13 23.27 -10.83 6.18
C THR A 13 21.97 -10.13 5.79
N LEU A 14 21.43 -10.51 4.63
CA LEU A 14 20.19 -9.91 4.15
C LEU A 14 19.01 -10.83 4.40
N SER A 15 18.91 -11.34 5.63
CA SER A 15 17.82 -12.23 6.01
C SER A 15 16.80 -11.51 6.88
N CYS A 16 15.86 -10.83 6.24
CA CYS A 16 14.82 -10.10 6.96
C CYS A 16 13.79 -9.52 5.99
N GLU A 17 12.64 -9.12 6.53
CA GLU A 17 11.58 -8.56 5.71
C GLU A 17 12.12 -7.51 4.76
N PRO A 18 11.49 -7.39 3.58
CA PRO A 18 11.89 -6.43 2.55
C PRO A 18 11.59 -4.99 2.95
N ASP A 19 12.07 -4.05 2.14
CA ASP A 19 11.84 -2.64 2.42
C ASP A 19 10.40 -2.24 2.11
N ILE A 20 9.88 -1.28 2.87
CA ILE A 20 8.51 -0.82 2.67
C ILE A 20 8.30 -0.28 1.26
N PRO A 21 7.41 -0.93 0.51
CA PRO A 21 7.09 -0.53 -0.87
C PRO A 21 6.33 0.79 -0.93
N ASN A 22 6.61 1.56 -1.99
CA ASN A 22 5.95 2.85 -2.16
C ASN A 22 4.44 2.70 -2.17
N PRO A 23 3.73 3.77 -1.77
CA PRO A 23 2.26 3.78 -1.71
C PRO A 23 1.63 3.76 -3.10
N PRO A 24 0.47 3.10 -3.22
CA PRO A 24 -0.26 3.00 -4.49
C PRO A 24 -0.85 4.33 -4.94
N ARG A 25 -0.95 4.53 -6.25
CA ARG A 25 -1.50 5.76 -6.79
C ARG A 25 -2.81 5.50 -7.52
N ILE A 26 -3.53 6.56 -7.84
CA ILE A 26 -4.80 6.44 -8.54
C ILE A 26 -4.61 6.55 -10.04
N ALA A 27 -5.10 5.55 -10.77
CA ALA A 27 -4.98 5.52 -12.23
C ALA A 27 -6.35 5.68 -12.89
N ASN A 28 -7.41 5.46 -12.11
CA ASN A 28 -8.77 5.58 -12.62
C ASN A 28 -9.78 5.38 -11.50
N ARG A 29 -10.53 6.43 -11.19
CA ARG A 29 -11.55 6.37 -10.14
C ARG A 29 -12.86 6.98 -10.62
N THR A 30 -13.97 6.41 -10.16
CA THR A 30 -15.29 6.89 -10.54
C THR A 30 -16.18 7.05 -9.32
N LYS A 31 -17.44 7.42 -9.55
CA LYS A 31 -18.40 7.60 -8.47
C LYS A 31 -18.61 6.32 -7.69
N ASN A 32 -18.59 5.19 -8.40
CA ASN A 32 -18.77 3.88 -7.78
C ASN A 32 -17.63 2.95 -8.16
N SER A 33 -16.40 3.42 -8.02
CA SER A 33 -15.22 2.63 -8.35
C SER A 33 -13.95 3.37 -7.96
N LEU A 34 -12.85 2.63 -7.86
CA LEU A 34 -11.57 3.21 -7.49
C LEU A 34 -10.42 2.30 -7.94
N THR A 35 -9.62 2.79 -8.87
CA THR A 35 -8.48 2.02 -9.37
C THR A 35 -7.18 2.48 -8.73
N LEU A 36 -6.40 1.54 -8.24
CA LEU A 36 -5.12 1.84 -7.59
C LEU A 36 -3.99 1.02 -8.21
N GLN A 37 -2.91 1.71 -8.56
CA GLN A 37 -1.75 1.05 -9.17
C GLN A 37 -0.49 1.29 -8.34
N TRP A 38 0.26 0.24 -8.09
CA TRP A 38 1.49 0.34 -7.32
C TRP A 38 2.64 -0.36 -8.03
N LYS A 39 3.86 -0.16 -7.52
CA LYS A 39 5.05 -0.78 -8.11
C LYS A 39 5.71 -1.74 -7.12
N ALA A 40 6.72 -2.46 -7.59
CA ALA A 40 7.44 -3.40 -6.74
C ALA A 40 8.72 -2.78 -6.18
N PRO A 41 8.94 -2.97 -4.87
CA PRO A 41 10.11 -2.43 -4.19
C PRO A 41 11.40 -3.14 -4.60
N SER A 42 12.46 -2.96 -3.82
CA SER A 42 13.75 -3.57 -4.11
C SER A 42 13.87 -4.93 -3.41
N ASP A 43 13.86 -5.99 -4.21
CA ASP A 43 13.97 -7.34 -3.67
C ASP A 43 15.35 -7.57 -3.06
N ASN A 44 15.43 -7.50 -1.73
CA ASN A 44 16.69 -7.69 -1.03
C ASN A 44 16.64 -8.96 -0.18
N GLY A 45 17.11 -10.07 -0.75
CA GLY A 45 17.11 -11.32 -0.03
C GLY A 45 16.34 -12.41 -0.76
N SER A 46 15.03 -12.27 -0.81
CA SER A 46 14.18 -13.25 -1.47
C SER A 46 13.07 -12.56 -2.27
N LYS A 47 12.90 -12.98 -3.53
CA LYS A 47 11.88 -12.41 -4.38
C LYS A 47 10.51 -12.42 -3.70
N ILE A 48 9.94 -11.23 -3.54
CA ILE A 48 8.63 -11.11 -2.90
C ILE A 48 7.64 -12.13 -3.45
N GLN A 49 6.96 -12.83 -2.56
CA GLN A 49 5.98 -13.84 -2.96
C GLN A 49 4.79 -13.19 -3.65
N ASN A 50 4.03 -12.41 -2.91
CA ASN A 50 2.86 -11.73 -3.45
C ASN A 50 2.64 -10.38 -2.75
N PHE A 51 1.70 -9.60 -3.28
CA PHE A 51 1.39 -8.29 -2.71
C PHE A 51 0.14 -8.36 -1.84
N VAL A 52 0.16 -7.61 -0.74
CA VAL A 52 -0.98 -7.59 0.18
C VAL A 52 -1.52 -6.17 0.34
N LEU A 53 -2.78 -5.97 -0.03
CA LEU A 53 -3.41 -4.66 0.09
C LEU A 53 -4.45 -4.66 1.19
N GLU A 54 -4.74 -3.47 1.73
CA GLU A 54 -5.73 -3.33 2.80
C GLU A 54 -6.40 -1.97 2.73
N TRP A 55 -7.64 -1.90 3.19
CA TRP A 55 -8.40 -0.66 3.19
C TRP A 55 -9.51 -0.69 4.24
N ASP A 56 -9.96 0.48 4.66
CA ASP A 56 -11.01 0.58 5.66
C ASP A 56 -12.38 0.59 5.00
N GLU A 57 -12.45 0.05 3.79
CA GLU A 57 -13.70 -0.02 3.04
C GLU A 57 -14.38 1.35 3.00
N GLY A 58 -13.57 2.41 3.09
CA GLY A 58 -14.10 3.76 3.07
C GLY A 58 -15.15 3.99 4.14
N LYS A 59 -15.09 3.20 5.20
CA LYS A 59 -16.03 3.32 6.30
C LYS A 59 -15.78 4.60 7.10
N GLY A 60 -14.59 4.70 7.70
CA GLY A 60 -14.24 5.87 8.48
C GLY A 60 -13.92 5.52 9.92
N ASN A 61 -13.24 4.40 10.12
CA ASN A 61 -12.86 3.96 11.45
C ASN A 61 -11.35 3.73 11.55
N GLY A 62 -10.76 3.30 10.44
CA GLY A 62 -9.33 3.05 10.41
C GLY A 62 -9.00 1.57 10.30
N GLU A 63 -9.95 0.73 10.67
CA GLU A 63 -9.76 -0.72 10.60
C GLU A 63 -9.41 -1.16 9.19
N PHE A 64 -8.15 -1.53 9.00
CA PHE A 64 -7.66 -1.97 7.69
C PHE A 64 -7.78 -3.48 7.55
N CYS A 65 -8.40 -3.93 6.47
CA CYS A 65 -8.58 -5.36 6.22
C CYS A 65 -8.13 -5.72 4.81
N GLN A 66 -7.60 -6.93 4.66
CA GLN A 66 -7.12 -7.40 3.36
C GLN A 66 -8.22 -7.30 2.31
N CYS A 67 -7.90 -6.65 1.19
CA CYS A 67 -8.87 -6.47 0.11
C CYS A 67 -8.39 -7.18 -1.15
N TYR A 68 -7.10 -7.08 -1.43
CA TYR A 68 -6.51 -7.70 -2.62
C TYR A 68 -5.16 -8.31 -2.29
N MET A 69 -4.99 -9.58 -2.66
CA MET A 69 -3.73 -10.28 -2.41
C MET A 69 -3.38 -11.18 -3.59
N GLY A 70 -2.27 -10.85 -4.26
CA GLY A 70 -1.84 -11.65 -5.41
C GLY A 70 -0.63 -11.06 -6.08
N SER A 71 -0.21 -11.66 -7.20
CA SER A 71 0.96 -11.20 -7.93
C SER A 71 0.69 -9.84 -8.57
N GLN A 72 -0.43 -9.74 -9.30
CA GLN A 72 -0.80 -8.50 -9.96
C GLN A 72 -0.51 -7.29 -9.07
N LYS A 73 -0.45 -6.12 -9.67
CA LYS A 73 -0.18 -4.89 -8.93
C LYS A 73 -1.26 -3.84 -9.20
N GLN A 74 -2.38 -4.29 -9.78
CA GLN A 74 -3.48 -3.39 -10.08
C GLN A 74 -4.80 -3.97 -9.60
N PHE A 75 -5.62 -3.13 -8.96
CA PHE A 75 -6.91 -3.56 -8.45
C PHE A 75 -7.94 -2.44 -8.55
N LYS A 76 -9.16 -2.78 -8.95
CA LYS A 76 -10.22 -1.80 -9.09
C LYS A 76 -11.39 -2.15 -8.17
N ILE A 77 -11.58 -1.35 -7.12
CA ILE A 77 -12.66 -1.57 -6.18
C ILE A 77 -13.96 -0.95 -6.68
N THR A 78 -14.86 -1.79 -7.19
CA THR A 78 -16.15 -1.33 -7.70
C THR A 78 -17.22 -1.38 -6.62
N LYS A 79 -18.42 -0.97 -6.97
CA LYS A 79 -19.54 -0.98 -6.03
C LYS A 79 -19.29 0.00 -4.89
N LEU A 80 -18.92 1.22 -5.23
CA LEU A 80 -18.65 2.25 -4.24
C LEU A 80 -19.58 3.44 -4.41
N SER A 81 -19.45 4.43 -3.53
CA SER A 81 -20.28 5.62 -3.60
C SER A 81 -19.43 6.89 -3.71
N PRO A 82 -19.99 7.93 -4.34
CA PRO A 82 -19.29 9.20 -4.53
C PRO A 82 -19.11 9.97 -3.23
N ALA A 83 -17.96 10.63 -3.10
CA ALA A 83 -17.66 11.41 -1.90
C ALA A 83 -17.43 10.49 -0.70
N MET A 84 -16.82 9.34 -0.95
CA MET A 84 -16.55 8.37 0.11
C MET A 84 -15.04 8.23 0.34
N GLY A 85 -14.53 8.93 1.35
CA GLY A 85 -13.12 8.87 1.66
C GLY A 85 -12.68 7.50 2.12
N CYS A 86 -11.74 6.91 1.39
CA CYS A 86 -11.24 5.59 1.74
C CYS A 86 -9.71 5.56 1.70
N LYS A 87 -9.11 5.00 2.74
CA LYS A 87 -7.66 4.90 2.83
C LYS A 87 -7.17 3.53 2.37
N PHE A 88 -5.90 3.46 1.98
CA PHE A 88 -5.31 2.20 1.52
C PHE A 88 -3.85 2.10 1.95
N ARG A 89 -3.29 0.90 1.84
CA ARG A 89 -1.91 0.67 2.22
C ARG A 89 -1.34 -0.54 1.49
N LEU A 90 -0.12 -0.41 0.97
CA LEU A 90 0.53 -1.49 0.24
C LEU A 90 1.70 -2.05 1.05
N SER A 91 1.93 -3.35 0.93
CA SER A 91 3.01 -4.01 1.65
C SER A 91 3.46 -5.26 0.90
N ALA A 92 4.78 -5.48 0.86
CA ALA A 92 5.34 -6.64 0.18
C ALA A 92 5.77 -7.70 1.19
N ARG A 93 5.50 -8.96 0.86
CA ARG A 93 5.87 -10.07 1.74
C ARG A 93 6.65 -11.13 0.97
N ASN A 94 7.77 -11.55 1.54
CA ASN A 94 8.62 -12.57 0.90
C ASN A 94 8.72 -13.80 1.79
N ASP A 95 9.51 -14.78 1.33
CA ASP A 95 9.69 -16.02 2.08
C ASP A 95 9.77 -15.75 3.58
N TYR A 96 10.51 -14.72 3.95
CA TYR A 96 10.67 -14.35 5.35
C TYR A 96 9.33 -13.95 5.96
N GLY A 97 8.82 -12.78 5.55
CA GLY A 97 7.56 -12.30 6.07
C GLY A 97 7.11 -11.01 5.41
N THR A 98 6.00 -10.47 5.88
CA THR A 98 5.46 -9.22 5.32
C THR A 98 6.22 -8.01 5.87
N SER A 99 6.70 -7.16 4.97
CA SER A 99 7.44 -5.97 5.36
C SER A 99 6.49 -4.84 5.74
N GLY A 100 6.98 -3.91 6.56
CA GLY A 100 6.16 -2.80 6.98
C GLY A 100 5.25 -2.30 5.89
N PHE A 101 4.14 -1.66 6.28
CA PHE A 101 3.18 -1.14 5.31
C PHE A 101 3.54 0.29 4.92
N SER A 102 3.24 0.65 3.67
CA SER A 102 3.53 1.98 3.17
C SER A 102 2.79 3.05 3.97
N GLU A 103 2.94 4.30 3.56
CA GLU A 103 2.28 5.41 4.23
C GLU A 103 0.80 5.46 3.87
N GLU A 104 -0.05 5.46 4.88
CA GLU A 104 -1.49 5.51 4.68
C GLU A 104 -1.87 6.61 3.69
N VAL A 105 -2.57 6.24 2.63
CA VAL A 105 -2.98 7.20 1.61
C VAL A 105 -4.50 7.36 1.60
N LEU A 106 -4.95 8.62 1.56
CA LEU A 106 -6.38 8.92 1.56
C LEU A 106 -6.85 9.25 0.16
N TYR A 107 -7.97 8.67 -0.25
CA TYR A 107 -8.52 8.91 -1.58
C TYR A 107 -10.03 9.15 -1.49
N TYR A 108 -10.53 10.03 -2.36
CA TYR A 108 -11.94 10.35 -2.39
C TYR A 108 -12.54 10.08 -3.76
N THR A 109 -13.37 9.05 -3.84
CA THR A 109 -14.01 8.68 -5.10
C THR A 109 -14.43 9.91 -5.90
N SER A 110 -14.48 9.78 -7.21
CA SER A 110 -14.88 10.88 -8.07
C SER A 110 -16.14 11.56 -7.56
N GLY A 111 -16.14 12.89 -7.58
CA GLY A 111 -17.29 13.64 -7.10
C GLY A 111 -17.16 15.12 -7.37
N CYS A 112 -16.94 15.90 -6.31
CA CYS A 112 -16.80 17.34 -6.44
C CYS A 112 -15.46 17.71 -7.08
N SER A 113 -15.50 18.04 -8.37
CA SER A 113 -14.29 18.40 -9.10
C SER A 113 -14.28 19.89 -9.43
N GLY A 114 -13.90 20.71 -8.45
CA GLY A 114 -13.86 22.14 -8.65
C GLY A 114 -12.51 22.73 -8.31
N PRO A 115 -11.59 22.69 -9.27
CA PRO A 115 -10.23 23.22 -9.09
C PRO A 115 -10.21 24.75 -9.01
N SER A 116 -9.29 25.28 -8.20
CA SER A 116 -9.17 26.72 -8.03
C SER A 116 -7.87 27.23 -8.62
N SER A 117 -7.91 28.44 -9.17
CA SER A 117 -6.73 29.05 -9.77
C SER A 117 -5.92 29.82 -8.73
N GLY A 118 -6.59 30.73 -8.02
CA GLY A 118 -5.92 31.52 -7.01
C GLY A 118 -6.86 32.50 -6.33
N GLY A 1 30.13 6.20 34.74
CA GLY A 1 30.63 6.23 33.38
C GLY A 1 31.39 4.97 33.01
N SER A 2 31.64 4.80 31.71
CA SER A 2 32.36 3.62 31.23
C SER A 2 33.00 3.90 29.87
N SER A 3 33.86 2.99 29.43
CA SER A 3 34.55 3.13 28.16
C SER A 3 33.62 2.75 27.01
N GLY A 4 34.10 2.97 25.78
CA GLY A 4 33.30 2.64 24.61
C GLY A 4 32.78 1.23 24.64
N SER A 5 31.65 0.99 23.96
CA SER A 5 31.05 -0.33 23.93
C SER A 5 31.33 -1.02 22.59
N SER A 6 31.90 -2.21 22.66
CA SER A 6 32.22 -2.98 21.47
C SER A 6 31.00 -3.71 20.93
N GLY A 7 30.77 -3.59 19.63
CA GLY A 7 29.63 -4.24 19.02
C GLY A 7 29.78 -5.75 18.96
N ALA A 8 28.65 -6.45 18.89
CA ALA A 8 28.66 -7.91 18.85
C ALA A 8 28.53 -8.40 17.40
N GLU A 9 27.42 -8.08 16.77
CA GLU A 9 27.17 -8.49 15.40
C GLU A 9 27.54 -9.96 15.20
N ILE A 10 27.11 -10.80 16.14
CA ILE A 10 27.39 -12.23 16.07
C ILE A 10 26.38 -12.94 15.18
N PHE A 11 26.81 -14.05 14.57
CA PHE A 11 25.94 -14.83 13.71
C PHE A 11 25.23 -13.92 12.70
N THR A 12 25.98 -12.99 12.12
CA THR A 12 25.42 -12.06 11.14
C THR A 12 24.66 -12.81 10.05
N THR A 13 23.40 -12.43 9.86
CA THR A 13 22.56 -13.07 8.85
C THR A 13 21.76 -12.03 8.07
N LEU A 14 21.52 -12.30 6.80
CA LEU A 14 20.77 -11.40 5.94
C LEU A 14 19.40 -11.97 5.61
N SER A 15 18.70 -12.44 6.63
CA SER A 15 17.37 -13.02 6.45
C SER A 15 16.33 -12.25 7.25
N CYS A 16 15.55 -11.43 6.55
CA CYS A 16 14.51 -10.63 7.19
C CYS A 16 13.49 -10.14 6.18
N GLU A 17 12.44 -9.49 6.67
CA GLU A 17 11.39 -8.97 5.80
C GLU A 17 11.95 -7.92 4.85
N PRO A 18 11.30 -7.80 3.67
CA PRO A 18 11.71 -6.84 2.64
C PRO A 18 11.44 -5.39 3.06
N ASP A 19 11.81 -4.45 2.19
CA ASP A 19 11.61 -3.04 2.46
C ASP A 19 10.16 -2.64 2.23
N ILE A 20 9.81 -1.43 2.66
CA ILE A 20 8.45 -0.93 2.50
C ILE A 20 8.27 -0.23 1.15
N PRO A 21 7.40 -0.78 0.30
CA PRO A 21 7.13 -0.23 -1.02
C PRO A 21 6.36 1.08 -0.95
N ASN A 22 6.52 1.92 -1.97
CA ASN A 22 5.85 3.20 -2.03
C ASN A 22 4.34 3.03 -2.05
N PRO A 23 3.61 4.08 -1.65
CA PRO A 23 2.14 4.07 -1.62
C PRO A 23 1.52 4.04 -3.02
N PRO A 24 0.40 3.33 -3.16
CA PRO A 24 -0.30 3.21 -4.44
C PRO A 24 -0.97 4.52 -4.86
N ARG A 25 -0.96 4.78 -6.16
CA ARG A 25 -1.57 6.00 -6.68
C ARG A 25 -2.87 5.69 -7.41
N ILE A 26 -3.59 6.74 -7.80
CA ILE A 26 -4.85 6.58 -8.51
C ILE A 26 -4.67 6.76 -10.01
N ALA A 27 -5.16 5.80 -10.78
CA ALA A 27 -5.07 5.85 -12.23
C ALA A 27 -6.44 5.96 -12.88
N ASN A 28 -7.48 5.67 -12.10
CA ASN A 28 -8.84 5.74 -12.59
C ASN A 28 -9.85 5.44 -11.48
N ARG A 29 -10.63 6.46 -11.12
CA ARG A 29 -11.63 6.32 -10.07
C ARG A 29 -12.99 6.86 -10.51
N THR A 30 -14.04 6.10 -10.23
CA THR A 30 -15.39 6.51 -10.60
C THR A 30 -16.27 6.69 -9.37
N LYS A 31 -17.52 7.08 -9.60
CA LYS A 31 -18.47 7.29 -8.52
C LYS A 31 -18.59 6.04 -7.65
N ASN A 32 -18.66 4.88 -8.29
CA ASN A 32 -18.78 3.61 -7.59
C ASN A 32 -17.63 2.67 -7.96
N SER A 33 -16.41 3.19 -7.89
CA SER A 33 -15.23 2.41 -8.23
C SER A 33 -13.95 3.15 -7.86
N LEU A 34 -12.83 2.44 -7.83
CA LEU A 34 -11.55 3.03 -7.50
C LEU A 34 -10.40 2.17 -8.02
N THR A 35 -9.61 2.73 -8.93
CA THR A 35 -8.47 2.03 -9.50
C THR A 35 -7.15 2.52 -8.91
N LEU A 36 -6.41 1.64 -8.28
CA LEU A 36 -5.13 1.99 -7.67
C LEU A 36 -3.99 1.23 -8.34
N GLN A 37 -2.87 1.92 -8.55
CA GLN A 37 -1.70 1.30 -9.18
C GLN A 37 -0.46 1.49 -8.31
N TRP A 38 0.41 0.49 -8.30
CA TRP A 38 1.63 0.54 -7.52
C TRP A 38 2.77 -0.19 -8.22
N LYS A 39 3.96 -0.14 -7.64
CA LYS A 39 5.12 -0.81 -8.22
C LYS A 39 5.66 -1.87 -7.27
N ALA A 40 6.66 -2.62 -7.73
CA ALA A 40 7.26 -3.67 -6.93
C ALA A 40 8.57 -3.19 -6.29
N PRO A 41 8.66 -3.32 -4.96
CA PRO A 41 9.86 -2.91 -4.21
C PRO A 41 11.05 -3.81 -4.47
N SER A 42 12.12 -3.60 -3.73
CA SER A 42 13.34 -4.39 -3.89
C SER A 42 13.38 -5.53 -2.88
N ASP A 43 13.25 -6.76 -3.39
CA ASP A 43 13.26 -7.94 -2.53
C ASP A 43 14.67 -8.20 -1.99
N ASN A 44 14.90 -7.80 -0.74
CA ASN A 44 16.19 -7.99 -0.10
C ASN A 44 16.22 -9.28 0.70
N GLY A 45 16.59 -10.37 0.04
CA GLY A 45 16.65 -11.66 0.70
C GLY A 45 15.91 -12.74 -0.05
N SER A 46 14.59 -12.62 -0.13
CA SER A 46 13.77 -13.60 -0.84
C SER A 46 12.76 -12.91 -1.73
N LYS A 47 12.59 -13.43 -2.94
CA LYS A 47 11.65 -12.88 -3.90
C LYS A 47 10.25 -12.78 -3.30
N ILE A 48 9.69 -11.58 -3.30
CA ILE A 48 8.36 -11.35 -2.75
C ILE A 48 7.35 -12.33 -3.33
N GLN A 49 6.55 -12.93 -2.45
CA GLN A 49 5.55 -13.90 -2.88
C GLN A 49 4.39 -13.20 -3.59
N ASN A 50 3.69 -12.34 -2.86
CA ASN A 50 2.56 -11.60 -3.41
C ASN A 50 2.40 -10.25 -2.72
N PHE A 51 1.50 -9.43 -3.25
CA PHE A 51 1.25 -8.11 -2.68
C PHE A 51 0.01 -8.12 -1.81
N VAL A 52 0.14 -7.59 -0.59
CA VAL A 52 -0.97 -7.54 0.35
C VAL A 52 -1.52 -6.12 0.47
N LEU A 53 -2.73 -5.92 -0.04
CA LEU A 53 -3.38 -4.61 0.01
C LEU A 53 -4.40 -4.56 1.13
N GLU A 54 -4.69 -3.34 1.60
CA GLU A 54 -5.65 -3.15 2.67
C GLU A 54 -6.33 -1.79 2.57
N TRP A 55 -7.54 -1.69 3.10
CA TRP A 55 -8.30 -0.44 3.06
C TRP A 55 -9.33 -0.39 4.18
N ASP A 56 -9.76 0.82 4.54
CA ASP A 56 -10.75 0.99 5.59
C ASP A 56 -12.16 0.98 5.02
N GLU A 57 -12.38 0.13 4.03
CA GLU A 57 -13.69 0.01 3.40
C GLU A 57 -14.38 1.38 3.34
N GLY A 58 -13.60 2.43 3.19
CA GLY A 58 -14.16 3.77 3.11
C GLY A 58 -15.28 3.99 4.12
N LYS A 59 -15.05 3.54 5.35
CA LYS A 59 -16.05 3.68 6.41
C LYS A 59 -15.74 4.89 7.29
N GLY A 60 -14.53 4.92 7.84
CA GLY A 60 -14.13 6.02 8.69
C GLY A 60 -14.10 5.63 10.15
N ASN A 61 -13.42 4.53 10.45
CA ASN A 61 -13.31 4.05 11.82
C ASN A 61 -11.85 3.91 12.24
N GLY A 62 -11.01 3.53 11.28
CA GLY A 62 -9.59 3.36 11.56
C GLY A 62 -9.16 1.91 11.55
N GLU A 63 -9.87 1.10 10.77
CA GLU A 63 -9.55 -0.32 10.67
C GLU A 63 -9.13 -0.69 9.25
N PHE A 64 -8.16 -1.59 9.14
CA PHE A 64 -7.66 -2.02 7.85
C PHE A 64 -7.68 -3.53 7.73
N CYS A 65 -8.27 -4.03 6.65
CA CYS A 65 -8.37 -5.47 6.43
C CYS A 65 -7.93 -5.83 5.01
N GLN A 66 -7.44 -7.05 4.83
CA GLN A 66 -6.99 -7.51 3.53
C GLN A 66 -8.03 -7.24 2.46
N CYS A 67 -7.70 -6.36 1.52
CA CYS A 67 -8.61 -6.01 0.43
C CYS A 67 -8.33 -6.84 -0.81
N TYR A 68 -7.08 -6.81 -1.26
CA TYR A 68 -6.68 -7.57 -2.45
C TYR A 68 -5.30 -8.18 -2.26
N MET A 69 -5.24 -9.51 -2.33
CA MET A 69 -3.98 -10.22 -2.17
C MET A 69 -3.71 -11.13 -3.37
N GLY A 70 -2.74 -10.76 -4.20
CA GLY A 70 -2.42 -11.56 -5.37
C GLY A 70 -1.07 -11.20 -5.94
N SER A 71 -0.98 -11.16 -7.28
CA SER A 71 0.27 -10.84 -7.96
C SER A 71 0.15 -9.50 -8.69
N GLN A 72 -1.00 -9.29 -9.33
CA GLN A 72 -1.24 -8.06 -10.08
C GLN A 72 -0.85 -6.84 -9.26
N LYS A 73 -0.47 -5.77 -9.94
CA LYS A 73 -0.08 -4.53 -9.27
C LYS A 73 -1.21 -3.51 -9.31
N GLN A 74 -2.21 -3.77 -10.15
CA GLN A 74 -3.35 -2.87 -10.28
C GLN A 74 -4.65 -3.58 -9.93
N PHE A 75 -5.42 -3.00 -9.02
CA PHE A 75 -6.68 -3.58 -8.60
C PHE A 75 -7.79 -2.53 -8.61
N LYS A 76 -8.87 -2.83 -9.32
CA LYS A 76 -10.01 -1.92 -9.41
C LYS A 76 -11.13 -2.36 -8.49
N ILE A 77 -11.38 -1.58 -7.44
CA ILE A 77 -12.43 -1.89 -6.48
C ILE A 77 -13.76 -1.27 -6.91
N THR A 78 -14.66 -2.11 -7.40
CA THR A 78 -15.97 -1.65 -7.84
C THR A 78 -17.01 -1.77 -6.73
N LYS A 79 -18.25 -1.44 -7.04
CA LYS A 79 -19.33 -1.51 -6.06
C LYS A 79 -19.09 -0.54 -4.91
N LEU A 80 -18.73 0.70 -5.25
CA LEU A 80 -18.47 1.72 -4.25
C LEU A 80 -19.46 2.87 -4.37
N SER A 81 -19.25 3.91 -3.57
CA SER A 81 -20.13 5.07 -3.59
C SER A 81 -19.32 6.37 -3.69
N PRO A 82 -19.92 7.40 -4.31
CA PRO A 82 -19.28 8.70 -4.49
C PRO A 82 -19.12 9.45 -3.17
N ALA A 83 -18.04 10.23 -3.06
CA ALA A 83 -17.77 11.00 -1.87
C ALA A 83 -17.56 10.09 -0.66
N MET A 84 -16.75 9.05 -0.84
CA MET A 84 -16.46 8.11 0.22
C MET A 84 -14.95 7.99 0.47
N GLY A 85 -14.45 8.81 1.39
CA GLY A 85 -13.03 8.78 1.70
C GLY A 85 -12.57 7.41 2.18
N CYS A 86 -11.68 6.79 1.41
CA CYS A 86 -11.16 5.47 1.76
C CYS A 86 -9.64 5.46 1.71
N LYS A 87 -9.02 4.91 2.75
CA LYS A 87 -7.56 4.83 2.82
C LYS A 87 -7.06 3.47 2.33
N PHE A 88 -5.82 3.43 1.86
CA PHE A 88 -5.23 2.20 1.37
C PHE A 88 -3.77 2.09 1.78
N ARG A 89 -3.21 0.89 1.67
CA ARG A 89 -1.82 0.66 2.04
C ARG A 89 -1.27 -0.56 1.30
N LEU A 90 -0.02 -0.45 0.85
CA LEU A 90 0.63 -1.54 0.13
C LEU A 90 1.79 -2.12 0.94
N SER A 91 1.96 -3.44 0.86
CA SER A 91 3.02 -4.10 1.59
C SER A 91 3.46 -5.37 0.86
N ALA A 92 4.77 -5.66 0.93
CA ALA A 92 5.31 -6.84 0.27
C ALA A 92 5.59 -7.95 1.28
N ARG A 93 5.06 -9.14 1.00
CA ARG A 93 5.25 -10.28 1.89
C ARG A 93 5.97 -11.42 1.17
N ASN A 94 7.08 -11.87 1.74
CA ASN A 94 7.87 -12.95 1.16
C ASN A 94 7.77 -14.21 2.01
N ASP A 95 8.50 -15.25 1.60
CA ASP A 95 8.51 -16.52 2.33
C ASP A 95 8.60 -16.28 3.83
N TYR A 96 9.13 -15.12 4.22
CA TYR A 96 9.27 -14.77 5.63
C TYR A 96 7.97 -14.20 6.18
N GLY A 97 7.60 -13.01 5.72
CA GLY A 97 6.39 -12.38 6.18
C GLY A 97 6.11 -11.06 5.49
N THR A 98 5.07 -10.36 5.92
CA THR A 98 4.71 -9.08 5.34
C THR A 98 5.51 -7.95 5.95
N SER A 99 6.28 -7.26 5.12
CA SER A 99 7.12 -6.15 5.58
C SER A 99 6.25 -4.92 5.88
N GLY A 100 6.80 -4.00 6.68
CA GLY A 100 6.08 -2.80 7.03
C GLY A 100 5.17 -2.32 5.91
N PHE A 101 4.02 -1.76 6.28
CA PHE A 101 3.07 -1.26 5.31
C PHE A 101 3.42 0.16 4.88
N SER A 102 3.25 0.45 3.59
CA SER A 102 3.55 1.77 3.05
C SER A 102 2.75 2.84 3.78
N GLU A 103 3.06 4.10 3.48
CA GLU A 103 2.37 5.22 4.10
C GLU A 103 0.88 5.22 3.75
N GLU A 104 0.04 5.38 4.77
CA GLU A 104 -1.40 5.39 4.56
C GLU A 104 -1.82 6.50 3.60
N VAL A 105 -2.47 6.12 2.51
CA VAL A 105 -2.91 7.09 1.51
C VAL A 105 -4.44 7.23 1.52
N LEU A 106 -4.90 8.47 1.62
CA LEU A 106 -6.34 8.75 1.65
C LEU A 106 -6.84 9.17 0.27
N TYR A 107 -7.94 8.57 -0.16
CA TYR A 107 -8.52 8.88 -1.47
C TYR A 107 -10.03 9.07 -1.35
N TYR A 108 -10.58 9.89 -2.24
CA TYR A 108 -12.02 10.15 -2.25
C TYR A 108 -12.61 9.90 -3.64
N THR A 109 -13.48 8.91 -3.72
CA THR A 109 -14.13 8.56 -4.98
C THR A 109 -14.51 9.81 -5.76
N SER A 110 -14.70 9.65 -7.07
CA SER A 110 -15.07 10.77 -7.93
C SER A 110 -16.01 11.73 -7.19
N GLY A 111 -17.11 11.20 -6.68
CA GLY A 111 -18.07 12.01 -5.97
C GLY A 111 -19.21 12.48 -6.86
N CYS A 112 -19.45 13.79 -6.87
CA CYS A 112 -20.51 14.36 -7.68
C CYS A 112 -20.27 15.85 -7.94
N SER A 113 -20.04 16.20 -9.20
CA SER A 113 -19.79 17.59 -9.58
C SER A 113 -20.93 18.50 -9.11
N GLY A 114 -20.75 19.80 -9.30
CA GLY A 114 -21.76 20.76 -8.89
C GLY A 114 -22.21 21.65 -10.04
N PRO A 115 -22.77 22.82 -9.69
CA PRO A 115 -23.25 23.78 -10.68
C PRO A 115 -22.10 24.45 -11.45
N SER A 116 -22.45 25.37 -12.33
CA SER A 116 -21.46 26.08 -13.13
C SER A 116 -21.97 27.46 -13.55
N SER A 117 -21.06 28.42 -13.62
CA SER A 117 -21.43 29.79 -13.99
C SER A 117 -21.58 29.90 -15.51
N GLY A 118 -20.59 29.39 -16.24
CA GLY A 118 -20.65 29.44 -17.69
C GLY A 118 -22.01 29.07 -18.24
N GLY A 1 36.85 -34.10 30.92
CA GLY A 1 35.51 -34.46 30.51
C GLY A 1 34.51 -33.35 30.76
N SER A 2 33.61 -33.14 29.80
CA SER A 2 32.60 -32.10 29.91
C SER A 2 31.21 -32.65 29.63
N SER A 3 30.19 -31.83 29.86
CA SER A 3 28.81 -32.24 29.64
C SER A 3 28.44 -32.12 28.16
N GLY A 4 28.68 -30.95 27.59
CA GLY A 4 28.37 -30.73 26.19
C GLY A 4 27.84 -29.33 25.92
N SER A 5 27.63 -29.01 24.65
CA SER A 5 27.11 -27.69 24.27
C SER A 5 26.45 -27.75 22.90
N SER A 6 25.74 -26.68 22.56
CA SER A 6 25.04 -26.61 21.27
C SER A 6 25.55 -25.44 20.45
N GLY A 7 25.30 -25.48 19.14
CA GLY A 7 25.74 -24.42 18.26
C GLY A 7 24.68 -23.36 18.06
N ALA A 8 24.64 -22.39 18.97
CA ALA A 8 23.67 -21.30 18.89
C ALA A 8 24.36 -19.95 18.84
N GLU A 9 25.50 -19.90 18.16
CA GLU A 9 26.26 -18.66 18.04
C GLU A 9 25.69 -17.77 16.93
N ILE A 10 24.37 -17.70 16.87
CA ILE A 10 23.69 -16.89 15.87
C ILE A 10 23.82 -15.40 16.17
N PHE A 11 23.96 -14.59 15.13
CA PHE A 11 24.09 -13.15 15.29
C PHE A 11 23.91 -12.43 13.96
N THR A 12 22.92 -11.55 13.88
CA THR A 12 22.65 -10.80 12.66
C THR A 12 22.31 -11.74 11.51
N THR A 13 21.37 -12.65 11.74
CA THR A 13 20.96 -13.61 10.72
C THR A 13 20.55 -12.89 9.44
N LEU A 14 20.40 -13.66 8.36
CA LEU A 14 20.00 -13.10 7.07
C LEU A 14 18.53 -13.39 6.79
N SER A 15 17.71 -13.38 7.84
CA SER A 15 16.29 -13.64 7.69
C SER A 15 15.46 -12.46 8.22
N CYS A 16 15.05 -11.58 7.31
CA CYS A 16 14.26 -10.42 7.68
C CYS A 16 13.24 -10.09 6.60
N GLU A 17 12.32 -9.18 6.93
CA GLU A 17 11.28 -8.78 5.98
C GLU A 17 11.82 -7.78 4.96
N PRO A 18 11.21 -7.76 3.77
CA PRO A 18 11.61 -6.85 2.69
C PRO A 18 11.27 -5.40 3.00
N ASP A 19 11.78 -4.48 2.18
CA ASP A 19 11.54 -3.06 2.37
C ASP A 19 10.06 -2.73 2.17
N ILE A 20 9.61 -1.63 2.76
CA ILE A 20 8.22 -1.21 2.64
C ILE A 20 7.95 -0.60 1.28
N PRO A 21 6.97 -1.19 0.56
CA PRO A 21 6.59 -0.73 -0.78
C PRO A 21 5.88 0.62 -0.74
N ASN A 22 6.25 1.51 -1.66
CA ASN A 22 5.64 2.83 -1.73
C ASN A 22 4.12 2.73 -1.86
N PRO A 23 3.43 3.83 -1.50
CA PRO A 23 1.97 3.88 -1.56
C PRO A 23 1.45 3.90 -3.00
N PRO A 24 0.31 3.23 -3.23
CA PRO A 24 -0.30 3.16 -4.56
C PRO A 24 -0.89 4.49 -5.00
N ARG A 25 -0.96 4.71 -6.31
CA ARG A 25 -1.50 5.95 -6.86
C ARG A 25 -2.83 5.70 -7.55
N ILE A 26 -3.51 6.78 -7.92
CA ILE A 26 -4.80 6.68 -8.58
C ILE A 26 -4.66 6.81 -10.09
N ALA A 27 -5.18 5.82 -10.82
CA ALA A 27 -5.10 5.83 -12.28
C ALA A 27 -6.49 5.89 -12.89
N ASN A 28 -7.51 5.66 -12.07
CA ASN A 28 -8.90 5.70 -12.54
C ASN A 28 -9.87 5.49 -11.38
N ARG A 29 -10.64 6.54 -11.08
CA ARG A 29 -11.61 6.46 -9.99
C ARG A 29 -12.97 6.99 -10.45
N THR A 30 -14.01 6.18 -10.22
CA THR A 30 -15.36 6.56 -10.61
C THR A 30 -16.25 6.76 -9.39
N LYS A 31 -17.52 7.04 -9.63
CA LYS A 31 -18.47 7.26 -8.55
C LYS A 31 -18.77 5.96 -7.80
N ASN A 32 -18.54 4.83 -8.48
CA ASN A 32 -18.78 3.52 -7.89
C ASN A 32 -17.62 2.58 -8.17
N SER A 33 -16.39 3.08 -8.01
CA SER A 33 -15.19 2.29 -8.25
C SER A 33 -13.94 3.07 -7.89
N LEU A 34 -12.81 2.37 -7.84
CA LEU A 34 -11.54 3.00 -7.50
C LEU A 34 -10.37 2.15 -7.98
N THR A 35 -9.56 2.73 -8.87
CA THR A 35 -8.41 2.02 -9.41
C THR A 35 -7.11 2.51 -8.77
N LEU A 36 -6.31 1.57 -8.28
CA LEU A 36 -5.04 1.91 -7.64
C LEU A 36 -3.89 1.11 -8.25
N GLN A 37 -2.82 1.80 -8.62
CA GLN A 37 -1.65 1.15 -9.22
C GLN A 37 -0.42 1.36 -8.34
N TRP A 38 0.52 0.41 -8.44
CA TRP A 38 1.75 0.49 -7.66
C TRP A 38 2.86 -0.32 -8.32
N LYS A 39 4.04 -0.29 -7.70
CA LYS A 39 5.18 -1.04 -8.24
C LYS A 39 5.74 -2.00 -7.19
N ALA A 40 6.74 -2.77 -7.58
CA ALA A 40 7.36 -3.74 -6.68
C ALA A 40 8.68 -3.20 -6.13
N PRO A 41 8.82 -3.25 -4.80
CA PRO A 41 10.03 -2.78 -4.11
C PRO A 41 11.24 -3.68 -4.37
N SER A 42 12.27 -3.52 -3.56
CA SER A 42 13.48 -4.32 -3.70
C SER A 42 13.37 -5.63 -2.92
N ASP A 43 13.40 -6.74 -3.63
CA ASP A 43 13.30 -8.05 -3.01
C ASP A 43 14.61 -8.43 -2.34
N ASN A 44 14.65 -8.33 -1.01
CA ASN A 44 15.85 -8.66 -0.24
C ASN A 44 15.77 -10.08 0.28
N GLY A 45 16.64 -10.95 -0.23
CA GLY A 45 16.66 -12.34 0.19
C GLY A 45 15.85 -13.25 -0.71
N SER A 46 14.55 -13.29 -0.49
CA SER A 46 13.67 -14.13 -1.29
C SER A 46 12.58 -13.29 -1.96
N LYS A 47 12.36 -13.55 -3.25
CA LYS A 47 11.35 -12.82 -4.01
C LYS A 47 10.09 -12.59 -3.17
N ILE A 48 9.25 -11.66 -3.61
CA ILE A 48 8.02 -11.34 -2.90
C ILE A 48 6.86 -12.17 -3.46
N GLN A 49 6.49 -13.22 -2.75
CA GLN A 49 5.39 -14.08 -3.17
C GLN A 49 4.30 -13.27 -3.86
N ASN A 50 3.54 -12.52 -3.07
CA ASN A 50 2.46 -11.70 -3.61
C ASN A 50 2.32 -10.40 -2.81
N PHE A 51 1.48 -9.50 -3.32
CA PHE A 51 1.25 -8.22 -2.65
C PHE A 51 0.02 -8.28 -1.77
N VAL A 52 0.08 -7.60 -0.64
CA VAL A 52 -1.04 -7.57 0.30
C VAL A 52 -1.59 -6.15 0.48
N LEU A 53 -2.76 -5.90 -0.11
CA LEU A 53 -3.38 -4.58 -0.02
C LEU A 53 -4.36 -4.53 1.14
N GLU A 54 -4.59 -3.33 1.66
CA GLU A 54 -5.51 -3.14 2.78
C GLU A 54 -6.20 -1.78 2.69
N TRP A 55 -7.40 -1.69 3.23
CA TRP A 55 -8.16 -0.44 3.22
C TRP A 55 -9.20 -0.42 4.34
N ASP A 56 -9.63 0.77 4.72
CA ASP A 56 -10.62 0.92 5.77
C ASP A 56 -12.03 0.89 5.20
N GLU A 57 -12.22 0.13 4.12
CA GLU A 57 -13.51 0.01 3.48
C GLU A 57 -14.24 1.36 3.48
N GLY A 58 -13.48 2.44 3.43
CA GLY A 58 -14.07 3.77 3.43
C GLY A 58 -15.18 3.90 4.44
N LYS A 59 -14.95 3.42 5.66
CA LYS A 59 -15.94 3.49 6.72
C LYS A 59 -15.67 4.68 7.64
N GLY A 60 -14.42 4.82 8.08
CA GLY A 60 -14.06 5.91 8.95
C GLY A 60 -13.98 5.50 10.41
N ASN A 61 -13.46 4.30 10.65
CA ASN A 61 -13.34 3.77 12.00
C ASN A 61 -11.88 3.62 12.39
N GLY A 62 -11.08 3.09 11.47
CA GLY A 62 -9.67 2.89 11.73
C GLY A 62 -9.27 1.43 11.75
N GLU A 63 -9.94 0.64 10.91
CA GLU A 63 -9.65 -0.79 10.83
C GLU A 63 -9.36 -1.20 9.38
N PHE A 64 -8.11 -1.55 9.12
CA PHE A 64 -7.69 -1.96 7.78
C PHE A 64 -7.72 -3.47 7.64
N CYS A 65 -8.28 -3.95 6.52
CA CYS A 65 -8.37 -5.38 6.28
C CYS A 65 -7.90 -5.71 4.86
N GLN A 66 -7.35 -6.91 4.70
CA GLN A 66 -6.86 -7.36 3.39
C GLN A 66 -7.92 -7.18 2.31
N CYS A 67 -7.66 -6.28 1.37
CA CYS A 67 -8.60 -6.01 0.29
C CYS A 67 -8.30 -6.90 -0.92
N TYR A 68 -7.07 -6.83 -1.41
CA TYR A 68 -6.65 -7.61 -2.56
C TYR A 68 -5.27 -8.23 -2.33
N MET A 69 -5.17 -9.53 -2.56
CA MET A 69 -3.90 -10.24 -2.38
C MET A 69 -3.58 -11.10 -3.60
N GLY A 70 -2.54 -10.73 -4.33
CA GLY A 70 -2.14 -11.47 -5.51
C GLY A 70 -0.84 -10.96 -6.11
N SER A 71 -0.51 -11.47 -7.29
CA SER A 71 0.72 -11.07 -7.97
C SER A 71 0.55 -9.71 -8.65
N GLN A 72 -0.61 -9.51 -9.28
CA GLN A 72 -0.89 -8.26 -9.97
C GLN A 72 -0.61 -7.07 -9.06
N LYS A 73 -0.19 -5.96 -9.65
CA LYS A 73 0.11 -4.75 -8.90
C LYS A 73 -0.97 -3.69 -9.11
N GLN A 74 -2.09 -4.10 -9.69
CA GLN A 74 -3.20 -3.19 -9.94
C GLN A 74 -4.54 -3.85 -9.62
N PHE A 75 -5.37 -3.16 -8.87
CA PHE A 75 -6.69 -3.67 -8.49
C PHE A 75 -7.74 -2.56 -8.51
N LYS A 76 -8.89 -2.87 -9.09
CA LYS A 76 -9.97 -1.89 -9.18
C LYS A 76 -11.12 -2.29 -8.27
N ILE A 77 -11.29 -1.55 -7.18
CA ILE A 77 -12.37 -1.82 -6.23
C ILE A 77 -13.69 -1.25 -6.71
N THR A 78 -14.57 -2.12 -7.18
CA THR A 78 -15.88 -1.71 -7.68
C THR A 78 -16.93 -1.75 -6.57
N LYS A 79 -18.16 -1.46 -6.93
CA LYS A 79 -19.27 -1.48 -5.96
C LYS A 79 -19.04 -0.44 -4.86
N LEU A 80 -18.65 0.76 -5.26
CA LEU A 80 -18.40 1.84 -4.30
C LEU A 80 -19.40 2.97 -4.49
N SER A 81 -19.23 4.04 -3.71
CA SER A 81 -20.13 5.18 -3.78
C SER A 81 -19.34 6.48 -3.91
N PRO A 82 -19.98 7.49 -4.51
CA PRO A 82 -19.35 8.81 -4.72
C PRO A 82 -19.16 9.57 -3.41
N ALA A 83 -18.05 10.30 -3.32
CA ALA A 83 -17.75 11.08 -2.13
C ALA A 83 -17.56 10.17 -0.92
N MET A 84 -16.75 9.12 -1.09
CA MET A 84 -16.49 8.18 -0.01
C MET A 84 -15.00 8.09 0.27
N GLY A 85 -14.51 8.89 1.21
CA GLY A 85 -13.11 8.88 1.55
C GLY A 85 -12.66 7.55 2.12
N CYS A 86 -11.74 6.90 1.40
CA CYS A 86 -11.22 5.60 1.84
C CYS A 86 -9.70 5.58 1.79
N LYS A 87 -9.09 4.96 2.79
CA LYS A 87 -7.64 4.87 2.87
C LYS A 87 -7.15 3.52 2.35
N PHE A 88 -5.88 3.47 1.97
CA PHE A 88 -5.29 2.25 1.44
C PHE A 88 -3.82 2.14 1.82
N ARG A 89 -3.25 0.95 1.69
CA ARG A 89 -1.85 0.72 2.02
C ARG A 89 -1.32 -0.51 1.28
N LEU A 90 -0.05 -0.43 0.87
CA LEU A 90 0.58 -1.54 0.17
C LEU A 90 1.68 -2.17 1.01
N SER A 91 1.83 -3.49 0.88
CA SER A 91 2.84 -4.22 1.63
C SER A 91 3.32 -5.45 0.86
N ALA A 92 4.61 -5.73 0.95
CA ALA A 92 5.20 -6.87 0.26
C ALA A 92 5.47 -8.02 1.23
N ARG A 93 5.06 -9.22 0.84
CA ARG A 93 5.25 -10.40 1.68
C ARG A 93 6.01 -11.49 0.92
N ASN A 94 7.07 -12.00 1.54
CA ASN A 94 7.88 -13.04 0.93
C ASN A 94 7.92 -14.29 1.79
N ASP A 95 8.71 -15.28 1.39
CA ASP A 95 8.84 -16.52 2.13
C ASP A 95 8.93 -16.25 3.63
N TYR A 96 9.57 -15.14 3.99
CA TYR A 96 9.72 -14.77 5.39
C TYR A 96 8.39 -14.32 5.98
N GLY A 97 7.91 -13.16 5.54
CA GLY A 97 6.66 -12.64 6.03
C GLY A 97 6.25 -11.34 5.34
N THR A 98 5.20 -10.71 5.85
CA THR A 98 4.72 -9.46 5.27
C THR A 98 5.43 -8.25 5.89
N SER A 99 6.14 -7.51 5.06
CA SER A 99 6.87 -6.33 5.53
C SER A 99 5.92 -5.16 5.78
N GLY A 100 6.29 -4.29 6.72
CA GLY A 100 5.46 -3.15 7.05
C GLY A 100 4.72 -2.61 5.83
N PHE A 101 3.49 -2.17 6.06
CA PHE A 101 2.67 -1.62 4.97
C PHE A 101 3.15 -0.24 4.58
N SER A 102 2.57 0.30 3.51
CA SER A 102 2.94 1.63 3.02
C SER A 102 2.17 2.71 3.76
N GLU A 103 2.62 3.96 3.62
CA GLU A 103 1.97 5.09 4.27
C GLU A 103 0.50 5.15 3.90
N GLU A 104 -0.35 5.35 4.90
CA GLU A 104 -1.79 5.44 4.68
C GLU A 104 -2.14 6.57 3.72
N VAL A 105 -2.77 6.22 2.60
CA VAL A 105 -3.16 7.20 1.60
C VAL A 105 -4.68 7.36 1.54
N LEU A 106 -5.14 8.59 1.77
CA LEU A 106 -6.58 8.87 1.75
C LEU A 106 -7.02 9.29 0.35
N TYR A 107 -8.05 8.62 -0.16
CA TYR A 107 -8.58 8.92 -1.49
C TYR A 107 -10.09 9.12 -1.45
N TYR A 108 -10.60 9.94 -2.37
CA TYR A 108 -12.03 10.22 -2.43
C TYR A 108 -12.56 10.00 -3.85
N THR A 109 -13.48 9.05 -3.98
CA THR A 109 -14.07 8.74 -5.28
C THR A 109 -14.33 10.01 -6.09
N SER A 110 -14.41 9.86 -7.41
CA SER A 110 -14.65 10.99 -8.29
C SER A 110 -15.92 11.74 -7.89
N GLY A 111 -16.76 11.07 -7.11
CA GLY A 111 -18.00 11.69 -6.66
C GLY A 111 -17.81 13.11 -6.18
N CYS A 112 -16.72 13.34 -5.46
CA CYS A 112 -16.43 14.68 -4.93
C CYS A 112 -16.14 15.65 -6.07
N SER A 113 -15.10 15.37 -6.85
CA SER A 113 -14.72 16.23 -7.96
C SER A 113 -14.11 17.53 -7.46
N GLY A 114 -13.24 17.42 -6.44
CA GLY A 114 -12.60 18.60 -5.89
C GLY A 114 -11.26 18.28 -5.25
N PRO A 115 -10.36 19.26 -5.23
CA PRO A 115 -9.02 19.10 -4.66
C PRO A 115 -9.06 18.98 -3.13
N SER A 116 -10.14 19.48 -2.53
CA SER A 116 -10.30 19.43 -1.08
C SER A 116 -11.77 19.49 -0.70
N SER A 117 -12.09 19.03 0.51
CA SER A 117 -13.46 19.02 1.00
C SER A 117 -13.56 19.76 2.33
N GLY A 118 -14.29 20.87 2.33
CA GLY A 118 -14.45 21.65 3.55
C GLY A 118 -15.22 22.93 3.32
N GLY A 1 27.82 19.05 -0.81
CA GLY A 1 28.46 18.75 -2.07
C GLY A 1 27.61 17.89 -2.97
N SER A 2 27.89 17.93 -4.28
CA SER A 2 27.14 17.16 -5.25
C SER A 2 27.59 15.69 -5.24
N SER A 3 28.89 15.48 -5.47
CA SER A 3 29.45 14.13 -5.49
C SER A 3 29.98 13.74 -4.12
N GLY A 4 30.24 12.45 -3.93
CA GLY A 4 30.75 11.97 -2.66
C GLY A 4 31.48 10.66 -2.80
N SER A 5 32.09 10.21 -1.71
CA SER A 5 32.83 8.95 -1.72
C SER A 5 31.94 7.79 -2.13
N SER A 6 32.07 7.39 -3.39
CA SER A 6 31.27 6.29 -3.92
C SER A 6 32.14 5.10 -4.29
N GLY A 7 31.52 4.00 -4.71
CA GLY A 7 32.26 2.82 -5.07
C GLY A 7 31.38 1.58 -5.11
N ALA A 8 31.22 0.93 -3.96
CA ALA A 8 30.39 -0.27 -3.87
C ALA A 8 29.93 -0.51 -2.44
N GLU A 9 28.64 -0.74 -2.28
CA GLU A 9 28.07 -1.00 -0.96
C GLU A 9 27.52 -2.42 -0.86
N ILE A 10 28.33 -3.30 -0.27
CA ILE A 10 27.93 -4.70 -0.11
C ILE A 10 26.49 -4.80 0.37
N PHE A 11 25.86 -5.94 0.09
CA PHE A 11 24.47 -6.17 0.51
C PHE A 11 24.30 -7.58 1.04
N THR A 12 24.07 -7.70 2.35
CA THR A 12 23.89 -9.00 2.98
C THR A 12 22.79 -8.95 4.04
N THR A 13 21.80 -9.81 3.90
CA THR A 13 20.68 -9.86 4.84
C THR A 13 20.37 -11.30 5.25
N LEU A 14 19.55 -11.44 6.28
CA LEU A 14 19.17 -12.76 6.77
C LEU A 14 17.95 -12.67 7.68
N SER A 15 17.04 -13.64 7.55
CA SER A 15 15.83 -13.67 8.36
C SER A 15 15.30 -12.26 8.59
N CYS A 16 15.12 -11.51 7.51
CA CYS A 16 14.62 -10.14 7.59
C CYS A 16 13.52 -9.90 6.57
N GLU A 17 12.87 -8.75 6.66
CA GLU A 17 11.79 -8.40 5.74
C GLU A 17 12.27 -7.38 4.72
N PRO A 18 11.59 -7.35 3.56
CA PRO A 18 11.92 -6.43 2.47
C PRO A 18 11.58 -4.98 2.81
N ASP A 19 12.13 -4.05 2.04
CA ASP A 19 11.88 -2.63 2.26
C ASP A 19 10.43 -2.28 1.98
N ILE A 20 9.90 -1.30 2.70
CA ILE A 20 8.52 -0.86 2.52
C ILE A 20 8.30 -0.30 1.13
N PRO A 21 7.39 -0.95 0.37
CA PRO A 21 7.07 -0.53 -1.00
C PRO A 21 6.30 0.79 -1.03
N ASN A 22 6.49 1.56 -2.10
CA ASN A 22 5.82 2.85 -2.24
C ASN A 22 4.29 2.66 -2.21
N PRO A 23 3.58 3.73 -1.81
CA PRO A 23 2.11 3.70 -1.73
C PRO A 23 1.46 3.66 -3.11
N PRO A 24 0.27 3.04 -3.18
CA PRO A 24 -0.48 2.91 -4.42
C PRO A 24 -1.04 4.24 -4.91
N ARG A 25 -0.99 4.46 -6.22
CA ARG A 25 -1.49 5.69 -6.81
C ARG A 25 -2.84 5.47 -7.48
N ILE A 26 -3.43 6.55 -7.98
CA ILE A 26 -4.73 6.47 -8.65
C ILE A 26 -4.58 6.61 -10.16
N ALA A 27 -5.23 5.72 -10.90
CA ALA A 27 -5.17 5.74 -12.35
C ALA A 27 -6.56 5.91 -12.96
N ASN A 28 -7.59 5.68 -12.14
CA ASN A 28 -8.97 5.82 -12.60
C ASN A 28 -9.94 5.60 -11.44
N ARG A 29 -10.66 6.66 -11.08
CA ARG A 29 -11.63 6.60 -9.99
C ARG A 29 -12.99 7.11 -10.44
N THR A 30 -14.01 6.28 -10.27
CA THR A 30 -15.37 6.64 -10.66
C THR A 30 -16.24 6.90 -9.44
N LYS A 31 -17.51 7.23 -9.68
CA LYS A 31 -18.45 7.51 -8.60
C LYS A 31 -18.73 6.24 -7.79
N ASN A 32 -18.57 5.08 -8.43
CA ASN A 32 -18.80 3.82 -7.76
C ASN A 32 -17.66 2.83 -8.04
N SER A 33 -16.45 3.36 -8.14
CA SER A 33 -15.28 2.53 -8.41
C SER A 33 -13.99 3.29 -8.11
N LEU A 34 -12.92 2.56 -7.84
CA LEU A 34 -11.63 3.16 -7.52
C LEU A 34 -10.49 2.27 -8.01
N THR A 35 -9.71 2.78 -8.95
CA THR A 35 -8.59 2.02 -9.50
C THR A 35 -7.27 2.51 -8.91
N LEU A 36 -6.51 1.59 -8.33
CA LEU A 36 -5.23 1.93 -7.73
C LEU A 36 -4.10 1.11 -8.35
N GLN A 37 -2.99 1.78 -8.66
CA GLN A 37 -1.84 1.11 -9.26
C GLN A 37 -0.57 1.42 -8.47
N TRP A 38 0.18 0.37 -8.15
CA TRP A 38 1.42 0.52 -7.40
C TRP A 38 2.58 -0.17 -8.12
N LYS A 39 3.79 0.02 -7.60
CA LYS A 39 4.98 -0.59 -8.19
C LYS A 39 5.63 -1.56 -7.21
N ALA A 40 6.59 -2.34 -7.71
CA ALA A 40 7.29 -3.31 -6.88
C ALA A 40 8.53 -2.70 -6.25
N PRO A 41 8.73 -2.98 -4.95
CA PRO A 41 9.88 -2.45 -4.20
C PRO A 41 11.19 -3.08 -4.64
N SER A 42 12.23 -2.93 -3.82
CA SER A 42 13.54 -3.47 -4.13
C SER A 42 13.71 -4.85 -3.50
N ASP A 43 13.84 -5.87 -4.35
CA ASP A 43 14.01 -7.23 -3.88
C ASP A 43 15.38 -7.42 -3.24
N ASN A 44 15.55 -6.86 -2.04
CA ASN A 44 16.82 -6.96 -1.32
C ASN A 44 16.94 -8.32 -0.63
N GLY A 45 15.91 -8.70 0.11
CA GLY A 45 15.93 -9.97 0.80
C GLY A 45 15.71 -11.15 -0.14
N SER A 46 14.50 -11.27 -0.66
CA SER A 46 14.17 -12.36 -1.58
C SER A 46 12.95 -12.01 -2.41
N LYS A 47 12.52 -12.94 -3.26
CA LYS A 47 11.37 -12.74 -4.12
C LYS A 47 10.11 -12.53 -3.30
N ILE A 48 9.37 -11.48 -3.60
CA ILE A 48 8.14 -11.17 -2.89
C ILE A 48 6.99 -12.06 -3.37
N GLN A 49 6.56 -12.97 -2.51
CA GLN A 49 5.46 -13.88 -2.84
C GLN A 49 4.35 -13.14 -3.58
N ASN A 50 3.67 -12.24 -2.86
CA ASN A 50 2.59 -11.47 -3.45
C ASN A 50 2.37 -10.16 -2.69
N PHE A 51 1.61 -9.26 -3.29
CA PHE A 51 1.33 -7.96 -2.67
C PHE A 51 0.06 -8.02 -1.83
N VAL A 52 0.13 -7.51 -0.61
CA VAL A 52 -1.01 -7.50 0.29
C VAL A 52 -1.57 -6.10 0.47
N LEU A 53 -2.80 -5.89 0.01
CA LEU A 53 -3.45 -4.58 0.11
C LEU A 53 -4.54 -4.61 1.17
N GLU A 54 -4.86 -3.44 1.73
CA GLU A 54 -5.90 -3.33 2.75
C GLU A 54 -6.56 -1.96 2.69
N TRP A 55 -7.80 -1.89 3.17
CA TRP A 55 -8.56 -0.64 3.18
C TRP A 55 -9.63 -0.66 4.26
N ASP A 56 -10.11 0.52 4.63
CA ASP A 56 -11.15 0.64 5.64
C ASP A 56 -12.53 0.73 5.00
N GLU A 57 -12.71 0.03 3.89
CA GLU A 57 -13.99 0.03 3.17
C GLU A 57 -14.61 1.42 3.20
N GLY A 58 -13.77 2.45 3.15
CA GLY A 58 -14.26 3.82 3.16
C GLY A 58 -15.33 4.03 4.21
N LYS A 59 -15.10 3.50 5.41
CA LYS A 59 -16.06 3.64 6.51
C LYS A 59 -15.73 4.85 7.36
N GLY A 60 -14.50 4.89 7.89
CA GLY A 60 -14.08 6.00 8.72
C GLY A 60 -13.93 5.60 10.17
N ASN A 61 -13.38 4.41 10.41
CA ASN A 61 -13.19 3.91 11.76
C ASN A 61 -11.70 3.73 12.07
N GLY A 62 -10.97 3.16 11.12
CA GLY A 62 -9.55 2.94 11.30
C GLY A 62 -9.19 1.47 11.30
N GLU A 63 -9.99 0.66 10.62
CA GLU A 63 -9.76 -0.77 10.56
C GLU A 63 -9.36 -1.19 9.15
N PHE A 64 -8.19 -1.83 9.02
CA PHE A 64 -7.70 -2.28 7.73
C PHE A 64 -7.75 -3.80 7.63
N CYS A 65 -8.32 -4.30 6.53
CA CYS A 65 -8.43 -5.73 6.31
C CYS A 65 -7.96 -6.11 4.91
N GLN A 66 -7.64 -7.39 4.72
CA GLN A 66 -7.18 -7.87 3.43
C GLN A 66 -8.22 -7.62 2.35
N CYS A 67 -7.89 -6.75 1.40
CA CYS A 67 -8.80 -6.42 0.31
C CYS A 67 -8.34 -7.07 -1.00
N TYR A 68 -7.04 -7.04 -1.24
CA TYR A 68 -6.47 -7.61 -2.45
C TYR A 68 -5.10 -8.24 -2.17
N MET A 69 -4.97 -9.52 -2.50
CA MET A 69 -3.72 -10.24 -2.28
C MET A 69 -3.34 -11.06 -3.52
N GLY A 70 -2.27 -10.65 -4.18
CA GLY A 70 -1.83 -11.37 -5.37
C GLY A 70 -0.61 -10.72 -6.02
N SER A 71 0.01 -11.44 -6.95
CA SER A 71 1.20 -10.93 -7.63
C SER A 71 0.90 -9.61 -8.31
N GLN A 72 -0.22 -9.54 -9.01
CA GLN A 72 -0.61 -8.33 -9.72
C GLN A 72 -0.34 -7.09 -8.87
N LYS A 73 -0.22 -5.95 -9.54
CA LYS A 73 0.05 -4.69 -8.84
C LYS A 73 -1.03 -3.67 -9.13
N GLN A 74 -2.19 -4.15 -9.59
CA GLN A 74 -3.32 -3.27 -9.90
C GLN A 74 -4.63 -3.92 -9.51
N PHE A 75 -5.47 -3.16 -8.80
CA PHE A 75 -6.77 -3.66 -8.37
C PHE A 75 -7.82 -2.55 -8.40
N LYS A 76 -8.93 -2.82 -9.08
CA LYS A 76 -10.01 -1.85 -9.19
C LYS A 76 -11.16 -2.22 -8.28
N ILE A 77 -11.35 -1.43 -7.22
CA ILE A 77 -12.42 -1.66 -6.27
C ILE A 77 -13.73 -1.03 -6.73
N THR A 78 -14.68 -1.88 -7.12
CA THR A 78 -15.98 -1.41 -7.60
C THR A 78 -17.02 -1.46 -6.48
N LYS A 79 -18.26 -1.13 -6.82
CA LYS A 79 -19.35 -1.14 -5.86
C LYS A 79 -19.10 -0.12 -4.75
N LEU A 80 -18.70 1.08 -5.14
CA LEU A 80 -18.42 2.15 -4.18
C LEU A 80 -19.41 3.30 -4.36
N SER A 81 -19.20 4.37 -3.59
CA SER A 81 -20.07 5.54 -3.66
C SER A 81 -19.24 6.82 -3.80
N PRO A 82 -19.83 7.83 -4.46
CA PRO A 82 -19.18 9.12 -4.68
C PRO A 82 -19.04 9.92 -3.39
N ALA A 83 -18.06 10.81 -3.36
CA ALA A 83 -17.82 11.64 -2.18
C ALA A 83 -17.54 10.79 -0.95
N MET A 84 -16.67 9.79 -1.11
CA MET A 84 -16.32 8.90 -0.01
C MET A 84 -14.81 8.81 0.16
N GLY A 85 -14.34 8.96 1.39
CA GLY A 85 -12.92 8.90 1.66
C GLY A 85 -12.49 7.54 2.18
N CYS A 86 -11.62 6.87 1.46
CA CYS A 86 -11.12 5.55 1.86
C CYS A 86 -9.60 5.52 1.87
N LYS A 87 -9.04 4.87 2.88
CA LYS A 87 -7.60 4.77 3.02
C LYS A 87 -7.09 3.44 2.47
N PHE A 88 -5.84 3.42 2.02
CA PHE A 88 -5.24 2.22 1.46
C PHE A 88 -3.77 2.11 1.85
N ARG A 89 -3.24 0.90 1.81
CA ARG A 89 -1.85 0.66 2.17
C ARG A 89 -1.30 -0.57 1.44
N LEU A 90 -0.09 -0.45 0.92
CA LEU A 90 0.55 -1.56 0.20
C LEU A 90 1.73 -2.11 0.99
N SER A 91 1.95 -3.41 0.87
CA SER A 91 3.05 -4.07 1.58
C SER A 91 3.50 -5.33 0.84
N ALA A 92 4.80 -5.58 0.86
CA ALA A 92 5.37 -6.75 0.19
C ALA A 92 5.74 -7.83 1.20
N ARG A 93 5.26 -9.05 0.96
CA ARG A 93 5.55 -10.17 1.85
C ARG A 93 6.27 -11.28 1.10
N ASN A 94 7.39 -11.74 1.66
CA ASN A 94 8.17 -12.81 1.05
C ASN A 94 8.28 -14.02 1.98
N ASP A 95 9.00 -15.03 1.54
CA ASP A 95 9.18 -16.24 2.33
C ASP A 95 9.40 -15.90 3.80
N TYR A 96 9.97 -14.72 4.05
CA TYR A 96 10.24 -14.27 5.41
C TYR A 96 8.97 -13.79 6.09
N GLY A 97 8.43 -12.68 5.59
CA GLY A 97 7.21 -12.13 6.16
C GLY A 97 6.82 -10.81 5.53
N THR A 98 5.64 -10.31 5.87
CA THR A 98 5.14 -9.05 5.33
C THR A 98 5.94 -7.87 5.87
N SER A 99 6.59 -7.14 4.97
CA SER A 99 7.40 -5.99 5.35
C SER A 99 6.51 -4.82 5.75
N GLY A 100 7.08 -3.87 6.51
CA GLY A 100 6.32 -2.71 6.94
C GLY A 100 5.30 -2.26 5.91
N PHE A 101 4.19 -1.70 6.38
CA PHE A 101 3.13 -1.23 5.49
C PHE A 101 3.44 0.18 4.99
N SER A 102 3.27 0.39 3.69
CA SER A 102 3.52 1.69 3.08
C SER A 102 2.71 2.79 3.78
N GLU A 103 3.03 4.04 3.47
CA GLU A 103 2.34 5.17 4.07
C GLU A 103 0.85 5.15 3.72
N GLU A 104 0.01 5.30 4.73
CA GLU A 104 -1.45 5.30 4.53
C GLU A 104 -1.87 6.40 3.57
N VAL A 105 -2.51 6.01 2.48
CA VAL A 105 -2.97 6.98 1.48
C VAL A 105 -4.48 7.09 1.49
N LEU A 106 -4.98 8.32 1.46
CA LEU A 106 -6.41 8.58 1.45
C LEU A 106 -6.86 9.18 0.12
N TYR A 107 -7.90 8.60 -0.47
CA TYR A 107 -8.42 9.08 -1.74
C TYR A 107 -9.92 9.35 -1.65
N TYR A 108 -10.42 10.21 -2.52
CA TYR A 108 -11.83 10.55 -2.54
C TYR A 108 -12.43 10.34 -3.93
N THR A 109 -13.38 9.42 -4.03
CA THR A 109 -14.03 9.13 -5.29
C THR A 109 -14.37 10.40 -6.05
N SER A 110 -14.65 10.27 -7.34
CA SER A 110 -14.98 11.42 -8.18
C SER A 110 -15.80 12.44 -7.41
N GLY A 111 -16.96 12.03 -6.93
CA GLY A 111 -17.83 12.91 -6.17
C GLY A 111 -18.02 14.25 -6.86
N CYS A 112 -17.84 15.33 -6.11
CA CYS A 112 -18.00 16.67 -6.65
C CYS A 112 -17.09 16.88 -7.87
N SER A 113 -17.17 18.08 -8.45
CA SER A 113 -16.36 18.40 -9.63
C SER A 113 -15.17 19.26 -9.23
N GLY A 114 -14.28 19.49 -10.19
CA GLY A 114 -13.09 20.29 -9.93
C GLY A 114 -12.70 21.15 -11.11
N PRO A 115 -11.43 21.61 -11.13
CA PRO A 115 -10.91 22.44 -12.21
C PRO A 115 -10.74 21.67 -13.51
N SER A 116 -11.07 20.38 -13.48
CA SER A 116 -10.96 19.53 -14.66
C SER A 116 -11.29 20.32 -15.93
N SER A 117 -10.34 20.36 -16.86
CA SER A 117 -10.53 21.08 -18.11
C SER A 117 -11.19 20.18 -19.16
N GLY A 118 -11.36 20.72 -20.36
CA GLY A 118 -11.99 19.97 -21.43
C GLY A 118 -13.25 20.63 -21.95
N GLY A 1 12.24 25.21 11.77
CA GLY A 1 12.06 24.38 10.60
C GLY A 1 12.47 22.94 10.85
N SER A 2 12.18 22.07 9.88
CA SER A 2 12.52 20.65 10.01
C SER A 2 13.41 20.20 8.86
N SER A 3 14.70 20.05 9.15
CA SER A 3 15.67 19.64 8.15
C SER A 3 15.50 18.15 7.82
N GLY A 4 15.45 17.33 8.86
CA GLY A 4 15.30 15.90 8.67
C GLY A 4 16.40 15.10 9.33
N SER A 5 16.23 13.78 9.38
CA SER A 5 17.23 12.91 10.00
C SER A 5 17.06 11.48 9.51
N SER A 6 18.02 11.01 8.71
CA SER A 6 17.98 9.65 8.18
C SER A 6 19.32 8.95 8.37
N GLY A 7 19.29 7.62 8.35
CA GLY A 7 20.51 6.85 8.53
C GLY A 7 20.25 5.50 9.18
N ALA A 8 21.05 4.51 8.81
CA ALA A 8 20.91 3.17 9.36
C ALA A 8 22.26 2.59 9.74
N GLU A 9 22.27 1.71 10.74
CA GLU A 9 23.50 1.08 11.21
C GLU A 9 24.27 0.47 10.04
N ILE A 10 25.46 -0.06 10.34
CA ILE A 10 26.29 -0.67 9.31
C ILE A 10 25.43 -1.36 8.25
N PHE A 11 25.80 -1.16 6.99
CA PHE A 11 25.07 -1.76 5.88
C PHE A 11 24.93 -3.27 6.07
N THR A 12 23.80 -3.69 6.61
CA THR A 12 23.54 -5.10 6.85
C THR A 12 22.11 -5.47 6.48
N THR A 13 21.89 -6.75 6.19
CA THR A 13 20.57 -7.23 5.82
C THR A 13 20.01 -8.18 6.87
N LEU A 14 18.69 -8.26 6.96
CA LEU A 14 18.03 -9.13 7.92
C LEU A 14 17.08 -10.10 7.23
N SER A 15 17.26 -11.39 7.48
CA SER A 15 16.42 -12.41 6.88
C SER A 15 15.11 -12.56 7.65
N CYS A 16 14.35 -11.47 7.74
CA CYS A 16 13.07 -11.48 8.45
C CYS A 16 11.94 -11.03 7.54
N GLU A 17 12.09 -9.84 6.95
CA GLU A 17 11.08 -9.30 6.06
C GLU A 17 11.67 -8.25 5.13
N PRO A 18 11.06 -8.10 3.95
CA PRO A 18 11.51 -7.13 2.94
C PRO A 18 11.28 -5.69 3.37
N ASP A 19 11.69 -4.75 2.53
CA ASP A 19 11.53 -3.32 2.83
C ASP A 19 10.10 -2.87 2.51
N ILE A 20 9.69 -1.74 3.10
CA ILE A 20 8.36 -1.21 2.88
C ILE A 20 8.23 -0.62 1.48
N PRO A 21 7.30 -1.18 0.69
CA PRO A 21 7.05 -0.72 -0.68
C PRO A 21 6.40 0.66 -0.72
N ASN A 22 6.37 1.26 -1.91
CA ASN A 22 5.77 2.58 -2.08
C ASN A 22 4.25 2.49 -2.16
N PRO A 23 3.57 3.58 -1.76
CA PRO A 23 2.12 3.64 -1.78
C PRO A 23 1.55 3.67 -3.19
N PRO A 24 0.37 3.06 -3.37
CA PRO A 24 -0.31 3.00 -4.68
C PRO A 24 -0.84 4.36 -5.11
N ARG A 25 -0.89 4.59 -6.42
CA ARG A 25 -1.38 5.85 -6.97
C ARG A 25 -2.75 5.68 -7.58
N ILE A 26 -3.34 6.78 -8.04
CA ILE A 26 -4.66 6.75 -8.65
C ILE A 26 -4.56 6.76 -10.17
N ALA A 27 -5.12 5.74 -10.81
CA ALA A 27 -5.10 5.63 -12.26
C ALA A 27 -6.49 5.84 -12.84
N ASN A 28 -7.50 5.78 -12.00
CA ASN A 28 -8.88 5.96 -12.43
C ASN A 28 -9.83 6.00 -11.23
N ARG A 29 -10.52 7.13 -11.07
CA ARG A 29 -11.45 7.29 -9.96
C ARG A 29 -12.88 7.38 -10.48
N THR A 30 -13.77 6.54 -9.93
CA THR A 30 -15.16 6.53 -10.33
C THR A 30 -16.08 6.48 -9.12
N LYS A 31 -17.28 7.05 -9.27
CA LYS A 31 -18.25 7.07 -8.18
C LYS A 31 -18.84 5.68 -7.95
N ASN A 32 -18.33 4.70 -8.69
CA ASN A 32 -18.80 3.32 -8.56
C ASN A 32 -17.63 2.36 -8.34
N SER A 33 -16.43 2.84 -8.60
CA SER A 33 -15.22 2.02 -8.44
C SER A 33 -14.00 2.90 -8.19
N LEU A 34 -12.86 2.26 -7.92
CA LEU A 34 -11.62 2.98 -7.67
C LEU A 34 -10.42 2.16 -8.12
N THR A 35 -9.69 2.67 -9.12
CA THR A 35 -8.51 1.99 -9.64
C THR A 35 -7.25 2.47 -8.94
N LEU A 36 -6.40 1.53 -8.55
CA LEU A 36 -5.15 1.85 -7.87
C LEU A 36 -3.99 1.06 -8.46
N GLN A 37 -2.93 1.77 -8.87
CA GLN A 37 -1.76 1.13 -9.44
C GLN A 37 -0.53 1.38 -8.59
N TRP A 38 0.25 0.34 -8.36
CA TRP A 38 1.46 0.44 -7.56
C TRP A 38 2.64 -0.26 -8.24
N LYS A 39 3.80 -0.20 -7.61
CA LYS A 39 5.00 -0.83 -8.15
C LYS A 39 5.56 -1.87 -7.18
N ALA A 40 6.62 -2.55 -7.58
CA ALA A 40 7.25 -3.56 -6.74
C ALA A 40 8.50 -3.01 -6.06
N PRO A 41 8.63 -3.27 -4.76
CA PRO A 41 9.77 -2.82 -3.96
C PRO A 41 11.06 -3.54 -4.33
N SER A 42 12.09 -3.37 -3.51
CA SER A 42 13.38 -4.00 -3.75
C SER A 42 13.42 -5.40 -3.13
N ASP A 43 13.46 -6.41 -4.00
CA ASP A 43 13.51 -7.80 -3.54
C ASP A 43 14.81 -8.08 -2.79
N ASN A 44 14.83 -7.74 -1.50
CA ASN A 44 16.01 -7.95 -0.67
C ASN A 44 15.81 -9.15 0.25
N GLY A 45 16.53 -10.24 -0.01
CA GLY A 45 16.42 -11.42 0.81
C GLY A 45 15.79 -12.58 0.06
N SER A 46 14.68 -12.31 -0.62
CA SER A 46 13.98 -13.34 -1.37
C SER A 46 12.87 -12.73 -2.22
N LYS A 47 12.45 -13.48 -3.24
CA LYS A 47 11.39 -13.01 -4.13
C LYS A 47 10.07 -12.85 -3.38
N ILE A 48 9.44 -11.68 -3.53
CA ILE A 48 8.18 -11.41 -2.88
C ILE A 48 7.05 -12.26 -3.46
N GLN A 49 6.45 -13.10 -2.62
CA GLN A 49 5.36 -13.97 -3.06
C GLN A 49 4.30 -13.17 -3.80
N ASN A 50 3.56 -12.34 -3.06
CA ASN A 50 2.51 -11.51 -3.65
C ASN A 50 2.39 -10.18 -2.92
N PHE A 51 1.45 -9.36 -3.36
CA PHE A 51 1.23 -8.05 -2.74
C PHE A 51 -0.05 -8.06 -1.89
N VAL A 52 0.08 -7.62 -0.65
CA VAL A 52 -1.06 -7.57 0.26
C VAL A 52 -1.57 -6.14 0.43
N LEU A 53 -2.80 -5.90 -0.02
CA LEU A 53 -3.39 -4.57 0.08
C LEU A 53 -4.45 -4.54 1.18
N GLU A 54 -4.71 -3.35 1.71
CA GLU A 54 -5.70 -3.17 2.76
C GLU A 54 -6.38 -1.82 2.65
N TRP A 55 -7.64 -1.76 3.09
CA TRP A 55 -8.40 -0.53 3.04
C TRP A 55 -9.48 -0.50 4.13
N ASP A 56 -9.93 0.70 4.48
CA ASP A 56 -10.97 0.85 5.50
C ASP A 56 -12.35 0.87 4.88
N GLU A 57 -12.55 0.06 3.85
CA GLU A 57 -13.84 -0.02 3.16
C GLU A 57 -14.51 1.35 3.13
N GLY A 58 -13.71 2.41 2.99
CA GLY A 58 -14.24 3.76 2.96
C GLY A 58 -15.37 3.96 3.94
N LYS A 59 -15.17 3.50 5.17
CA LYS A 59 -16.18 3.63 6.21
C LYS A 59 -15.93 4.87 7.07
N GLY A 60 -14.72 4.96 7.62
CA GLY A 60 -14.37 6.11 8.45
C GLY A 60 -14.26 5.74 9.91
N ASN A 61 -13.63 4.60 10.19
CA ASN A 61 -13.45 4.13 11.56
C ASN A 61 -11.97 4.01 11.90
N GLY A 62 -11.21 3.41 10.99
CA GLY A 62 -9.79 3.24 11.22
C GLY A 62 -9.39 1.78 11.28
N GLU A 63 -10.08 0.94 10.51
CA GLU A 63 -9.79 -0.48 10.48
C GLU A 63 -9.31 -0.91 9.10
N PHE A 64 -8.12 -1.49 9.04
CA PHE A 64 -7.55 -1.95 7.78
C PHE A 64 -7.57 -3.47 7.70
N CYS A 65 -8.17 -3.98 6.62
CA CYS A 65 -8.26 -5.43 6.41
C CYS A 65 -7.84 -5.80 5.00
N GLN A 66 -7.44 -7.05 4.81
CA GLN A 66 -7.01 -7.54 3.51
C GLN A 66 -8.08 -7.28 2.45
N CYS A 67 -7.69 -6.56 1.40
CA CYS A 67 -8.63 -6.24 0.33
C CYS A 67 -8.19 -6.89 -0.99
N TYR A 68 -6.92 -6.71 -1.33
CA TYR A 68 -6.38 -7.27 -2.56
C TYR A 68 -5.07 -8.01 -2.29
N MET A 69 -5.07 -9.32 -2.54
CA MET A 69 -3.88 -10.14 -2.33
C MET A 69 -3.57 -10.98 -3.56
N GLY A 70 -2.45 -10.67 -4.22
CA GLY A 70 -2.06 -11.41 -5.41
C GLY A 70 -0.81 -10.87 -6.04
N SER A 71 -0.38 -11.49 -7.14
CA SER A 71 0.83 -11.06 -7.84
C SER A 71 0.58 -9.75 -8.59
N GLN A 72 -0.58 -9.65 -9.23
CA GLN A 72 -0.94 -8.45 -9.98
C GLN A 72 -0.66 -7.19 -9.16
N LYS A 73 -0.15 -6.17 -9.83
CA LYS A 73 0.16 -4.91 -9.17
C LYS A 73 -0.90 -3.86 -9.47
N GLN A 74 -2.13 -4.31 -9.68
CA GLN A 74 -3.24 -3.41 -9.98
C GLN A 74 -4.57 -4.03 -9.56
N PHE A 75 -5.37 -3.26 -8.83
CA PHE A 75 -6.67 -3.74 -8.37
C PHE A 75 -7.73 -2.66 -8.56
N LYS A 76 -8.96 -3.09 -8.84
CA LYS A 76 -10.07 -2.17 -9.05
C LYS A 76 -11.26 -2.55 -8.17
N ILE A 77 -11.50 -1.76 -7.12
CA ILE A 77 -12.61 -2.02 -6.22
C ILE A 77 -13.92 -1.48 -6.78
N THR A 78 -14.80 -2.39 -7.17
CA THR A 78 -16.09 -2.01 -7.73
C THR A 78 -17.17 -1.97 -6.64
N LYS A 79 -18.36 -1.49 -7.02
CA LYS A 79 -19.47 -1.40 -6.07
C LYS A 79 -19.15 -0.43 -4.96
N LEU A 80 -18.76 0.79 -5.32
CA LEU A 80 -18.43 1.82 -4.35
C LEU A 80 -19.37 3.02 -4.48
N SER A 81 -19.11 4.06 -3.70
CA SER A 81 -19.93 5.27 -3.71
C SER A 81 -19.06 6.52 -3.77
N PRO A 82 -19.63 7.61 -4.29
CA PRO A 82 -18.92 8.90 -4.41
C PRO A 82 -18.67 9.55 -3.06
N ALA A 83 -17.92 10.64 -3.06
CA ALA A 83 -17.61 11.37 -1.84
C ALA A 83 -17.43 10.40 -0.67
N MET A 84 -16.72 9.30 -0.91
CA MET A 84 -16.47 8.31 0.12
C MET A 84 -14.98 8.18 0.41
N GLY A 85 -14.51 8.93 1.40
CA GLY A 85 -13.11 8.89 1.76
C GLY A 85 -12.66 7.51 2.19
N CYS A 86 -11.78 6.91 1.41
CA CYS A 86 -11.28 5.57 1.72
C CYS A 86 -9.75 5.54 1.66
N LYS A 87 -9.14 4.96 2.68
CA LYS A 87 -7.68 4.86 2.75
C LYS A 87 -7.20 3.51 2.22
N PHE A 88 -5.90 3.41 1.98
CA PHE A 88 -5.31 2.17 1.48
C PHE A 88 -3.86 2.03 1.95
N ARG A 89 -3.27 0.87 1.67
CA ARG A 89 -1.90 0.60 2.07
C ARG A 89 -1.35 -0.61 1.33
N LEU A 90 -0.14 -0.48 0.80
CA LEU A 90 0.50 -1.58 0.06
C LEU A 90 1.69 -2.12 0.85
N SER A 91 1.78 -3.46 0.92
CA SER A 91 2.86 -4.11 1.63
C SER A 91 3.32 -5.36 0.90
N ALA A 92 4.62 -5.65 0.98
CA ALA A 92 5.19 -6.82 0.32
C ALA A 92 5.46 -7.94 1.32
N ARG A 93 5.11 -9.16 0.93
CA ARG A 93 5.31 -10.32 1.80
C ARG A 93 6.05 -11.43 1.06
N ASN A 94 7.11 -11.93 1.69
CA ASN A 94 7.91 -13.01 1.09
C ASN A 94 7.83 -14.28 1.93
N ASP A 95 8.40 -15.36 1.40
CA ASP A 95 8.39 -16.64 2.10
C ASP A 95 8.53 -16.43 3.60
N TYR A 96 9.23 -15.39 4.00
CA TYR A 96 9.44 -15.07 5.41
C TYR A 96 8.15 -14.53 6.04
N GLY A 97 7.74 -13.35 5.60
CA GLY A 97 6.53 -12.74 6.12
C GLY A 97 6.25 -11.39 5.51
N THR A 98 5.13 -10.79 5.89
CA THR A 98 4.74 -9.48 5.37
C THR A 98 5.56 -8.37 6.01
N SER A 99 6.11 -7.49 5.17
CA SER A 99 6.92 -6.37 5.66
C SER A 99 6.05 -5.15 5.94
N GLY A 100 6.57 -4.25 6.77
CA GLY A 100 5.82 -3.04 7.11
C GLY A 100 4.99 -2.54 5.95
N PHE A 101 3.85 -1.93 6.26
CA PHE A 101 2.96 -1.39 5.24
C PHE A 101 3.36 0.04 4.86
N SER A 102 3.27 0.34 3.57
CA SER A 102 3.63 1.67 3.07
C SER A 102 2.92 2.75 3.87
N GLU A 103 3.13 4.00 3.47
CA GLU A 103 2.51 5.13 4.15
C GLU A 103 1.03 5.24 3.79
N GLU A 104 0.18 5.24 4.80
CA GLU A 104 -1.26 5.34 4.59
C GLU A 104 -1.60 6.47 3.62
N VAL A 105 -2.56 6.22 2.74
CA VAL A 105 -2.98 7.22 1.76
C VAL A 105 -4.49 7.38 1.75
N LEU A 106 -4.94 8.62 1.87
CA LEU A 106 -6.37 8.92 1.86
C LEU A 106 -6.83 9.39 0.49
N TYR A 107 -7.86 8.75 -0.04
CA TYR A 107 -8.39 9.11 -1.35
C TYR A 107 -9.88 9.40 -1.27
N TYR A 108 -10.44 9.95 -2.34
CA TYR A 108 -11.85 10.29 -2.39
C TYR A 108 -12.42 10.09 -3.80
N THR A 109 -13.31 9.12 -3.94
CA THR A 109 -13.92 8.82 -5.23
C THR A 109 -14.35 10.11 -5.94
N SER A 110 -14.49 10.03 -7.26
CA SER A 110 -14.88 11.18 -8.06
C SER A 110 -16.00 11.97 -7.36
N GLY A 111 -16.18 13.21 -7.79
CA GLY A 111 -17.21 14.05 -7.19
C GLY A 111 -16.90 15.53 -7.32
N CYS A 112 -17.61 16.35 -6.56
CA CYS A 112 -17.40 17.79 -6.60
C CYS A 112 -16.18 18.18 -5.78
N SER A 113 -15.00 18.03 -6.36
CA SER A 113 -13.75 18.37 -5.69
C SER A 113 -13.85 18.04 -4.20
N GLY A 114 -14.41 16.88 -3.89
CA GLY A 114 -14.55 16.47 -2.50
C GLY A 114 -15.61 17.28 -1.77
N PRO A 115 -15.99 16.79 -0.57
CA PRO A 115 -17.01 17.46 0.26
C PRO A 115 -16.50 18.77 0.85
N SER A 116 -15.28 18.75 1.37
CA SER A 116 -14.69 19.94 1.97
C SER A 116 -14.09 20.85 0.89
N SER A 117 -14.88 21.11 -0.14
CA SER A 117 -14.44 21.96 -1.25
C SER A 117 -13.65 23.16 -0.72
N GLY A 118 -14.22 23.84 0.27
CA GLY A 118 -13.57 25.00 0.84
C GLY A 118 -12.71 24.64 2.05
N GLY A 1 16.61 11.74 28.52
CA GLY A 1 17.27 11.33 27.30
C GLY A 1 17.73 9.88 27.34
N SER A 2 17.36 9.11 26.33
CA SER A 2 17.74 7.70 26.26
C SER A 2 19.19 7.55 25.81
N SER A 3 19.88 6.59 26.41
CA SER A 3 21.28 6.34 26.08
C SER A 3 21.39 5.40 24.88
N GLY A 4 21.62 5.99 23.71
CA GLY A 4 21.75 5.19 22.49
C GLY A 4 23.09 5.36 21.83
N SER A 5 23.24 4.80 20.63
CA SER A 5 24.49 4.89 19.90
C SER A 5 24.33 4.32 18.49
N SER A 6 25.30 4.64 17.62
CA SER A 6 25.26 4.16 16.24
C SER A 6 26.68 3.95 15.71
N GLY A 7 26.83 2.94 14.84
CA GLY A 7 28.14 2.66 14.27
C GLY A 7 28.07 1.56 13.23
N ALA A 8 28.56 1.87 12.02
CA ALA A 8 28.56 0.91 10.93
C ALA A 8 29.69 -0.10 11.10
N GLU A 9 29.40 -1.21 11.77
CA GLU A 9 30.39 -2.25 11.99
C GLU A 9 29.75 -3.64 12.00
N ILE A 10 30.58 -4.66 11.87
CA ILE A 10 30.08 -6.04 11.85
C ILE A 10 28.68 -6.12 11.26
N PHE A 11 28.46 -5.38 10.18
CA PHE A 11 27.16 -5.36 9.51
C PHE A 11 26.53 -6.75 9.53
N THR A 12 25.32 -6.82 10.09
CA THR A 12 24.60 -8.09 10.17
C THR A 12 23.47 -8.15 9.16
N THR A 13 23.33 -9.29 8.50
CA THR A 13 22.29 -9.48 7.50
C THR A 13 20.90 -9.43 8.13
N LEU A 14 19.90 -9.11 7.33
CA LEU A 14 18.53 -9.03 7.81
C LEU A 14 17.63 -10.02 7.07
N SER A 15 17.01 -10.92 7.83
CA SER A 15 16.12 -11.93 7.25
C SER A 15 14.80 -11.99 7.99
N CYS A 16 14.06 -10.89 7.97
CA CYS A 16 12.77 -10.80 8.65
C CYS A 16 11.68 -10.37 7.68
N GLU A 17 12.00 -9.39 6.84
CA GLU A 17 11.04 -8.88 5.87
C GLU A 17 11.70 -7.88 4.93
N PRO A 18 11.16 -7.77 3.70
CA PRO A 18 11.68 -6.85 2.68
C PRO A 18 11.43 -5.40 3.03
N ASP A 19 11.79 -4.50 2.12
CA ASP A 19 11.60 -3.07 2.32
C ASP A 19 10.16 -2.67 2.07
N ILE A 20 9.74 -1.56 2.68
CA ILE A 20 8.37 -1.08 2.52
C ILE A 20 8.15 -0.53 1.11
N PRO A 21 7.20 -1.12 0.39
CA PRO A 21 6.86 -0.71 -0.98
C PRO A 21 6.17 0.65 -1.01
N ASN A 22 6.34 1.37 -2.12
CA ASN A 22 5.74 2.68 -2.29
C ASN A 22 4.21 2.59 -2.26
N PRO A 23 3.55 3.67 -1.85
CA PRO A 23 2.09 3.74 -1.77
C PRO A 23 1.44 3.76 -3.14
N PRO A 24 0.27 3.11 -3.27
CA PRO A 24 -0.48 3.04 -4.52
C PRO A 24 -1.07 4.39 -4.92
N ARG A 25 -1.09 4.66 -6.23
CA ARG A 25 -1.63 5.91 -6.73
C ARG A 25 -2.97 5.69 -7.44
N ILE A 26 -3.62 6.78 -7.82
CA ILE A 26 -4.90 6.69 -8.51
C ILE A 26 -4.74 6.90 -10.01
N ALA A 27 -5.21 5.95 -10.80
CA ALA A 27 -5.13 6.04 -12.25
C ALA A 27 -6.51 6.18 -12.87
N ASN A 28 -7.54 5.89 -12.09
CA ASN A 28 -8.91 5.98 -12.57
C ASN A 28 -9.91 5.70 -11.44
N ARG A 29 -10.67 6.72 -11.07
CA ARG A 29 -11.65 6.59 -10.00
C ARG A 29 -13.01 7.11 -10.46
N THR A 30 -14.07 6.35 -10.16
CA THR A 30 -15.43 6.74 -10.53
C THR A 30 -16.30 6.90 -9.30
N LYS A 31 -17.58 7.22 -9.52
CA LYS A 31 -18.53 7.40 -8.43
C LYS A 31 -18.81 6.08 -7.74
N ASN A 32 -18.60 4.98 -8.45
CA ASN A 32 -18.84 3.65 -7.90
C ASN A 32 -17.68 2.71 -8.24
N SER A 33 -16.47 3.24 -8.24
CA SER A 33 -15.28 2.45 -8.55
C SER A 33 -14.01 3.21 -8.18
N LEU A 34 -12.91 2.48 -8.03
CA LEU A 34 -11.63 3.08 -7.67
C LEU A 34 -10.47 2.22 -8.15
N THR A 35 -9.67 2.77 -9.06
CA THR A 35 -8.52 2.04 -9.61
C THR A 35 -7.22 2.51 -8.95
N LEU A 36 -6.45 1.55 -8.45
CA LEU A 36 -5.18 1.86 -7.80
C LEU A 36 -4.04 1.08 -8.44
N GLN A 37 -2.95 1.78 -8.75
CA GLN A 37 -1.79 1.14 -9.36
C GLN A 37 -0.53 1.37 -8.52
N TRP A 38 0.22 0.31 -8.28
CA TRP A 38 1.44 0.40 -7.49
C TRP A 38 2.59 -0.34 -8.18
N LYS A 39 3.78 -0.22 -7.61
CA LYS A 39 4.96 -0.88 -8.17
C LYS A 39 5.52 -1.92 -7.18
N ALA A 40 6.57 -2.61 -7.60
CA ALA A 40 7.20 -3.63 -6.76
C ALA A 40 8.50 -3.12 -6.16
N PRO A 41 8.68 -3.32 -4.85
CA PRO A 41 9.88 -2.89 -4.14
C PRO A 41 11.11 -3.69 -4.53
N SER A 42 12.16 -3.59 -3.72
CA SER A 42 13.40 -4.31 -3.98
C SER A 42 13.37 -5.71 -3.34
N ASP A 43 13.56 -6.73 -4.17
CA ASP A 43 13.56 -8.11 -3.68
C ASP A 43 14.88 -8.45 -3.01
N ASN A 44 14.91 -8.32 -1.69
CA ASN A 44 16.12 -8.61 -0.91
C ASN A 44 15.89 -9.77 0.05
N GLY A 45 16.49 -10.91 -0.27
CA GLY A 45 16.34 -12.09 0.57
C GLY A 45 15.68 -13.23 -0.15
N SER A 46 14.50 -12.98 -0.72
CA SER A 46 13.77 -14.01 -1.45
C SER A 46 12.62 -13.39 -2.24
N LYS A 47 12.45 -13.87 -3.47
CA LYS A 47 11.39 -13.36 -4.34
C LYS A 47 10.11 -13.08 -3.54
N ILE A 48 9.52 -11.91 -3.77
CA ILE A 48 8.31 -11.53 -3.07
C ILE A 48 7.12 -12.37 -3.53
N GLN A 49 6.72 -13.32 -2.69
CA GLN A 49 5.60 -14.19 -3.00
C GLN A 49 4.48 -13.42 -3.69
N ASN A 50 3.83 -12.55 -2.94
CA ASN A 50 2.73 -11.74 -3.47
C ASN A 50 2.57 -10.45 -2.68
N PHE A 51 1.65 -9.60 -3.12
CA PHE A 51 1.40 -8.33 -2.46
C PHE A 51 0.20 -8.43 -1.52
N VAL A 52 0.16 -7.54 -0.53
CA VAL A 52 -0.93 -7.53 0.44
C VAL A 52 -1.51 -6.14 0.60
N LEU A 53 -2.71 -5.94 0.05
CA LEU A 53 -3.38 -4.64 0.13
C LEU A 53 -4.45 -4.66 1.22
N GLU A 54 -4.71 -3.49 1.80
CA GLU A 54 -5.70 -3.36 2.86
C GLU A 54 -6.41 -2.01 2.78
N TRP A 55 -7.69 -2.00 3.14
CA TRP A 55 -8.47 -0.76 3.12
C TRP A 55 -9.57 -0.79 4.18
N ASP A 56 -9.93 0.38 4.69
CA ASP A 56 -10.96 0.48 5.71
C ASP A 56 -12.35 0.56 5.07
N GLU A 57 -12.52 -0.14 3.96
CA GLU A 57 -13.79 -0.16 3.25
C GLU A 57 -14.44 1.22 3.27
N GLY A 58 -13.61 2.26 3.24
CA GLY A 58 -14.11 3.62 3.26
C GLY A 58 -15.23 3.82 4.28
N LYS A 59 -14.97 3.38 5.51
CA LYS A 59 -15.95 3.50 6.58
C LYS A 59 -15.65 4.71 7.45
N GLY A 60 -14.38 4.86 7.83
CA GLY A 60 -13.98 5.98 8.67
C GLY A 60 -13.94 5.62 10.14
N ASN A 61 -13.43 4.42 10.44
CA ASN A 61 -13.33 3.96 11.81
C ASN A 61 -11.88 3.77 12.23
N GLY A 62 -11.07 3.20 11.33
CA GLY A 62 -9.67 2.98 11.62
C GLY A 62 -9.32 1.51 11.65
N GLU A 63 -10.00 0.72 10.83
CA GLU A 63 -9.76 -0.72 10.77
C GLU A 63 -9.44 -1.16 9.35
N PHE A 64 -8.17 -1.50 9.10
CA PHE A 64 -7.75 -1.93 7.78
C PHE A 64 -7.87 -3.45 7.65
N CYS A 65 -8.50 -3.89 6.56
CA CYS A 65 -8.68 -5.31 6.32
C CYS A 65 -8.14 -5.70 4.94
N GLN A 66 -7.67 -6.93 4.83
CA GLN A 66 -7.11 -7.44 3.57
C GLN A 66 -8.11 -7.25 2.43
N CYS A 67 -7.78 -6.36 1.50
CA CYS A 67 -8.66 -6.10 0.36
C CYS A 67 -8.29 -6.98 -0.82
N TYR A 68 -7.01 -6.97 -1.19
CA TYR A 68 -6.53 -7.77 -2.31
C TYR A 68 -5.13 -8.31 -2.03
N MET A 69 -4.91 -9.57 -2.37
CA MET A 69 -3.61 -10.21 -2.15
C MET A 69 -3.22 -11.05 -3.36
N GLY A 70 -2.22 -10.58 -4.10
CA GLY A 70 -1.77 -11.31 -5.28
C GLY A 70 -0.59 -10.63 -5.96
N SER A 71 -0.07 -11.26 -7.00
CA SER A 71 1.07 -10.72 -7.74
C SER A 71 0.67 -9.44 -8.47
N GLN A 72 -0.43 -9.51 -9.22
CA GLN A 72 -0.92 -8.36 -9.97
C GLN A 72 -0.69 -7.07 -9.20
N LYS A 73 -0.27 -6.02 -9.91
CA LYS A 73 -0.02 -4.73 -9.29
C LYS A 73 -1.11 -3.73 -9.65
N GLN A 74 -2.31 -4.24 -9.91
CA GLN A 74 -3.45 -3.39 -10.25
C GLN A 74 -4.75 -4.00 -9.77
N PHE A 75 -5.52 -3.22 -9.02
CA PHE A 75 -6.80 -3.68 -8.48
C PHE A 75 -7.84 -2.56 -8.51
N LYS A 76 -8.95 -2.83 -9.19
CA LYS A 76 -10.02 -1.84 -9.30
C LYS A 76 -11.18 -2.21 -8.39
N ILE A 77 -11.37 -1.43 -7.33
CA ILE A 77 -12.46 -1.67 -6.38
C ILE A 77 -13.77 -1.09 -6.88
N THR A 78 -14.74 -1.96 -7.15
CA THR A 78 -16.04 -1.53 -7.64
C THR A 78 -17.09 -1.59 -6.53
N LYS A 79 -18.34 -1.27 -6.88
CA LYS A 79 -19.42 -1.29 -5.93
C LYS A 79 -19.18 -0.30 -4.80
N LEU A 80 -18.82 0.93 -5.16
CA LEU A 80 -18.56 1.97 -4.18
C LEU A 80 -19.55 3.13 -4.33
N SER A 81 -19.35 4.18 -3.55
CA SER A 81 -20.22 5.34 -3.60
C SER A 81 -19.40 6.63 -3.69
N PRO A 82 -20.00 7.66 -4.31
CA PRO A 82 -19.35 8.97 -4.48
C PRO A 82 -19.20 9.72 -3.16
N ALA A 83 -18.15 10.52 -3.06
CA ALA A 83 -17.88 11.30 -1.85
C ALA A 83 -17.65 10.38 -0.65
N MET A 84 -16.79 9.38 -0.84
CA MET A 84 -16.48 8.43 0.22
C MET A 84 -14.96 8.33 0.42
N GLY A 85 -14.47 8.92 1.51
CA GLY A 85 -13.05 8.88 1.80
C GLY A 85 -12.59 7.50 2.24
N CYS A 86 -11.71 6.89 1.46
CA CYS A 86 -11.20 5.57 1.78
C CYS A 86 -9.68 5.55 1.69
N LYS A 87 -9.04 4.90 2.67
CA LYS A 87 -7.59 4.81 2.71
C LYS A 87 -7.12 3.44 2.23
N PHE A 88 -5.84 3.35 1.86
CA PHE A 88 -5.28 2.10 1.37
C PHE A 88 -3.80 2.00 1.75
N ARG A 89 -3.31 0.77 1.85
CA ARG A 89 -1.91 0.54 2.21
C ARG A 89 -1.35 -0.66 1.43
N LEU A 90 -0.11 -0.51 0.96
CA LEU A 90 0.54 -1.57 0.20
C LEU A 90 1.72 -2.16 0.99
N SER A 91 1.88 -3.47 0.89
CA SER A 91 2.96 -4.16 1.59
C SER A 91 3.42 -5.39 0.82
N ALA A 92 4.72 -5.65 0.85
CA ALA A 92 5.28 -6.80 0.16
C ALA A 92 5.65 -7.91 1.13
N ARG A 93 5.24 -9.13 0.82
CA ARG A 93 5.53 -10.29 1.67
C ARG A 93 6.30 -11.35 0.91
N ASN A 94 7.37 -11.85 1.52
CA ASN A 94 8.20 -12.87 0.90
C ASN A 94 8.24 -14.14 1.77
N ASP A 95 9.04 -15.11 1.34
CA ASP A 95 9.18 -16.36 2.07
C ASP A 95 9.44 -16.10 3.55
N TYR A 96 9.87 -14.88 3.87
CA TYR A 96 10.16 -14.50 5.25
C TYR A 96 8.91 -14.00 5.95
N GLY A 97 8.35 -12.91 5.43
CA GLY A 97 7.15 -12.34 6.01
C GLY A 97 6.74 -11.04 5.36
N THR A 98 5.61 -10.49 5.79
CA THR A 98 5.11 -9.23 5.24
C THR A 98 5.88 -8.04 5.79
N SER A 99 6.52 -7.29 4.90
CA SER A 99 7.30 -6.12 5.30
C SER A 99 6.37 -4.96 5.67
N GLY A 100 6.87 -4.07 6.53
CA GLY A 100 6.08 -2.93 6.95
C GLY A 100 5.17 -2.42 5.85
N PHE A 101 4.03 -1.86 6.23
CA PHE A 101 3.07 -1.33 5.27
C PHE A 101 3.44 0.09 4.86
N SER A 102 3.25 0.40 3.58
CA SER A 102 3.56 1.72 3.06
C SER A 102 2.85 2.81 3.86
N GLU A 103 3.06 4.06 3.47
CA GLU A 103 2.43 5.19 4.15
C GLU A 103 0.94 5.25 3.83
N GLU A 104 0.12 5.25 4.87
CA GLU A 104 -1.33 5.31 4.71
C GLU A 104 -1.73 6.43 3.75
N VAL A 105 -2.41 6.05 2.67
CA VAL A 105 -2.85 7.03 1.67
C VAL A 105 -4.36 7.20 1.71
N LEU A 106 -4.82 8.43 1.46
CA LEU A 106 -6.24 8.74 1.46
C LEU A 106 -6.71 9.16 0.07
N TYR A 107 -7.88 8.67 -0.32
CA TYR A 107 -8.44 8.99 -1.64
C TYR A 107 -9.95 9.18 -1.55
N TYR A 108 -10.49 9.97 -2.46
CA TYR A 108 -11.93 10.23 -2.49
C TYR A 108 -12.50 9.99 -3.88
N THR A 109 -13.49 9.10 -3.97
CA THR A 109 -14.11 8.77 -5.25
C THR A 109 -14.42 10.04 -6.04
N SER A 110 -14.61 9.89 -7.34
CA SER A 110 -14.91 11.01 -8.22
C SER A 110 -15.79 12.03 -7.51
N GLY A 111 -16.82 11.54 -6.83
CA GLY A 111 -17.73 12.41 -6.11
C GLY A 111 -18.43 13.40 -7.02
N CYS A 112 -19.33 14.20 -6.46
CA CYS A 112 -20.07 15.18 -7.23
C CYS A 112 -19.86 16.59 -6.68
N SER A 113 -19.50 17.52 -7.57
CA SER A 113 -19.26 18.90 -7.16
C SER A 113 -20.42 19.44 -6.35
N GLY A 114 -20.12 20.02 -5.20
CA GLY A 114 -21.15 20.58 -4.35
C GLY A 114 -21.31 22.08 -4.52
N PRO A 115 -20.66 22.85 -3.64
CA PRO A 115 -20.72 24.31 -3.67
C PRO A 115 -19.97 24.89 -4.87
N SER A 116 -19.12 24.06 -5.48
CA SER A 116 -18.34 24.49 -6.65
C SER A 116 -17.19 25.40 -6.21
N SER A 117 -16.47 24.99 -5.17
CA SER A 117 -15.36 25.77 -4.66
C SER A 117 -14.44 24.92 -3.79
N GLY A 118 -13.16 24.86 -4.16
CA GLY A 118 -12.21 24.06 -3.42
C GLY A 118 -10.86 23.99 -4.09
#